data_6KZ4
#
_entry.id   6KZ4
#
_cell.length_a   1.00
_cell.length_b   1.00
_cell.length_c   1.00
_cell.angle_alpha   90.00
_cell.angle_beta   90.00
_cell.angle_gamma   90.00
#
_symmetry.space_group_name_H-M   'P 1'
#
_entity_poly.entity_id   1
_entity_poly.type   'polypeptide(L)'
_entity_poly.pdbx_seq_one_letter_code
;LPTTTVSLSAETLPDVQAGSVVLYRKFEVGEVITVRPRANAFDIDLHIKPEYRNLLTSNSVFWAEGGAKVQLNGSGLTVQ
ASPLSRALKGAISFDNLSGASASQRKGDKRILYASETAARAVGGQITLHAFDAGKLAVGMPIRYLGIDIGQIQTLDLITA
RNEVQAKAVLYPEYVQTFARGGTRFSVVTPQISAAGVEHLDTILQPYINVEPGRGNPRRDFELQEATITDSRYLDGLSII
VEAPEAGSLGIGTPVLFRGLEVGTVTGMTLGTLSDRVMIAMRISKRYQHLVRNNSVFWLASGYSLDFGLTGGVVKTGTFN
QFIRGGIAFATPPGTPLAPKAQEGKHFLLQESEPKEWREWGTALPK
;
_entity_poly.pdbx_strand_id   E,F,C,D,A,B
#
# COMPACT_ATOMS: atom_id res chain seq x y z
N LEU A 1 12.19 -52.39 -23.19
CA LEU A 1 12.50 -50.98 -23.08
C LEU A 1 12.09 -50.23 -24.34
N PRO A 2 11.29 -49.18 -24.18
CA PRO A 2 10.82 -48.41 -25.35
C PRO A 2 11.99 -47.79 -26.12
N THR A 3 11.73 -47.51 -27.39
CA THR A 3 12.74 -46.95 -28.26
C THR A 3 12.83 -45.44 -28.09
N THR A 4 14.05 -44.92 -28.09
CA THR A 4 14.28 -43.50 -27.87
C THR A 4 13.95 -42.74 -29.14
N THR A 5 12.85 -41.97 -29.11
CA THR A 5 12.47 -41.20 -30.29
C THR A 5 13.37 -39.99 -30.47
N VAL A 6 13.65 -39.27 -29.38
CA VAL A 6 14.50 -38.09 -29.42
C VAL A 6 15.34 -38.09 -28.15
N SER A 7 16.58 -37.63 -28.27
CA SER A 7 17.52 -37.57 -27.15
C SER A 7 17.92 -36.13 -26.92
N LEU A 8 17.60 -35.61 -25.74
CA LEU A 8 17.90 -34.23 -25.40
C LEU A 8 19.28 -34.14 -24.75
N SER A 9 19.59 -32.98 -24.18
CA SER A 9 20.86 -32.77 -23.52
C SER A 9 20.75 -31.52 -22.65
N ALA A 10 21.28 -31.60 -21.43
CA ALA A 10 21.23 -30.46 -20.52
C ALA A 10 22.17 -30.66 -19.35
N GLU A 11 22.99 -29.65 -19.05
CA GLU A 11 23.69 -29.63 -17.78
C GLU A 11 22.72 -29.27 -16.67
N THR A 12 22.83 -29.98 -15.54
CA THR A 12 21.93 -29.80 -14.41
C THR A 12 20.48 -29.99 -14.86
N LEU A 13 20.17 -31.23 -15.26
CA LEU A 13 18.84 -31.61 -15.73
C LEU A 13 17.76 -31.01 -14.85
N PRO A 14 16.74 -30.38 -15.43
CA PRO A 14 15.76 -29.64 -14.62
C PRO A 14 14.61 -30.50 -14.11
N ASP A 15 14.89 -31.29 -13.07
CA ASP A 15 13.87 -32.05 -12.35
C ASP A 15 13.15 -33.04 -13.27
N VAL A 16 13.92 -33.95 -13.87
CA VAL A 16 13.36 -35.00 -14.69
C VAL A 16 13.98 -36.32 -14.26
N GLN A 17 13.17 -37.38 -14.32
CA GLN A 17 13.63 -38.71 -13.93
C GLN A 17 13.26 -39.73 -15.00
N ALA A 18 13.49 -41.00 -14.70
CA ALA A 18 12.95 -42.07 -15.53
C ALA A 18 11.48 -42.23 -15.20
N GLY A 19 10.61 -41.90 -16.15
CA GLY A 19 9.18 -41.92 -15.93
C GLY A 19 8.52 -40.57 -15.95
N SER A 20 9.26 -39.47 -16.08
CA SER A 20 8.65 -38.16 -16.24
C SER A 20 7.82 -38.13 -17.50
N VAL A 21 6.66 -37.53 -17.42
CA VAL A 21 5.72 -37.50 -18.54
C VAL A 21 6.16 -36.46 -19.55
N VAL A 22 5.97 -36.76 -20.83
CA VAL A 22 6.24 -35.82 -21.92
C VAL A 22 4.89 -35.43 -22.51
N LEU A 23 4.48 -34.19 -22.31
CA LEU A 23 3.16 -33.73 -22.69
C LEU A 23 3.26 -32.64 -23.74
N TYR A 24 2.44 -32.75 -24.78
CA TYR A 24 2.45 -31.78 -25.89
C TYR A 24 1.70 -30.51 -25.48
N ARG A 25 2.36 -29.79 -24.59
CA ARG A 25 1.97 -28.47 -24.11
C ARG A 25 0.78 -28.50 -23.17
N LYS A 26 -0.06 -29.54 -23.28
CA LYS A 26 -1.03 -29.85 -22.23
C LYS A 26 -1.37 -31.33 -22.15
N PHE A 27 -0.78 -32.19 -22.97
CA PHE A 27 -1.40 -33.47 -23.30
C PHE A 27 -0.31 -34.52 -23.42
N GLU A 28 -0.36 -35.53 -22.55
CA GLU A 28 0.73 -36.49 -22.47
C GLU A 28 0.84 -37.30 -23.75
N VAL A 29 2.04 -37.30 -24.35
CA VAL A 29 2.29 -38.01 -25.59
C VAL A 29 3.51 -38.90 -25.49
N GLY A 30 4.01 -39.15 -24.29
CA GLY A 30 5.18 -40.01 -24.14
C GLY A 30 5.70 -39.98 -22.72
N GLU A 31 6.96 -40.36 -22.57
CA GLU A 31 7.60 -40.40 -21.26
C GLU A 31 9.10 -40.42 -21.44
N VAL A 32 9.81 -40.11 -20.36
CA VAL A 32 11.27 -40.13 -20.35
C VAL A 32 11.73 -41.53 -19.95
N ILE A 33 12.66 -42.08 -20.72
CA ILE A 33 13.10 -43.45 -20.49
C ILE A 33 14.27 -43.47 -19.52
N THR A 34 15.38 -42.84 -19.89
CA THR A 34 16.62 -42.95 -19.13
C THR A 34 17.34 -41.61 -19.11
N VAL A 35 18.09 -41.39 -18.04
CA VAL A 35 18.97 -40.25 -17.90
C VAL A 35 20.37 -40.77 -17.64
N ARG A 36 21.30 -40.46 -18.55
CA ARG A 36 22.68 -40.94 -18.45
C ARG A 36 23.62 -39.76 -18.61
N PRO A 37 24.50 -39.49 -17.65
CA PRO A 37 25.53 -38.48 -17.87
C PRO A 37 26.54 -38.96 -18.90
N ARG A 38 27.15 -38.01 -19.62
CA ARG A 38 28.12 -38.36 -20.65
C ARG A 38 29.53 -37.89 -20.30
N ALA A 39 29.76 -36.58 -20.22
CA ALA A 39 30.99 -36.05 -19.66
C ALA A 39 30.69 -35.06 -18.52
N ASN A 40 29.90 -34.03 -18.81
CA ASN A 40 29.45 -33.08 -17.80
C ASN A 40 28.01 -32.67 -18.04
N ALA A 41 27.33 -33.28 -19.00
CA ALA A 41 25.92 -33.06 -19.28
C ALA A 41 25.18 -34.37 -19.05
N PHE A 42 23.90 -34.39 -19.41
CA PHE A 42 23.08 -35.57 -19.23
C PHE A 42 22.31 -35.87 -20.51
N ASP A 43 22.41 -37.11 -20.97
CA ASP A 43 21.58 -37.58 -22.07
C ASP A 43 20.21 -37.94 -21.53
N ILE A 44 19.18 -37.30 -22.05
CA ILE A 44 17.81 -37.50 -21.59
C ILE A 44 17.02 -38.03 -22.78
N ASP A 45 16.70 -39.32 -22.74
CA ASP A 45 16.06 -39.99 -23.86
C ASP A 45 14.55 -40.01 -23.66
N LEU A 46 13.82 -39.51 -24.66
CA LEU A 46 12.37 -39.48 -24.63
C LEU A 46 11.80 -40.60 -25.48
N HIS A 47 10.50 -40.86 -25.31
CA HIS A 47 9.79 -41.84 -26.11
C HIS A 47 8.41 -41.30 -26.42
N ILE A 48 8.21 -40.80 -27.62
CA ILE A 48 6.91 -40.34 -28.07
C ILE A 48 6.13 -41.54 -28.58
N LYS A 49 4.84 -41.60 -28.25
CA LYS A 49 4.00 -42.69 -28.72
C LYS A 49 3.94 -42.66 -30.25
N PRO A 50 3.78 -43.83 -30.89
CA PRO A 50 3.88 -43.88 -32.35
C PRO A 50 2.83 -43.07 -33.08
N GLU A 51 1.67 -42.82 -32.47
CA GLU A 51 0.62 -42.05 -33.12
C GLU A 51 0.74 -40.56 -32.87
N TYR A 52 1.82 -40.13 -32.23
CA TYR A 52 2.07 -38.72 -32.03
C TYR A 52 3.43 -38.27 -32.55
N ARG A 53 4.19 -39.16 -33.20
CA ARG A 53 5.51 -38.79 -33.69
C ARG A 53 5.47 -37.70 -34.74
N ASN A 54 4.30 -37.41 -35.32
CA ASN A 54 4.20 -36.31 -36.28
C ASN A 54 4.31 -34.95 -35.59
N LEU A 55 3.98 -34.87 -34.31
CA LEU A 55 4.12 -33.62 -33.58
C LEU A 55 5.58 -33.21 -33.40
N LEU A 56 6.50 -34.17 -33.47
CA LEU A 56 7.92 -33.90 -33.25
C LEU A 56 8.55 -33.54 -34.59
N THR A 57 8.68 -32.25 -34.86
CA THR A 57 9.29 -31.77 -36.09
C THR A 57 10.73 -31.36 -35.82
N SER A 58 11.38 -30.78 -36.82
CA SER A 58 12.75 -30.32 -36.64
C SER A 58 12.81 -29.08 -35.75
N ASN A 59 12.06 -28.04 -36.11
CA ASN A 59 12.00 -26.83 -35.30
C ASN A 59 11.08 -27.04 -34.10
N SER A 60 11.49 -27.97 -33.24
CA SER A 60 10.76 -28.31 -32.03
C SER A 60 11.67 -28.04 -30.83
N VAL A 61 11.12 -27.37 -29.82
CA VAL A 61 11.89 -27.02 -28.64
C VAL A 61 11.28 -27.71 -27.43
N PHE A 62 12.13 -28.10 -26.50
CA PHE A 62 11.72 -28.81 -25.30
C PHE A 62 12.07 -27.99 -24.07
N TRP A 63 11.33 -28.22 -22.99
CA TRP A 63 11.62 -27.56 -21.74
C TRP A 63 10.97 -28.31 -20.60
N ALA A 64 11.56 -28.20 -19.42
CA ALA A 64 11.02 -28.87 -18.25
C ALA A 64 9.97 -28.01 -17.56
N GLU A 65 9.12 -28.67 -16.78
CA GLU A 65 8.05 -27.98 -16.07
C GLU A 65 7.95 -28.32 -14.59
N GLY A 66 8.61 -29.37 -14.13
CA GLY A 66 8.53 -29.72 -12.73
C GLY A 66 7.18 -30.33 -12.37
N GLY A 67 6.92 -30.35 -11.07
CA GLY A 67 5.72 -30.94 -10.53
C GLY A 67 4.54 -30.00 -10.53
N ALA A 68 3.62 -30.24 -9.58
CA ALA A 68 2.40 -29.47 -9.52
C ALA A 68 2.69 -28.02 -9.15
N LYS A 69 1.86 -27.11 -9.65
CA LYS A 69 1.95 -25.71 -9.29
C LYS A 69 0.56 -25.17 -9.03
N VAL A 70 0.49 -24.14 -8.19
CA VAL A 70 -0.78 -23.68 -7.62
C VAL A 70 -0.99 -22.21 -7.97
N GLN A 71 -0.56 -21.81 -9.16
CA GLN A 71 -0.66 -20.44 -9.65
C GLN A 71 -1.97 -19.78 -9.24
N LEU A 72 -1.87 -18.60 -8.63
CA LEU A 72 -3.03 -17.84 -8.15
C LEU A 72 -2.93 -16.43 -8.69
N ASN A 73 -3.82 -16.07 -9.61
CA ASN A 73 -3.79 -14.76 -10.25
C ASN A 73 -5.22 -14.40 -10.62
N GLY A 74 -5.37 -13.41 -11.51
CA GLY A 74 -6.69 -12.97 -11.93
C GLY A 74 -7.53 -14.05 -12.56
N SER A 75 -6.91 -15.12 -13.05
CA SER A 75 -7.62 -16.22 -13.66
C SER A 75 -8.10 -17.26 -12.65
N GLY A 76 -8.20 -16.88 -11.38
CA GLY A 76 -8.62 -17.81 -10.35
C GLY A 76 -7.45 -18.52 -9.71
N LEU A 77 -7.75 -19.70 -9.16
CA LEU A 77 -6.75 -20.56 -8.55
C LEU A 77 -6.63 -21.80 -9.44
N THR A 78 -5.69 -21.76 -10.38
CA THR A 78 -5.50 -22.86 -11.31
C THR A 78 -4.43 -23.79 -10.79
N VAL A 79 -4.82 -25.03 -10.50
CA VAL A 79 -3.89 -26.09 -10.12
C VAL A 79 -3.48 -26.83 -11.39
N GLN A 80 -2.21 -27.19 -11.49
CA GLN A 80 -1.67 -27.88 -12.66
C GLN A 80 -0.99 -29.16 -12.19
N ALA A 81 -1.77 -30.23 -12.06
CA ALA A 81 -1.23 -31.55 -11.78
C ALA A 81 -1.98 -32.60 -12.58
N SER A 82 -2.30 -32.30 -13.84
CA SER A 82 -3.31 -33.05 -14.57
C SER A 82 -2.92 -34.51 -14.78
N PRO A 83 -1.68 -34.86 -15.12
CA PRO A 83 -1.30 -36.26 -15.04
C PRO A 83 -0.62 -36.57 -13.72
N LEU A 84 -0.93 -37.74 -13.16
CA LEU A 84 -0.33 -38.11 -11.89
C LEU A 84 1.19 -38.25 -11.99
N SER A 85 1.71 -38.45 -13.19
CA SER A 85 3.16 -38.58 -13.36
C SER A 85 3.86 -37.23 -13.28
N ARG A 86 3.21 -36.17 -13.75
CA ARG A 86 3.79 -34.83 -13.62
C ARG A 86 3.94 -34.46 -12.15
N ALA A 87 2.88 -34.57 -11.38
CA ALA A 87 2.95 -34.25 -9.97
C ALA A 87 3.72 -35.26 -9.20
N LEU A 88 4.37 -36.23 -9.80
CA LEU A 88 5.10 -37.22 -9.03
C LEU A 88 6.55 -37.38 -9.48
N LYS A 89 6.82 -37.28 -10.78
CA LYS A 89 8.18 -37.40 -11.28
C LYS A 89 8.64 -36.27 -12.17
N GLY A 90 7.84 -35.23 -12.34
CA GLY A 90 8.18 -34.13 -13.22
C GLY A 90 7.52 -34.26 -14.57
N ALA A 91 7.89 -33.35 -15.47
CA ALA A 91 7.32 -33.36 -16.81
C ALA A 91 8.27 -32.68 -17.76
N ILE A 92 8.04 -32.91 -19.06
CA ILE A 92 8.81 -32.30 -20.13
C ILE A 92 7.83 -31.93 -21.22
N SER A 93 7.61 -30.64 -21.42
CA SER A 93 6.73 -30.19 -22.49
C SER A 93 7.55 -29.80 -23.70
N PHE A 94 6.88 -29.75 -24.85
CA PHE A 94 7.54 -29.32 -26.07
C PHE A 94 6.51 -28.73 -27.01
N ASP A 95 7.00 -27.97 -27.98
CA ASP A 95 6.15 -27.25 -28.89
C ASP A 95 6.91 -27.01 -30.18
N ASN A 96 6.18 -26.63 -31.23
CA ASN A 96 6.77 -26.34 -32.51
C ASN A 96 6.85 -24.82 -32.68
N LEU A 97 8.07 -24.29 -32.61
CA LEU A 97 8.30 -22.86 -32.73
C LEU A 97 8.73 -22.53 -34.14
N SER A 98 8.10 -21.51 -34.73
CA SER A 98 8.50 -21.03 -36.05
C SER A 98 9.72 -20.12 -35.90
N GLY A 99 10.78 -20.45 -36.62
CA GLY A 99 12.01 -19.70 -36.53
C GLY A 99 13.10 -20.35 -35.71
N ALA A 100 12.80 -21.44 -35.01
CA ALA A 100 13.81 -22.18 -34.29
C ALA A 100 14.67 -22.96 -35.28
N SER A 101 15.62 -23.72 -34.74
CA SER A 101 16.59 -24.48 -35.55
C SER A 101 17.28 -23.56 -36.56
N ALA A 102 17.86 -22.48 -36.04
CA ALA A 102 18.57 -21.52 -36.85
C ALA A 102 20.07 -21.55 -36.57
N SER A 103 20.49 -21.35 -35.31
CA SER A 103 21.91 -21.38 -34.98
C SER A 103 22.19 -22.04 -33.64
N GLN A 104 21.24 -22.83 -33.11
CA GLN A 104 21.40 -23.39 -31.77
C GLN A 104 21.00 -24.86 -31.67
N ARG A 105 20.59 -25.50 -32.75
CA ARG A 105 20.03 -26.83 -32.69
C ARG A 105 20.81 -27.88 -33.46
N LYS A 106 21.75 -27.48 -34.31
CA LYS A 106 22.38 -28.40 -35.25
C LYS A 106 23.73 -28.89 -34.73
N GLY A 107 24.01 -30.16 -34.99
CA GLY A 107 25.32 -30.73 -34.76
C GLY A 107 25.37 -31.85 -33.73
N ASP A 108 24.72 -31.67 -32.57
CA ASP A 108 24.65 -32.74 -31.59
C ASP A 108 23.22 -33.19 -31.30
N LYS A 109 22.38 -32.29 -30.77
CA LYS A 109 21.01 -32.61 -30.41
C LYS A 109 20.31 -31.39 -29.83
N ARG A 110 19.01 -31.52 -29.56
CA ARG A 110 18.25 -30.44 -28.94
C ARG A 110 18.73 -30.24 -27.50
N ILE A 111 18.18 -29.23 -26.84
CA ILE A 111 18.54 -28.90 -25.47
C ILE A 111 17.27 -28.82 -24.64
N LEU A 112 17.30 -29.42 -23.45
CA LEU A 112 16.19 -29.35 -22.51
C LEU A 112 16.35 -28.08 -21.68
N TYR A 113 15.72 -27.00 -22.12
CA TYR A 113 15.80 -25.74 -21.40
C TYR A 113 15.10 -25.85 -20.06
N ALA A 114 15.63 -25.14 -19.07
CA ALA A 114 15.14 -25.30 -17.71
C ALA A 114 13.77 -24.69 -17.49
N SER A 115 13.31 -23.82 -18.38
CA SER A 115 12.03 -23.16 -18.21
C SER A 115 11.37 -22.94 -19.56
N GLU A 116 10.11 -22.52 -19.53
CA GLU A 116 9.36 -22.31 -20.76
C GLU A 116 9.86 -21.10 -21.51
N THR A 117 10.22 -20.04 -20.79
CA THR A 117 10.67 -18.82 -21.45
C THR A 117 11.97 -19.04 -22.21
N ALA A 118 12.95 -19.67 -21.55
CA ALA A 118 14.24 -19.92 -22.19
C ALA A 118 14.11 -20.73 -23.48
N ALA A 119 13.02 -21.48 -23.62
CA ALA A 119 12.79 -22.18 -24.89
C ALA A 119 12.28 -21.24 -25.95
N ARG A 120 11.45 -20.26 -25.57
CA ARG A 120 10.92 -19.29 -26.52
C ARG A 120 11.95 -18.27 -26.96
N ALA A 121 13.10 -18.21 -26.31
CA ALA A 121 14.11 -17.18 -26.60
C ALA A 121 14.87 -17.52 -27.88
N VAL A 122 14.15 -17.41 -29.00
CA VAL A 122 14.72 -17.67 -30.31
C VAL A 122 14.61 -16.42 -31.16
N GLY A 123 15.58 -16.24 -32.04
CA GLY A 123 15.59 -15.12 -32.95
C GLY A 123 16.95 -14.49 -33.01
N GLY A 124 17.01 -13.30 -33.62
CA GLY A 124 18.27 -12.58 -33.70
C GLY A 124 18.68 -12.07 -32.34
N GLN A 125 19.98 -12.20 -32.06
CA GLN A 125 20.53 -11.86 -30.75
C GLN A 125 21.18 -10.49 -30.81
N ILE A 126 20.80 -9.63 -29.86
CA ILE A 126 21.41 -8.32 -29.72
C ILE A 126 22.14 -8.27 -28.38
N THR A 127 22.87 -7.17 -28.16
CA THR A 127 23.64 -6.99 -26.95
C THR A 127 23.30 -5.65 -26.33
N LEU A 128 22.82 -5.67 -25.10
CA LEU A 128 22.46 -4.45 -24.38
C LEU A 128 23.55 -4.15 -23.36
N HIS A 129 24.25 -3.04 -23.55
CA HIS A 129 25.23 -2.58 -22.59
C HIS A 129 24.56 -1.65 -21.60
N ALA A 130 24.74 -1.92 -20.31
CA ALA A 130 24.10 -1.13 -19.26
C ALA A 130 25.12 -0.78 -18.20
N PHE A 131 24.78 0.23 -17.41
CA PHE A 131 25.63 0.68 -16.32
C PHE A 131 25.23 0.08 -14.97
N ASP A 132 24.05 -0.53 -14.89
CA ASP A 132 23.58 -1.12 -13.64
C ASP A 132 22.45 -2.09 -13.98
N ALA A 133 22.62 -3.35 -13.61
CA ALA A 133 21.63 -4.38 -13.87
C ALA A 133 20.62 -4.52 -12.74
N GLY A 134 20.51 -3.52 -11.88
CA GLY A 134 19.50 -3.59 -10.83
C GLY A 134 18.10 -3.62 -11.39
N LYS A 135 17.86 -2.94 -12.50
CA LYS A 135 16.55 -2.95 -13.14
C LYS A 135 16.36 -4.13 -14.06
N LEU A 136 17.41 -4.90 -14.35
CA LEU A 136 17.36 -5.96 -15.34
C LEU A 136 17.15 -7.32 -14.68
N ALA A 137 16.78 -8.30 -15.51
CA ALA A 137 16.53 -9.65 -15.05
C ALA A 137 16.49 -10.57 -16.26
N VAL A 138 16.92 -11.80 -16.06
CA VAL A 138 16.91 -12.77 -17.15
C VAL A 138 15.47 -13.11 -17.50
N GLY A 139 15.16 -13.08 -18.80
CA GLY A 139 13.80 -13.29 -19.26
C GLY A 139 12.93 -12.07 -19.22
N MET A 140 13.46 -10.91 -18.87
CA MET A 140 12.68 -9.68 -18.85
C MET A 140 12.19 -9.36 -20.25
N PRO A 141 10.90 -9.11 -20.44
CA PRO A 141 10.38 -8.91 -21.80
C PRO A 141 10.80 -7.57 -22.37
N ILE A 142 11.07 -7.56 -23.67
CA ILE A 142 11.36 -6.36 -24.44
C ILE A 142 10.12 -6.02 -25.25
N ARG A 143 9.58 -4.82 -25.06
CA ARG A 143 8.26 -4.50 -25.59
C ARG A 143 8.30 -3.28 -26.48
N TYR A 144 7.44 -3.28 -27.48
CA TYR A 144 7.18 -2.13 -28.33
C TYR A 144 5.68 -1.90 -28.35
N LEU A 145 5.24 -0.76 -27.81
CA LEU A 145 3.82 -0.43 -27.71
C LEU A 145 3.06 -1.44 -26.86
N GLY A 146 3.74 -2.11 -25.94
CA GLY A 146 3.13 -3.09 -25.09
C GLY A 146 3.14 -4.51 -25.61
N ILE A 147 3.37 -4.70 -26.90
CA ILE A 147 3.52 -6.03 -27.46
C ILE A 147 4.96 -6.49 -27.27
N ASP A 148 5.14 -7.77 -26.96
CA ASP A 148 6.46 -8.29 -26.65
C ASP A 148 7.27 -8.49 -27.93
N ILE A 149 8.47 -7.93 -27.95
CA ILE A 149 9.36 -8.03 -29.08
C ILE A 149 10.49 -9.03 -28.84
N GLY A 150 10.93 -9.20 -27.61
CA GLY A 150 11.96 -10.17 -27.29
C GLY A 150 12.14 -10.29 -25.80
N GLN A 151 13.35 -10.62 -25.35
CA GLN A 151 13.60 -10.77 -23.93
C GLN A 151 15.10 -10.75 -23.68
N ILE A 152 15.46 -10.64 -22.41
CA ILE A 152 16.85 -10.64 -21.99
C ILE A 152 17.25 -12.08 -21.68
N GLN A 153 18.31 -12.55 -22.32
CA GLN A 153 18.76 -13.92 -22.13
C GLN A 153 19.69 -14.06 -20.93
N THR A 154 20.81 -13.35 -20.94
CA THR A 154 21.82 -13.48 -19.91
C THR A 154 22.15 -12.11 -19.32
N LEU A 155 22.90 -12.13 -18.21
CA LEU A 155 23.36 -10.92 -17.55
C LEU A 155 24.80 -11.16 -17.11
N ASP A 156 25.75 -10.66 -17.87
CA ASP A 156 27.16 -10.80 -17.55
C ASP A 156 27.67 -9.53 -16.88
N LEU A 157 28.61 -9.69 -15.98
CA LEU A 157 29.28 -8.56 -15.32
C LEU A 157 30.69 -8.47 -15.87
N ILE A 158 30.89 -7.58 -16.84
CA ILE A 158 32.23 -7.26 -17.30
C ILE A 158 32.86 -6.29 -16.31
N THR A 159 34.09 -6.58 -15.89
CA THR A 159 34.75 -5.76 -14.89
C THR A 159 35.84 -4.86 -15.47
N ALA A 160 36.49 -5.29 -16.55
CA ALA A 160 37.41 -4.40 -17.26
C ALA A 160 36.69 -3.14 -17.70
N ARG A 161 35.67 -3.29 -18.55
CA ARG A 161 34.70 -2.23 -18.77
C ARG A 161 33.65 -2.33 -17.68
N ASN A 162 33.61 -1.35 -16.78
CA ASN A 162 32.76 -1.47 -15.61
C ASN A 162 31.30 -1.31 -16.00
N GLU A 163 30.76 -2.34 -16.64
CA GLU A 163 29.40 -2.31 -17.16
C GLU A 163 28.87 -3.73 -17.25
N VAL A 164 27.55 -3.85 -17.27
CA VAL A 164 26.87 -5.14 -17.36
C VAL A 164 26.44 -5.33 -18.80
N GLN A 165 26.87 -6.43 -19.41
CA GLN A 165 26.46 -6.77 -20.77
C GLN A 165 25.31 -7.77 -20.68
N ALA A 166 24.15 -7.35 -21.18
CA ALA A 166 22.96 -8.19 -21.20
C ALA A 166 22.70 -8.61 -22.63
N LYS A 167 22.85 -9.90 -22.91
CA LYS A 167 22.53 -10.43 -24.23
C LYS A 167 21.03 -10.64 -24.32
N ALA A 168 20.41 -10.01 -25.30
CA ALA A 168 18.98 -10.10 -25.51
C ALA A 168 18.71 -10.84 -26.81
N VAL A 169 17.44 -10.97 -27.14
CA VAL A 169 17.03 -11.61 -28.40
C VAL A 169 15.75 -10.96 -28.86
N LEU A 170 15.64 -10.75 -30.17
CA LEU A 170 14.43 -10.24 -30.80
C LEU A 170 13.80 -11.36 -31.59
N TYR A 171 12.50 -11.55 -31.42
CA TYR A 171 11.80 -12.60 -32.14
C TYR A 171 11.94 -12.38 -33.63
N PRO A 172 12.07 -13.44 -34.43
CA PRO A 172 12.58 -13.28 -35.80
C PRO A 172 11.74 -12.39 -36.70
N GLU A 173 10.51 -12.06 -36.32
CA GLU A 173 9.70 -11.17 -37.13
C GLU A 173 9.96 -9.70 -36.85
N TYR A 174 10.64 -9.37 -35.76
CA TYR A 174 10.95 -7.99 -35.41
C TYR A 174 12.43 -7.69 -35.44
N VAL A 175 13.27 -8.68 -35.76
CA VAL A 175 14.71 -8.45 -35.75
C VAL A 175 15.14 -7.51 -36.87
N GLN A 176 14.32 -7.36 -37.91
CA GLN A 176 14.65 -6.46 -39.00
C GLN A 176 14.17 -5.04 -38.73
N THR A 177 12.94 -4.89 -38.24
CA THR A 177 12.40 -3.58 -37.94
C THR A 177 13.25 -2.87 -36.88
N PHE A 178 13.50 -3.55 -35.78
CA PHE A 178 14.39 -3.03 -34.74
C PHE A 178 15.81 -3.45 -35.08
N ALA A 179 16.72 -3.31 -34.13
CA ALA A 179 18.12 -3.68 -34.34
C ALA A 179 18.74 -2.85 -35.46
N ARG A 180 18.43 -1.56 -35.49
CA ARG A 180 18.97 -0.62 -36.45
C ARG A 180 19.79 0.43 -35.70
N GLY A 181 20.23 1.45 -36.42
CA GLY A 181 21.14 2.41 -35.84
C GLY A 181 20.52 3.22 -34.72
N GLY A 182 19.28 3.65 -34.90
CA GLY A 182 18.67 4.62 -34.00
C GLY A 182 17.73 4.07 -32.95
N THR A 183 17.64 2.76 -32.78
CA THR A 183 16.73 2.21 -31.78
C THR A 183 17.30 2.39 -30.38
N ARG A 184 16.41 2.58 -29.41
CA ARG A 184 16.80 2.86 -28.04
C ARG A 184 16.00 1.98 -27.08
N PHE A 185 16.66 1.53 -26.02
CA PHE A 185 16.05 0.70 -25.00
C PHE A 185 16.15 1.39 -23.65
N SER A 186 15.24 1.03 -22.74
CA SER A 186 15.28 1.54 -21.38
C SER A 186 14.31 0.74 -20.53
N VAL A 187 14.72 0.43 -19.31
CA VAL A 187 13.88 -0.32 -18.39
C VAL A 187 12.79 0.59 -17.84
N VAL A 188 11.54 0.19 -18.04
CA VAL A 188 10.41 0.94 -17.50
C VAL A 188 10.25 0.57 -16.04
N THR A 189 10.24 1.57 -15.17
CA THR A 189 10.11 1.42 -13.73
C THR A 189 8.81 2.07 -13.26
N PRO A 190 8.26 1.64 -12.14
CA PRO A 190 7.06 2.29 -11.61
C PRO A 190 7.35 3.70 -11.16
N GLN A 191 6.33 4.56 -11.25
CA GLN A 191 6.48 5.97 -10.90
C GLN A 191 5.35 6.34 -9.95
N ILE A 192 5.59 6.12 -8.65
CA ILE A 192 4.64 6.45 -7.61
C ILE A 192 5.10 7.75 -6.97
N SER A 193 4.31 8.81 -7.14
CA SER A 193 4.66 10.13 -6.65
C SER A 193 3.44 10.76 -6.01
N ALA A 194 3.61 11.96 -5.47
CA ALA A 194 2.47 12.71 -4.97
C ALA A 194 1.58 13.21 -6.10
N ALA A 195 2.15 13.38 -7.30
CA ALA A 195 1.42 13.89 -8.45
C ALA A 195 0.86 12.77 -9.32
N GLY A 196 0.61 11.60 -8.76
CA GLY A 196 0.02 10.51 -9.50
C GLY A 196 0.97 9.31 -9.61
N VAL A 197 0.39 8.20 -10.02
CA VAL A 197 1.13 6.95 -10.22
C VAL A 197 0.95 6.50 -11.65
N GLU A 198 1.96 5.79 -12.16
CA GLU A 198 1.89 5.22 -13.49
C GLU A 198 2.86 4.05 -13.57
N HIS A 199 2.63 3.18 -14.56
CA HIS A 199 3.44 1.97 -14.76
C HIS A 199 3.38 1.07 -13.54
N LEU A 200 2.22 0.99 -12.89
CA LEU A 200 2.08 0.15 -11.72
C LEU A 200 2.21 -1.33 -12.06
N ASP A 201 1.99 -1.71 -13.32
CA ASP A 201 2.22 -3.09 -13.72
C ASP A 201 3.69 -3.46 -13.62
N THR A 202 4.59 -2.48 -13.76
CA THR A 202 6.02 -2.72 -13.64
C THR A 202 6.47 -2.88 -12.20
N ILE A 203 5.55 -2.91 -11.24
CA ILE A 203 5.93 -3.23 -9.87
C ILE A 203 6.41 -4.66 -9.77
N LEU A 204 5.65 -5.59 -10.38
CA LEU A 204 5.97 -7.00 -10.36
C LEU A 204 6.50 -7.52 -11.69
N GLN A 205 6.09 -6.93 -12.81
CA GLN A 205 6.55 -7.35 -14.14
C GLN A 205 7.18 -6.15 -14.84
N PRO A 206 8.44 -5.84 -14.54
CA PRO A 206 9.14 -4.79 -15.27
C PRO A 206 9.58 -5.27 -16.64
N TYR A 207 9.55 -4.34 -17.59
CA TYR A 207 9.91 -4.65 -18.97
C TYR A 207 10.81 -3.57 -19.53
N ILE A 208 11.31 -3.82 -20.73
CA ILE A 208 12.18 -2.91 -21.45
C ILE A 208 11.39 -2.33 -22.62
N ASN A 209 11.35 -1.02 -22.71
CA ASN A 209 10.64 -0.35 -23.79
C ASN A 209 11.61 0.00 -24.91
N VAL A 210 11.11 -0.07 -26.15
CA VAL A 210 11.93 0.12 -27.34
C VAL A 210 11.30 1.22 -28.19
N GLU A 211 12.16 2.03 -28.79
CA GLU A 211 11.75 3.06 -29.74
C GLU A 211 12.53 2.82 -31.03
N PRO A 212 11.89 2.49 -32.14
CA PRO A 212 12.63 2.12 -33.35
C PRO A 212 13.39 3.29 -33.96
N GLY A 213 14.13 3.01 -35.02
CA GLY A 213 14.88 4.06 -35.69
C GLY A 213 15.44 3.56 -37.00
N ARG A 214 15.81 4.50 -37.85
CA ARG A 214 16.36 4.21 -39.16
C ARG A 214 17.88 4.26 -39.09
N GLY A 215 18.53 3.35 -39.79
CA GLY A 215 19.98 3.29 -39.78
C GLY A 215 20.45 1.90 -40.16
N ASN A 216 21.77 1.74 -40.10
CA ASN A 216 22.36 0.45 -40.41
C ASN A 216 22.14 -0.52 -39.26
N PRO A 217 22.08 -1.82 -39.55
CA PRO A 217 21.94 -2.82 -38.48
C PRO A 217 23.07 -2.70 -37.46
N ARG A 218 22.70 -2.61 -36.19
CA ARG A 218 23.64 -2.31 -35.12
C ARG A 218 23.97 -3.53 -34.27
N ARG A 219 22.96 -4.18 -33.68
CA ARG A 219 23.14 -5.38 -32.87
C ARG A 219 23.99 -5.15 -31.62
N ASP A 220 24.31 -3.90 -31.30
CA ASP A 220 25.03 -3.56 -30.08
C ASP A 220 24.52 -2.21 -29.59
N PHE A 221 23.70 -2.22 -28.55
CA PHE A 221 23.05 -1.00 -28.08
C PHE A 221 23.48 -0.70 -26.66
N GLU A 222 23.01 0.44 -26.16
CA GLU A 222 23.28 0.87 -24.80
C GLU A 222 21.97 1.18 -24.12
N LEU A 223 21.76 0.58 -22.96
CA LEU A 223 20.53 0.79 -22.20
C LEU A 223 20.49 2.23 -21.69
N GLN A 224 19.36 2.89 -21.85
CA GLN A 224 19.20 4.28 -21.49
C GLN A 224 18.31 4.41 -20.26
N GLU A 225 18.11 5.65 -19.82
CA GLU A 225 17.32 5.94 -18.63
C GLU A 225 15.87 6.26 -18.94
N ALA A 226 15.60 6.95 -20.05
CA ALA A 226 14.24 7.27 -20.45
C ALA A 226 14.09 7.01 -21.94
N THR A 227 12.83 6.93 -22.37
CA THR A 227 12.48 6.64 -23.75
C THR A 227 11.03 7.03 -23.95
N ILE A 228 10.70 7.50 -25.15
CA ILE A 228 9.31 7.79 -25.47
C ILE A 228 8.53 6.48 -25.45
N THR A 229 7.39 6.49 -24.74
CA THR A 229 6.64 5.26 -24.55
C THR A 229 5.87 4.87 -25.81
N ASP A 230 4.98 5.74 -26.27
CA ASP A 230 4.15 5.45 -27.42
C ASP A 230 4.75 6.01 -28.69
N SER A 231 4.19 5.56 -29.83
CA SER A 231 4.61 6.03 -31.15
C SER A 231 3.69 7.09 -31.69
N ARG A 232 3.06 7.88 -30.81
CA ARG A 232 2.18 8.94 -31.26
C ARG A 232 2.92 9.97 -32.10
N TYR A 233 4.20 10.20 -31.80
CA TYR A 233 5.02 11.17 -32.51
C TYR A 233 6.22 10.54 -33.19
N LEU A 234 6.21 9.21 -33.38
CA LEU A 234 7.34 8.55 -34.01
C LEU A 234 7.59 9.10 -35.41
N ASP A 235 6.60 8.96 -36.28
CA ASP A 235 6.63 9.76 -37.49
C ASP A 235 6.25 11.20 -37.14
N GLY A 236 6.54 12.11 -38.06
CA GLY A 236 6.24 13.50 -37.79
C GLY A 236 7.48 14.37 -37.84
N LEU A 237 7.27 15.68 -37.95
CA LEU A 237 8.37 16.59 -38.21
C LEU A 237 9.28 16.71 -37.00
N SER A 238 10.57 16.50 -37.21
CA SER A 238 11.58 16.69 -36.18
C SER A 238 12.18 18.08 -36.31
N ILE A 239 12.54 18.66 -35.16
CA ILE A 239 13.22 19.95 -35.09
C ILE A 239 14.14 19.94 -33.88
N ILE A 240 14.95 21.00 -33.77
CA ILE A 240 15.91 21.14 -32.68
C ILE A 240 15.91 22.58 -32.21
N VAL A 241 15.48 22.82 -30.98
CA VAL A 241 15.56 24.15 -30.40
C VAL A 241 16.81 24.23 -29.55
N GLU A 242 17.56 25.32 -29.70
CA GLU A 242 18.81 25.53 -28.99
C GLU A 242 18.56 26.41 -27.78
N ALA A 243 19.15 26.04 -26.65
CA ALA A 243 18.95 26.78 -25.42
C ALA A 243 20.27 26.87 -24.67
N PRO A 244 20.53 28.00 -24.01
CA PRO A 244 21.75 28.11 -23.21
C PRO A 244 21.74 27.28 -21.94
N GLU A 245 20.65 26.56 -21.67
CA GLU A 245 20.53 25.77 -20.45
C GLU A 245 19.33 24.84 -20.60
N ALA A 246 19.52 23.57 -20.22
CA ALA A 246 18.41 22.62 -20.26
C ALA A 246 17.56 22.74 -19.00
N GLY A 247 18.15 22.44 -17.84
CA GLY A 247 17.45 22.62 -16.59
C GLY A 247 16.22 21.76 -16.42
N SER A 248 15.05 22.39 -16.54
CA SER A 248 13.78 21.73 -16.27
C SER A 248 13.32 20.82 -17.40
N LEU A 249 14.01 20.79 -18.53
CA LEU A 249 13.58 19.96 -19.64
C LEU A 249 14.09 18.54 -19.49
N GLY A 250 13.30 17.58 -19.97
CA GLY A 250 13.70 16.20 -19.97
C GLY A 250 13.06 15.48 -21.15
N ILE A 251 13.45 14.22 -21.32
CA ILE A 251 12.88 13.40 -22.38
C ILE A 251 11.42 13.11 -22.03
N GLY A 252 10.52 13.39 -22.98
CA GLY A 252 9.11 13.17 -22.78
C GLY A 252 8.31 14.39 -22.43
N THR A 253 8.96 15.51 -22.11
CA THR A 253 8.24 16.72 -21.79
C THR A 253 7.44 17.18 -23.00
N PRO A 254 6.19 17.56 -22.81
CA PRO A 254 5.35 17.93 -23.95
C PRO A 254 5.77 19.24 -24.58
N VAL A 255 5.47 19.35 -25.87
CA VAL A 255 5.61 20.60 -26.63
C VAL A 255 4.20 21.10 -26.88
N LEU A 256 3.92 22.33 -26.49
CA LEU A 256 2.56 22.85 -26.46
C LEU A 256 2.35 23.95 -27.48
N PHE A 257 1.19 23.92 -28.13
CA PHE A 257 0.74 25.00 -29.00
C PHE A 257 -0.63 25.43 -28.53
N ARG A 258 -0.74 26.67 -28.05
CA ARG A 258 -1.97 27.17 -27.45
C ARG A 258 -2.39 26.39 -26.23
N GLY A 259 -1.47 25.64 -25.63
CA GLY A 259 -1.75 24.85 -24.46
C GLY A 259 -2.04 23.38 -24.74
N LEU A 260 -2.30 23.02 -25.98
CA LEU A 260 -2.51 21.63 -26.35
C LEU A 260 -1.18 20.94 -26.62
N GLU A 261 -1.09 19.68 -26.23
CA GLU A 261 0.13 18.92 -26.48
C GLU A 261 0.24 18.58 -27.96
N VAL A 262 1.38 18.94 -28.55
CA VAL A 262 1.60 18.78 -29.99
C VAL A 262 2.76 17.84 -30.28
N GLY A 263 3.82 17.90 -29.49
CA GLY A 263 4.94 16.99 -29.64
C GLY A 263 5.65 16.85 -28.31
N THR A 264 6.67 16.00 -28.29
CA THR A 264 7.45 15.77 -27.09
C THR A 264 8.93 15.99 -27.37
N VAL A 265 9.68 16.18 -26.31
CA VAL A 265 11.13 16.30 -26.38
C VAL A 265 11.73 14.90 -26.35
N THR A 266 12.50 14.56 -27.39
CA THR A 266 13.07 13.23 -27.51
C THR A 266 14.48 13.12 -26.98
N GLY A 267 15.30 14.14 -27.16
CA GLY A 267 16.69 14.08 -26.72
C GLY A 267 17.23 15.45 -26.39
N MET A 268 18.18 15.48 -25.47
CA MET A 268 18.85 16.72 -25.07
C MET A 268 20.35 16.49 -25.17
N THR A 269 20.89 16.73 -26.36
CA THR A 269 22.32 16.60 -26.61
C THR A 269 23.02 17.85 -26.07
N LEU A 270 24.31 18.01 -26.38
CA LEU A 270 25.06 19.15 -25.89
C LEU A 270 25.79 19.91 -27.00
N GLY A 271 25.60 19.54 -28.25
CA GLY A 271 26.20 20.24 -29.36
C GLY A 271 27.68 19.92 -29.53
N THR A 272 28.18 20.17 -30.74
CA THR A 272 29.57 19.90 -31.05
C THR A 272 30.50 20.73 -30.16
N LEU A 273 30.45 22.05 -30.33
CA LEU A 273 31.03 22.95 -29.34
C LEU A 273 30.11 22.96 -28.13
N SER A 274 30.62 22.56 -26.98
CA SER A 274 29.75 22.40 -25.83
C SER A 274 29.35 23.76 -25.26
N ASP A 275 28.46 24.46 -25.95
CA ASP A 275 28.00 25.77 -25.51
C ASP A 275 26.50 25.95 -25.62
N ARG A 276 25.76 24.97 -26.14
CA ARG A 276 24.32 25.08 -26.32
C ARG A 276 23.72 23.69 -26.21
N VAL A 277 22.60 23.59 -25.50
CA VAL A 277 21.87 22.34 -25.42
C VAL A 277 20.93 22.23 -26.61
N MET A 278 21.04 21.11 -27.34
CA MET A 278 20.26 20.91 -28.55
C MET A 278 19.06 20.03 -28.23
N ILE A 279 17.97 20.65 -27.80
CA ILE A 279 16.74 19.93 -27.48
C ILE A 279 16.13 19.44 -28.78
N ALA A 280 16.04 18.12 -28.94
CA ALA A 280 15.46 17.52 -30.13
C ALA A 280 14.01 17.14 -29.86
N MET A 281 13.10 17.66 -30.66
CA MET A 281 11.67 17.44 -30.48
C MET A 281 11.08 16.80 -31.72
N ARG A 282 9.92 16.17 -31.53
CA ARG A 282 9.16 15.57 -32.62
C ARG A 282 7.75 16.13 -32.59
N ILE A 283 7.40 16.93 -33.57
CA ILE A 283 6.06 17.47 -33.69
C ILE A 283 5.19 16.44 -34.39
N SER A 284 3.95 16.28 -33.91
CA SER A 284 3.05 15.32 -34.52
C SER A 284 2.79 15.68 -35.98
N LYS A 285 2.60 14.65 -36.81
CA LYS A 285 2.26 14.91 -38.20
C LYS A 285 0.86 15.49 -38.34
N ARG A 286 0.05 15.41 -37.30
CA ARG A 286 -1.25 16.05 -37.32
C ARG A 286 -1.14 17.56 -37.20
N TYR A 287 -0.14 18.04 -36.44
CA TYR A 287 0.11 19.46 -36.26
C TYR A 287 1.43 19.88 -36.92
N GLN A 288 1.86 19.15 -37.93
CA GLN A 288 3.11 19.47 -38.60
C GLN A 288 3.04 20.82 -39.31
N HIS A 289 1.86 21.23 -39.75
CA HIS A 289 1.70 22.47 -40.50
C HIS A 289 1.86 23.72 -39.64
N LEU A 290 2.06 23.57 -38.33
CA LEU A 290 2.14 24.73 -37.45
C LEU A 290 3.55 25.24 -37.25
N VAL A 291 4.56 24.43 -37.54
CA VAL A 291 5.95 24.81 -37.29
C VAL A 291 6.43 25.55 -38.53
N ARG A 292 6.16 26.84 -38.59
CA ARG A 292 6.60 27.64 -39.71
C ARG A 292 8.06 28.06 -39.52
N ASN A 293 8.67 28.51 -40.61
CA ASN A 293 10.10 28.82 -40.59
C ASN A 293 10.43 29.98 -39.69
N ASN A 294 9.44 30.78 -39.28
CA ASN A 294 9.66 31.92 -38.40
C ASN A 294 9.03 31.71 -37.03
N SER A 295 8.68 30.47 -36.68
CA SER A 295 8.08 30.20 -35.39
C SER A 295 9.06 30.50 -34.27
N VAL A 296 8.54 31.01 -33.16
CA VAL A 296 9.35 31.36 -32.00
C VAL A 296 8.99 30.42 -30.86
N PHE A 297 10.02 29.82 -30.25
CA PHE A 297 9.85 28.86 -29.18
C PHE A 297 10.25 29.48 -27.86
N TRP A 298 9.58 29.08 -26.79
CA TRP A 298 9.88 29.62 -25.48
C TRP A 298 9.57 28.56 -24.42
N LEU A 299 10.03 28.82 -23.20
CA LEU A 299 10.02 27.84 -22.12
C LEU A 299 8.80 28.07 -21.25
N ALA A 300 7.79 27.22 -21.43
CA ALA A 300 6.65 27.18 -20.51
C ALA A 300 6.88 26.05 -19.51
N SER A 301 7.84 26.29 -18.62
CA SER A 301 8.27 25.30 -17.63
C SER A 301 8.00 25.85 -16.23
N GLY A 302 7.08 25.21 -15.52
CA GLY A 302 6.74 25.64 -14.18
C GLY A 302 5.94 26.93 -14.20
N TYR A 303 5.67 27.43 -13.00
CA TYR A 303 4.88 28.64 -12.84
C TYR A 303 5.77 29.87 -12.93
N SER A 304 5.17 30.97 -13.37
CA SER A 304 5.82 32.28 -13.43
C SER A 304 4.85 33.29 -12.84
N LEU A 305 4.92 33.49 -11.53
CA LEU A 305 4.02 34.42 -10.87
C LEU A 305 4.42 35.86 -11.15
N ASP A 306 3.43 36.75 -11.16
CA ASP A 306 3.62 38.13 -11.57
C ASP A 306 3.99 39.00 -10.36
N PHE A 307 4.13 40.30 -10.61
CA PHE A 307 4.49 41.26 -9.59
C PHE A 307 4.01 42.64 -10.01
N GLY A 308 3.42 43.37 -9.08
CA GLY A 308 2.91 44.70 -9.37
C GLY A 308 2.96 45.58 -8.15
N LEU A 309 3.24 46.86 -8.37
CA LEU A 309 3.36 47.81 -7.26
C LEU A 309 1.98 48.28 -6.79
N THR A 310 1.24 48.96 -7.67
CA THR A 310 -0.11 49.37 -7.32
C THR A 310 -1.09 48.21 -7.38
N GLY A 311 -0.83 47.23 -8.24
CA GLY A 311 -1.58 46.00 -8.24
C GLY A 311 -0.97 44.96 -9.16
N GLY A 312 -0.72 43.76 -8.64
CA GLY A 312 -0.25 42.68 -9.47
C GLY A 312 -1.02 41.41 -9.20
N VAL A 313 -1.76 40.94 -10.20
CA VAL A 313 -2.49 39.69 -10.05
C VAL A 313 -1.54 38.53 -10.32
N VAL A 314 -1.67 37.46 -9.53
CA VAL A 314 -0.82 36.29 -9.65
C VAL A 314 -1.67 35.13 -10.14
N LYS A 315 -1.02 34.20 -10.85
CA LYS A 315 -1.69 33.07 -11.49
C LYS A 315 -1.00 31.79 -11.06
N THR A 316 -1.79 30.74 -10.83
CA THR A 316 -1.24 29.45 -10.48
C THR A 316 -1.50 28.38 -11.53
N GLY A 317 -2.75 28.15 -11.90
CA GLY A 317 -2.99 26.99 -12.74
C GLY A 317 -2.61 25.71 -12.00
N THR A 318 -2.51 24.63 -12.79
CA THR A 318 -2.02 23.37 -12.24
C THR A 318 -1.22 22.58 -13.26
N PHE A 319 -0.51 23.28 -14.15
CA PHE A 319 0.10 22.66 -15.31
C PHE A 319 1.03 21.52 -14.93
N ASN A 320 1.02 20.48 -15.76
CA ASN A 320 2.04 19.43 -15.70
C ASN A 320 3.40 19.93 -16.12
N GLN A 321 3.51 21.18 -16.57
CA GLN A 321 4.80 21.80 -16.83
C GLN A 321 5.62 21.93 -15.55
N PHE A 322 4.98 22.05 -14.40
CA PHE A 322 5.70 21.99 -13.14
C PHE A 322 6.14 20.57 -12.80
N ILE A 323 5.56 19.58 -13.44
CA ILE A 323 5.99 18.19 -13.29
C ILE A 323 6.91 17.77 -14.42
N ARG A 324 6.57 18.14 -15.65
CA ARG A 324 7.39 17.89 -16.84
C ARG A 324 7.46 19.20 -17.61
N GLY A 325 8.58 19.90 -17.51
CA GLY A 325 8.72 21.22 -18.10
C GLY A 325 8.48 21.29 -19.59
N GLY A 326 7.36 21.90 -20.00
CA GLY A 326 7.01 21.94 -21.41
C GLY A 326 7.65 23.10 -22.16
N ILE A 327 7.67 22.95 -23.48
CA ILE A 327 8.06 24.01 -24.41
C ILE A 327 6.82 24.44 -25.17
N ALA A 328 6.76 25.71 -25.54
CA ALA A 328 5.59 26.26 -26.21
C ALA A 328 5.92 26.79 -27.59
N PHE A 329 4.88 26.89 -28.41
CA PHE A 329 4.95 27.42 -29.77
C PHE A 329 4.55 28.88 -29.82
N ALA A 330 4.73 29.45 -30.99
CA ALA A 330 4.08 30.67 -31.45
C ALA A 330 4.49 30.91 -32.88
N THR A 331 3.58 31.45 -33.66
CA THR A 331 3.89 31.88 -35.02
C THR A 331 3.53 33.35 -35.14
N PRO A 332 4.49 34.24 -35.36
CA PRO A 332 4.20 35.67 -35.39
C PRO A 332 3.33 36.01 -36.59
N PRO A 333 2.57 37.10 -36.53
CA PRO A 333 1.65 37.41 -37.62
C PRO A 333 2.39 37.82 -38.89
N GLY A 334 1.69 37.66 -40.00
CA GLY A 334 2.21 38.01 -41.31
C GLY A 334 1.36 37.40 -42.40
N THR A 335 1.09 38.15 -43.46
CA THR A 335 0.26 37.64 -44.54
C THR A 335 1.02 36.65 -45.44
N PRO A 336 2.28 36.92 -45.82
CA PRO A 336 2.99 35.85 -46.54
C PRO A 336 3.62 34.84 -45.56
N LEU A 337 2.81 33.88 -45.14
CA LEU A 337 3.24 32.87 -44.18
C LEU A 337 4.58 32.28 -44.56
N ALA A 338 5.50 32.26 -43.60
CA ALA A 338 6.80 31.66 -43.82
C ALA A 338 6.64 30.19 -44.18
N PRO A 339 7.60 29.62 -44.92
CA PRO A 339 7.47 28.22 -45.33
C PRO A 339 7.49 27.30 -44.12
N LYS A 340 6.96 26.09 -44.33
CA LYS A 340 6.99 25.09 -43.26
C LYS A 340 8.43 24.71 -42.97
N ALA A 341 8.68 24.35 -41.72
CA ALA A 341 10.04 23.99 -41.31
C ALA A 341 10.42 22.64 -41.90
N GLN A 342 11.71 22.49 -42.18
CA GLN A 342 12.23 21.23 -42.69
C GLN A 342 12.61 20.33 -41.53
N GLU A 343 13.20 19.17 -41.85
CA GLU A 343 13.58 18.22 -40.81
C GLU A 343 14.70 18.79 -39.94
N GLY A 344 15.83 19.09 -40.54
CA GLY A 344 16.93 19.65 -39.76
C GLY A 344 16.82 21.14 -39.60
N LYS A 345 15.91 21.59 -38.75
CA LYS A 345 15.69 23.01 -38.52
C LYS A 345 16.04 23.35 -37.08
N HIS A 346 16.84 24.39 -36.91
CA HIS A 346 17.36 24.78 -35.60
C HIS A 346 16.74 26.11 -35.20
N PHE A 347 15.93 26.09 -34.15
CA PHE A 347 15.33 27.29 -33.58
C PHE A 347 16.18 27.78 -32.41
N LEU A 348 15.66 28.75 -31.67
CA LEU A 348 16.35 29.31 -30.52
C LEU A 348 15.33 29.57 -29.43
N LEU A 349 15.56 29.03 -28.24
CA LEU A 349 14.64 29.25 -27.13
C LEU A 349 14.69 30.71 -26.71
N GLN A 350 13.58 31.42 -26.91
CA GLN A 350 13.45 32.79 -26.45
C GLN A 350 12.89 32.77 -25.03
N GLU A 351 13.73 33.08 -24.06
CA GLU A 351 13.39 32.98 -22.65
C GLU A 351 12.32 33.98 -22.21
N SER A 352 11.76 34.78 -23.12
CA SER A 352 10.97 35.93 -22.73
C SER A 352 9.47 35.70 -22.78
N GLU A 353 8.99 34.64 -23.46
CA GLU A 353 7.57 34.44 -23.67
C GLU A 353 6.95 35.68 -24.29
N PRO A 354 7.11 35.88 -25.62
CA PRO A 354 6.65 37.12 -26.26
C PRO A 354 5.31 37.62 -25.75
N LYS A 355 5.29 38.84 -25.22
CA LYS A 355 4.14 39.28 -24.43
C LYS A 355 2.89 39.45 -25.28
N GLU A 356 3.04 39.75 -26.56
CA GLU A 356 1.90 39.93 -27.45
C GLU A 356 1.46 38.62 -28.10
N TRP A 357 1.79 37.49 -27.47
CA TRP A 357 1.52 36.19 -28.09
C TRP A 357 0.03 35.94 -28.26
N ARG A 358 -0.75 36.09 -27.20
CA ARG A 358 -2.15 35.68 -27.25
C ARG A 358 -2.97 36.50 -28.23
N GLU A 359 -2.56 37.73 -28.52
CA GLU A 359 -3.28 38.60 -29.46
C GLU A 359 -2.73 38.51 -30.87
N TRP A 360 -2.16 37.37 -31.25
CA TRP A 360 -1.59 37.21 -32.58
C TRP A 360 -2.61 36.67 -33.56
N GLY A 361 -3.18 35.50 -33.27
CA GLY A 361 -4.20 34.93 -34.13
C GLY A 361 -3.75 34.68 -35.55
N THR A 362 -2.53 34.17 -35.73
CA THR A 362 -2.03 33.87 -37.05
C THR A 362 -2.85 32.75 -37.68
N ALA A 363 -3.30 32.96 -38.91
CA ALA A 363 -4.06 31.94 -39.63
C ALA A 363 -3.09 30.91 -40.19
N LEU A 364 -3.30 29.64 -39.83
CA LEU A 364 -2.41 28.54 -40.21
C LEU A 364 -3.22 27.45 -40.88
N PRO A 365 -3.42 27.54 -42.19
CA PRO A 365 -4.24 26.53 -42.88
C PRO A 365 -3.51 25.20 -42.99
N LYS A 366 -4.29 24.12 -42.95
CA LYS A 366 -3.74 22.78 -43.07
C LYS A 366 -3.18 22.53 -44.47
N LEU B 1 23.68 -53.38 4.70
CA LEU B 1 23.95 -51.98 5.02
C LEU B 1 25.08 -51.44 4.14
N PRO B 2 24.79 -50.39 3.38
CA PRO B 2 25.81 -49.82 2.49
C PRO B 2 26.96 -49.22 3.29
N THR B 3 28.08 -49.05 2.60
CA THR B 3 29.25 -48.43 3.21
C THR B 3 29.12 -46.92 3.18
N THR B 4 29.65 -46.28 4.22
CA THR B 4 29.58 -44.82 4.33
C THR B 4 30.69 -44.21 3.48
N THR B 5 30.31 -43.63 2.34
CA THR B 5 31.29 -43.01 1.47
C THR B 5 31.81 -41.71 2.07
N VAL B 6 30.90 -40.79 2.40
CA VAL B 6 31.27 -39.49 2.95
C VAL B 6 30.41 -39.23 4.18
N SER B 7 31.01 -38.62 5.19
CA SER B 7 30.32 -38.24 6.40
C SER B 7 30.10 -36.73 6.40
N LEU B 8 28.99 -36.30 6.99
CA LEU B 8 28.61 -34.91 7.01
C LEU B 8 28.42 -34.43 8.45
N SER B 9 27.96 -33.21 8.58
CA SER B 9 27.71 -32.60 9.88
C SER B 9 26.88 -31.35 9.65
N ALA B 10 25.85 -31.17 10.46
CA ALA B 10 24.96 -30.03 10.27
C ALA B 10 24.14 -29.81 11.53
N GLU B 11 23.82 -28.56 11.81
CA GLU B 11 22.89 -28.23 12.88
C GLU B 11 21.52 -27.95 12.28
N THR B 12 20.49 -28.15 13.11
CA THR B 12 19.09 -27.95 12.70
C THR B 12 18.77 -28.80 11.47
N LEU B 13 18.81 -30.11 11.69
CA LEU B 13 18.64 -31.13 10.66
C LEU B 13 17.49 -30.81 9.71
N PRO B 14 17.80 -30.55 8.45
CA PRO B 14 16.81 -30.08 7.47
C PRO B 14 16.01 -31.18 6.77
N ASP B 15 14.99 -31.68 7.48
CA ASP B 15 13.96 -32.58 6.95
C ASP B 15 14.50 -33.68 6.04
N VAL B 16 15.69 -34.19 6.33
CA VAL B 16 16.22 -35.35 5.65
C VAL B 16 16.32 -36.49 6.65
N GLN B 17 16.35 -37.71 6.13
CA GLN B 17 16.31 -38.90 6.97
C GLN B 17 16.97 -40.05 6.23
N ALA B 18 17.03 -41.21 6.87
CA ALA B 18 17.48 -42.41 6.19
C ALA B 18 16.57 -42.69 5.01
N GLY B 19 17.17 -42.95 3.86
CA GLY B 19 16.45 -43.18 2.63
C GLY B 19 16.41 -41.98 1.70
N SER B 20 16.76 -40.80 2.18
CA SER B 20 16.82 -39.63 1.32
C SER B 20 17.88 -39.82 0.25
N VAL B 21 17.59 -39.31 -0.94
CA VAL B 21 18.47 -39.51 -2.08
C VAL B 21 19.53 -38.43 -2.10
N VAL B 22 20.75 -38.81 -2.48
CA VAL B 22 21.84 -37.88 -2.72
C VAL B 22 21.98 -37.76 -4.23
N LEU B 23 21.57 -36.62 -4.78
CA LEU B 23 21.49 -36.43 -6.21
C LEU B 23 22.54 -35.45 -6.69
N TYR B 24 23.25 -35.83 -7.77
CA TYR B 24 24.32 -35.00 -8.32
C TYR B 24 23.76 -33.83 -9.10
N ARG B 25 23.33 -32.82 -8.35
CA ARG B 25 22.99 -31.50 -8.85
C ARG B 25 21.69 -31.48 -9.63
N LYS B 26 21.24 -32.63 -10.14
CA LYS B 26 19.84 -33.06 -10.05
C LYS B 26 19.69 -34.57 -10.18
N PHE B 27 20.76 -35.34 -10.28
CA PHE B 27 20.74 -36.72 -10.74
C PHE B 27 21.15 -37.64 -9.60
N GLU B 28 20.30 -38.62 -9.30
CA GLU B 28 20.47 -39.45 -8.12
C GLU B 28 21.71 -40.33 -8.24
N VAL B 29 22.61 -40.23 -7.26
CA VAL B 29 23.86 -40.98 -7.30
C VAL B 29 24.10 -41.69 -5.97
N GLY B 30 23.10 -41.67 -5.09
CA GLY B 30 23.26 -42.34 -3.81
C GLY B 30 22.07 -42.19 -2.88
N GLU B 31 22.33 -42.23 -1.58
CA GLU B 31 21.26 -42.17 -0.59
C GLU B 31 21.88 -41.95 0.77
N VAL B 32 21.09 -41.39 1.68
CA VAL B 32 21.51 -41.20 3.06
C VAL B 32 21.36 -42.51 3.81
N ILE B 33 22.37 -42.85 4.61
CA ILE B 33 22.37 -44.12 5.34
C ILE B 33 21.67 -43.94 6.68
N THR B 34 22.17 -43.04 7.50
CA THR B 34 21.66 -42.87 8.85
C THR B 34 21.88 -41.43 9.29
N VAL B 35 21.16 -41.05 10.34
CA VAL B 35 21.18 -39.69 10.88
C VAL B 35 21.28 -39.81 12.39
N ARG B 36 22.40 -39.40 12.96
CA ARG B 36 22.68 -39.59 14.37
C ARG B 36 23.43 -38.38 14.91
N PRO B 37 23.31 -38.11 16.21
CA PRO B 37 24.21 -37.15 16.87
C PRO B 37 25.47 -37.82 17.38
N ARG B 38 26.52 -37.02 17.53
CA ARG B 38 27.74 -37.49 18.17
C ARG B 38 27.99 -36.78 19.50
N ALA B 39 28.12 -35.45 19.49
CA ALA B 39 28.03 -34.68 20.73
C ALA B 39 26.89 -33.67 20.68
N ASN B 40 26.91 -32.74 19.72
CA ASN B 40 25.78 -31.86 19.48
C ASN B 40 25.61 -31.66 17.98
N ALA B 41 26.65 -31.96 17.21
CA ALA B 41 26.59 -31.86 15.76
C ALA B 41 26.08 -33.17 15.19
N PHE B 42 24.88 -33.14 14.63
CA PHE B 42 24.21 -34.35 14.14
C PHE B 42 24.89 -34.81 12.86
N ASP B 43 25.61 -35.92 12.93
CA ASP B 43 26.26 -36.49 11.76
C ASP B 43 25.23 -37.09 10.81
N ILE B 44 25.57 -37.09 9.53
CA ILE B 44 24.71 -37.59 8.46
C ILE B 44 25.60 -38.37 7.50
N ASP B 45 25.40 -39.67 7.42
CA ASP B 45 26.27 -40.54 6.63
C ASP B 45 25.65 -40.80 5.27
N LEU B 46 26.47 -40.68 4.23
CA LEU B 46 26.03 -40.87 2.86
C LEU B 46 26.64 -42.13 2.26
N HIS B 47 26.10 -42.53 1.11
CA HIS B 47 26.65 -43.66 0.36
C HIS B 47 26.50 -43.34 -1.12
N ILE B 48 27.58 -42.94 -1.75
CA ILE B 48 27.61 -42.70 -3.19
C ILE B 48 27.88 -44.02 -3.90
N LYS B 49 27.16 -44.26 -4.99
CA LYS B 49 27.35 -45.46 -5.76
C LYS B 49 28.79 -45.51 -6.30
N PRO B 50 29.35 -46.71 -6.47
CA PRO B 50 30.77 -46.80 -6.84
C PRO B 50 31.09 -46.20 -8.21
N GLU B 51 30.14 -46.18 -9.13
CA GLU B 51 30.40 -45.58 -10.44
C GLU B 51 30.33 -44.07 -10.41
N TYR B 52 29.91 -43.47 -9.30
CA TYR B 52 29.86 -42.02 -9.16
C TYR B 52 30.74 -41.52 -8.03
N ARG B 53 31.49 -42.39 -7.37
CA ARG B 53 32.35 -41.97 -6.27
C ARG B 53 33.48 -41.06 -6.72
N ASN B 54 33.68 -40.90 -8.03
CA ASN B 54 34.68 -39.95 -8.52
C ASN B 54 34.12 -38.54 -8.59
N LEU B 55 32.80 -38.39 -8.63
CA LEU B 55 32.16 -37.08 -8.63
C LEU B 55 32.25 -36.40 -7.27
N LEU B 56 32.74 -37.09 -6.26
CA LEU B 56 32.85 -36.53 -4.91
C LEU B 56 34.32 -36.22 -4.66
N THR B 57 34.70 -34.99 -4.95
CA THR B 57 36.08 -34.54 -4.81
C THR B 57 36.21 -33.67 -3.57
N SER B 58 37.42 -33.13 -3.37
CA SER B 58 37.70 -32.36 -2.17
C SER B 58 36.86 -31.10 -2.10
N ASN B 59 36.75 -30.38 -3.20
CA ASN B 59 35.98 -29.13 -3.23
C ASN B 59 34.54 -29.40 -3.65
N SER B 60 33.85 -30.20 -2.85
CA SER B 60 32.44 -30.51 -3.05
C SER B 60 31.66 -30.05 -1.84
N VAL B 61 30.60 -29.28 -2.08
CA VAL B 61 29.77 -28.76 -1.00
C VAL B 61 28.40 -29.42 -1.08
N PHE B 62 27.81 -29.67 0.09
CA PHE B 62 26.54 -30.35 0.19
C PHE B 62 25.51 -29.41 0.77
N TRP B 63 24.26 -29.58 0.35
CA TRP B 63 23.19 -28.73 0.85
C TRP B 63 21.87 -29.47 0.75
N ALA B 64 20.98 -29.21 1.71
CA ALA B 64 19.70 -29.91 1.78
C ALA B 64 18.68 -29.21 0.91
N GLU B 65 18.13 -29.92 -0.06
CA GLU B 65 17.04 -29.39 -0.87
C GLU B 65 15.73 -29.53 -0.10
N GLY B 66 14.63 -29.25 -0.76
CA GLY B 66 13.33 -29.40 -0.16
C GLY B 66 12.58 -28.08 -0.07
N GLY B 67 11.29 -28.18 0.16
CA GLY B 67 10.44 -27.00 0.24
C GLY B 67 9.93 -26.59 -1.12
N ALA B 68 8.75 -25.99 -1.13
CA ALA B 68 8.18 -25.48 -2.36
C ALA B 68 8.95 -24.24 -2.82
N LYS B 69 8.65 -23.80 -4.03
CA LYS B 69 9.33 -22.66 -4.64
C LYS B 69 8.29 -21.62 -5.03
N VAL B 70 7.92 -20.75 -4.08
CA VAL B 70 6.99 -19.67 -4.39
C VAL B 70 7.71 -18.64 -5.26
N GLN B 71 6.94 -17.97 -6.12
CA GLN B 71 7.53 -17.08 -7.12
C GLN B 71 6.51 -15.99 -7.43
N LEU B 72 6.68 -14.82 -6.82
CA LEU B 72 5.74 -13.71 -6.96
C LEU B 72 6.21 -12.83 -8.11
N ASN B 73 5.66 -13.07 -9.30
CA ASN B 73 5.92 -12.29 -10.48
C ASN B 73 4.61 -11.71 -11.00
N GLY B 74 4.66 -11.11 -12.19
CA GLY B 74 3.49 -10.50 -12.77
C GLY B 74 2.40 -11.44 -13.20
N SER B 75 2.57 -12.75 -12.98
CA SER B 75 1.60 -13.75 -13.36
C SER B 75 0.90 -14.39 -12.17
N GLY B 76 1.11 -13.85 -10.97
CA GLY B 76 0.43 -14.38 -9.80
C GLY B 76 1.37 -14.79 -8.68
N LEU B 77 0.95 -15.75 -7.85
CA LEU B 77 1.76 -16.21 -6.73
C LEU B 77 2.60 -17.42 -7.09
N THR B 78 1.98 -18.42 -7.75
CA THR B 78 2.72 -19.48 -8.46
C THR B 78 3.67 -20.23 -7.53
N VAL B 79 3.07 -20.96 -6.59
CA VAL B 79 3.83 -21.90 -5.78
C VAL B 79 4.15 -23.12 -6.63
N GLN B 80 5.39 -23.60 -6.52
CA GLN B 80 5.88 -24.73 -7.30
C GLN B 80 6.38 -25.82 -6.35
N ALA B 81 6.10 -27.06 -6.70
CA ALA B 81 6.45 -28.21 -5.86
C ALA B 81 7.11 -29.28 -6.72
N SER B 82 8.12 -28.86 -7.50
CA SER B 82 8.65 -29.64 -8.62
C SER B 82 8.81 -31.14 -8.37
N PRO B 83 9.41 -31.61 -7.29
CA PRO B 83 9.42 -33.05 -7.06
C PRO B 83 8.31 -33.52 -6.14
N LEU B 84 7.90 -34.78 -6.24
CA LEU B 84 7.13 -35.42 -5.18
C LEU B 84 7.71 -36.78 -4.84
N SER B 85 8.27 -37.47 -5.83
CA SER B 85 8.89 -38.77 -5.54
C SER B 85 10.13 -38.59 -4.69
N ARG B 86 10.76 -37.42 -4.73
CA ARG B 86 11.87 -37.11 -3.85
C ARG B 86 11.51 -36.12 -2.76
N ALA B 87 10.43 -35.33 -2.95
CA ALA B 87 10.05 -34.36 -1.92
C ALA B 87 9.64 -35.05 -0.63
N LEU B 88 8.82 -36.09 -0.73
CA LEU B 88 8.42 -36.84 0.45
C LEU B 88 9.48 -37.84 0.89
N LYS B 89 10.57 -37.93 0.14
CA LYS B 89 11.70 -38.78 0.50
C LYS B 89 12.86 -38.02 1.09
N GLY B 90 12.94 -36.70 0.88
CA GLY B 90 14.09 -35.94 1.31
C GLY B 90 15.23 -36.08 0.31
N ALA B 91 15.98 -35.02 0.08
CA ALA B 91 17.08 -35.05 -0.88
C ALA B 91 18.10 -33.99 -0.51
N ILE B 92 19.35 -34.41 -0.31
CA ILE B 92 20.46 -33.48 -0.20
C ILE B 92 21.25 -33.57 -1.49
N SER B 93 21.67 -32.41 -1.99
CA SER B 93 22.39 -32.32 -3.25
C SER B 93 23.81 -31.88 -3.00
N PHE B 94 24.63 -31.93 -4.04
CA PHE B 94 26.02 -31.50 -3.92
C PHE B 94 26.55 -31.16 -5.31
N ASP B 95 27.71 -30.51 -5.31
CA ASP B 95 28.31 -30.01 -6.53
C ASP B 95 29.77 -29.68 -6.24
N ASN B 96 30.57 -29.60 -7.30
CA ASN B 96 31.98 -29.26 -7.20
C ASN B 96 32.15 -27.79 -7.50
N LEU B 97 32.47 -27.00 -6.48
CA LEU B 97 32.66 -25.57 -6.64
C LEU B 97 34.12 -25.24 -6.87
N SER B 98 34.39 -24.45 -7.91
CA SER B 98 35.74 -24.00 -8.17
C SER B 98 36.12 -22.92 -7.17
N GLY B 99 37.05 -23.24 -6.27
CA GLY B 99 37.46 -22.32 -5.23
C GLY B 99 36.93 -22.63 -3.85
N ALA B 100 36.14 -23.68 -3.69
CA ALA B 100 35.65 -24.08 -2.38
C ALA B 100 36.77 -24.81 -1.64
N SER B 101 36.46 -25.32 -0.45
CA SER B 101 37.42 -26.03 0.39
C SER B 101 38.67 -25.19 0.64
N ALA B 102 38.45 -24.03 1.23
CA ALA B 102 39.55 -23.11 1.49
C ALA B 102 40.13 -23.33 2.89
N SER B 103 39.33 -23.09 3.92
CA SER B 103 39.79 -23.30 5.29
C SER B 103 38.71 -23.86 6.21
N GLN B 104 37.62 -24.40 5.65
CA GLN B 104 36.47 -24.78 6.44
C GLN B 104 35.91 -26.17 6.15
N ARG B 105 36.23 -26.76 5.00
CA ARG B 105 35.75 -28.09 4.67
C ARG B 105 36.76 -29.18 4.99
N LYS B 106 37.95 -28.83 5.44
CA LYS B 106 39.01 -29.79 5.72
C LYS B 106 39.35 -29.79 7.20
N GLY B 107 39.75 -30.95 7.70
CA GLY B 107 40.21 -31.10 9.07
C GLY B 107 39.35 -32.02 9.91
N ASP B 108 38.03 -31.87 9.83
CA ASP B 108 37.12 -32.84 10.43
C ASP B 108 36.23 -33.50 9.38
N LYS B 109 35.44 -32.72 8.64
CA LYS B 109 34.53 -33.21 7.61
C LYS B 109 33.82 -32.00 7.02
N ARG B 110 33.04 -32.26 5.97
CA ARG B 110 32.28 -31.20 5.32
C ARG B 110 31.07 -30.81 6.17
N ILE B 111 30.23 -29.95 5.62
CA ILE B 111 29.05 -29.45 6.31
C ILE B 111 27.87 -29.47 5.36
N LEU B 112 26.72 -29.89 5.86
CA LEU B 112 25.48 -29.87 5.09
C LEU B 112 24.79 -28.53 5.33
N TYR B 113 24.87 -27.64 4.35
CA TYR B 113 24.27 -26.32 4.49
C TYR B 113 22.77 -26.40 4.28
N ALA B 114 22.04 -25.57 5.04
CA ALA B 114 20.59 -25.65 5.07
C ALA B 114 19.94 -25.26 3.76
N SER B 115 20.68 -24.67 2.82
CA SER B 115 20.10 -24.25 1.56
C SER B 115 21.16 -24.24 0.48
N GLU B 116 20.71 -24.10 -0.76
CA GLU B 116 21.63 -24.09 -1.90
C GLU B 116 22.53 -22.88 -1.88
N THR B 117 22.00 -21.73 -1.45
CA THR B 117 22.77 -20.49 -1.50
C THR B 117 23.91 -20.51 -0.50
N ALA B 118 23.63 -20.90 0.75
CA ALA B 118 24.66 -20.89 1.77
C ALA B 118 25.81 -21.82 1.41
N ALA B 119 25.56 -22.85 0.60
CA ALA B 119 26.64 -23.72 0.15
C ALA B 119 27.55 -22.99 -0.83
N ARG B 120 26.99 -22.22 -1.74
CA ARG B 120 27.78 -21.50 -2.74
C ARG B 120 28.61 -20.38 -2.14
N ALA B 121 28.42 -20.06 -0.87
CA ALA B 121 29.08 -18.92 -0.23
C ALA B 121 30.54 -19.25 0.05
N VAL B 122 31.32 -19.36 -1.02
CA VAL B 122 32.74 -19.64 -0.92
C VAL B 122 33.50 -18.48 -1.55
N GLY B 123 34.74 -18.29 -1.10
CA GLY B 123 35.59 -17.26 -1.64
C GLY B 123 36.30 -16.53 -0.52
N GLY B 124 36.82 -15.34 -0.87
CA GLY B 124 37.54 -14.55 0.12
C GLY B 124 36.60 -13.95 1.14
N GLN B 125 37.04 -13.93 2.40
CA GLN B 125 36.23 -13.50 3.51
C GLN B 125 36.62 -12.11 3.95
N ILE B 126 35.63 -11.23 4.12
CA ILE B 126 35.83 -9.86 4.55
C ILE B 126 34.97 -9.61 5.78
N THR B 127 35.29 -8.53 6.49
CA THR B 127 34.57 -8.16 7.71
C THR B 127 34.07 -6.73 7.57
N LEU B 128 32.75 -6.57 7.63
CA LEU B 128 32.11 -5.26 7.58
C LEU B 128 31.73 -4.85 8.98
N HIS B 129 32.33 -3.77 9.47
CA HIS B 129 31.95 -3.19 10.76
C HIS B 129 30.80 -2.21 10.55
N ALA B 130 29.67 -2.47 11.19
CA ALA B 130 28.49 -1.66 11.05
C ALA B 130 28.13 -1.01 12.38
N PHE B 131 27.29 0.00 12.31
CA PHE B 131 26.80 0.67 13.51
C PHE B 131 25.41 0.24 13.91
N ASP B 132 24.72 -0.51 13.04
CA ASP B 132 23.36 -0.95 13.30
C ASP B 132 23.05 -2.10 12.37
N ALA B 133 22.81 -3.28 12.92
CA ALA B 133 22.54 -4.47 12.13
C ALA B 133 21.08 -4.62 11.75
N GLY B 134 20.25 -3.63 12.07
CA GLY B 134 18.84 -3.70 11.71
C GLY B 134 18.60 -3.76 10.23
N LYS B 135 19.54 -3.27 9.42
CA LYS B 135 19.43 -3.34 7.98
C LYS B 135 20.03 -4.62 7.39
N LEU B 136 20.96 -5.26 8.09
CA LEU B 136 21.65 -6.43 7.58
C LEU B 136 20.94 -7.71 8.02
N ALA B 137 21.33 -8.80 7.38
CA ALA B 137 20.77 -10.11 7.65
C ALA B 137 21.70 -11.16 7.08
N VAL B 138 21.73 -12.32 7.73
CA VAL B 138 22.59 -13.41 7.27
C VAL B 138 22.10 -13.88 5.91
N GLY B 139 23.03 -14.04 4.98
CA GLY B 139 22.67 -14.42 3.62
C GLY B 139 22.25 -13.29 2.74
N MET B 140 22.47 -12.05 3.16
CA MET B 140 22.12 -10.90 2.32
C MET B 140 23.13 -10.76 1.19
N PRO B 141 22.68 -10.58 -0.04
CA PRO B 141 23.62 -10.50 -1.15
C PRO B 141 24.37 -9.19 -1.18
N ILE B 142 25.61 -9.26 -1.67
CA ILE B 142 26.45 -8.10 -1.91
C ILE B 142 26.53 -7.92 -3.42
N ARG B 143 25.93 -6.84 -3.91
CA ARG B 143 25.78 -6.65 -5.35
C ARG B 143 26.65 -5.51 -5.84
N TYR B 144 27.10 -5.63 -7.09
CA TYR B 144 27.86 -4.58 -7.76
C TYR B 144 27.27 -4.43 -9.15
N LEU B 145 26.62 -3.29 -9.39
CA LEU B 145 25.88 -3.03 -10.62
C LEU B 145 24.74 -4.02 -10.82
N GLY B 146 24.29 -4.66 -9.74
CA GLY B 146 23.19 -5.61 -9.80
C GLY B 146 23.60 -7.05 -9.91
N ILE B 147 24.89 -7.33 -10.10
CA ILE B 147 25.39 -8.70 -10.16
C ILE B 147 25.97 -9.04 -8.80
N ASP B 148 25.58 -10.20 -8.27
CA ASP B 148 25.98 -10.58 -6.92
C ASP B 148 27.48 -10.85 -6.85
N ILE B 149 28.15 -10.22 -5.89
CA ILE B 149 29.58 -10.35 -5.73
C ILE B 149 29.86 -11.29 -4.56
N GLY B 150 29.00 -11.25 -3.56
CA GLY B 150 29.14 -12.14 -2.43
C GLY B 150 27.90 -12.11 -1.55
N GLN B 151 28.08 -12.25 -0.24
CA GLN B 151 26.96 -12.20 0.68
C GLN B 151 27.48 -12.13 2.11
N ILE B 152 26.57 -11.86 3.03
CA ILE B 152 26.85 -11.80 4.46
C ILE B 152 26.74 -13.20 5.04
N GLN B 153 27.59 -13.50 6.02
CA GLN B 153 27.62 -14.81 6.64
C GLN B 153 27.15 -14.81 8.08
N THR B 154 27.70 -13.93 8.92
CA THR B 154 27.34 -13.87 10.32
C THR B 154 26.96 -12.45 10.69
N LEU B 155 26.45 -12.29 11.92
CA LEU B 155 26.13 -10.98 12.48
C LEU B 155 26.41 -11.06 13.98
N ASP B 156 27.55 -10.52 14.39
CA ASP B 156 27.97 -10.58 15.78
C ASP B 156 27.75 -9.23 16.44
N LEU B 157 27.54 -9.25 17.75
CA LEU B 157 27.35 -8.05 18.54
C LEU B 157 28.55 -7.92 19.48
N ILE B 158 29.57 -7.22 19.01
CA ILE B 158 30.70 -6.86 19.87
C ILE B 158 30.23 -5.75 20.79
N THR B 159 30.15 -6.05 22.09
CA THR B 159 29.70 -5.06 23.05
C THR B 159 30.83 -4.17 23.55
N ALA B 160 32.06 -4.70 23.60
CA ALA B 160 33.20 -3.88 23.98
C ALA B 160 33.34 -2.67 23.05
N ARG B 161 33.57 -2.93 21.77
CA ARG B 161 33.49 -1.89 20.75
C ARG B 161 32.04 -1.87 20.27
N ASN B 162 31.30 -0.80 20.61
CA ASN B 162 29.85 -0.81 20.47
C ASN B 162 29.50 -0.77 18.99
N GLU B 163 29.64 -1.92 18.34
CA GLU B 163 29.42 -2.05 16.91
C GLU B 163 28.99 -3.48 16.62
N VAL B 164 28.64 -3.73 15.37
CA VAL B 164 28.24 -5.05 14.89
C VAL B 164 29.21 -5.47 13.82
N GLN B 165 29.88 -6.61 14.02
CA GLN B 165 30.76 -7.17 13.02
C GLN B 165 29.98 -8.17 12.18
N ALA B 166 29.93 -7.93 10.88
CA ALA B 166 29.19 -8.78 9.95
C ALA B 166 30.18 -9.39 8.97
N LYS B 167 30.61 -10.62 9.25
CA LYS B 167 31.53 -11.30 8.37
C LYS B 167 30.83 -11.62 7.05
N ALA B 168 31.40 -11.15 5.96
CA ALA B 168 30.88 -11.42 4.62
C ALA B 168 31.86 -12.28 3.86
N VAL B 169 31.53 -12.55 2.60
CA VAL B 169 32.39 -13.32 1.72
C VAL B 169 32.20 -12.82 0.31
N LEU B 170 33.31 -12.67 -0.41
CA LEU B 170 33.30 -12.33 -1.83
C LEU B 170 33.67 -13.57 -2.63
N TYR B 171 32.93 -13.83 -3.70
CA TYR B 171 33.20 -14.99 -4.51
C TYR B 171 34.61 -14.89 -5.10
N PRO B 172 35.29 -16.03 -5.31
CA PRO B 172 36.74 -16.00 -5.54
C PRO B 172 37.16 -15.24 -6.77
N GLU B 173 36.24 -14.91 -7.69
CA GLU B 173 36.61 -14.16 -8.88
C GLU B 173 36.58 -12.66 -8.66
N TYR B 174 35.93 -12.19 -7.60
CA TYR B 174 35.84 -10.77 -7.32
C TYR B 174 36.65 -10.33 -6.11
N VAL B 175 37.32 -11.26 -5.42
CA VAL B 175 38.05 -10.90 -4.21
C VAL B 175 39.23 -9.99 -4.52
N GLN B 176 39.69 -9.95 -5.76
CA GLN B 176 40.81 -9.09 -6.11
C GLN B 176 40.36 -7.71 -6.56
N THR B 177 39.27 -7.63 -7.34
CA THR B 177 38.75 -6.33 -7.73
C THR B 177 38.32 -5.52 -6.52
N PHE B 178 37.47 -6.10 -5.68
CA PHE B 178 37.09 -5.48 -4.42
C PHE B 178 38.09 -5.93 -3.36
N ALA B 179 37.77 -5.72 -2.08
CA ALA B 179 38.71 -6.01 -0.99
C ALA B 179 40.01 -5.23 -1.18
N ARG B 180 39.87 -3.97 -1.59
CA ARG B 180 40.97 -3.06 -1.79
C ARG B 180 40.84 -1.90 -0.80
N GLY B 181 41.67 -0.87 -1.00
CA GLY B 181 41.71 0.21 -0.03
C GLY B 181 40.44 1.02 0.01
N GLY B 182 39.88 1.37 -1.15
CA GLY B 182 38.81 2.33 -1.21
C GLY B 182 37.43 1.82 -1.55
N THR B 183 37.12 0.56 -1.28
CA THR B 183 35.77 0.07 -1.55
C THR B 183 34.85 0.41 -0.39
N ARG B 184 33.60 0.69 -0.72
CA ARG B 184 32.59 1.11 0.25
C ARG B 184 31.34 0.29 0.07
N PHE B 185 30.70 -0.04 1.19
CA PHE B 185 29.48 -0.83 1.21
C PHE B 185 28.36 -0.04 1.87
N SER B 186 27.13 -0.35 1.50
CA SER B 186 25.97 0.29 2.10
C SER B 186 24.73 -0.51 1.78
N VAL B 187 23.87 -0.70 2.77
CA VAL B 187 22.60 -1.37 2.55
C VAL B 187 21.69 -0.47 1.73
N VAL B 188 21.12 -1.02 0.66
CA VAL B 188 20.20 -0.28 -0.18
C VAL B 188 18.80 -0.43 0.39
N THR B 189 18.17 0.70 0.69
CA THR B 189 16.87 0.73 1.33
C THR B 189 15.83 1.32 0.39
N PRO B 190 14.56 0.97 0.56
CA PRO B 190 13.52 1.59 -0.27
C PRO B 190 13.33 3.05 0.10
N GLN B 191 13.14 3.89 -0.91
CA GLN B 191 12.97 5.32 -0.72
C GLN B 191 11.59 5.71 -1.23
N ILE B 192 10.61 5.71 -0.33
CA ILE B 192 9.23 6.04 -0.67
C ILE B 192 8.91 7.37 -0.01
N SER B 193 8.83 8.42 -0.82
CA SER B 193 8.50 9.75 -0.34
C SER B 193 7.49 10.38 -1.28
N ALA B 194 7.12 11.63 -1.00
CA ALA B 194 6.22 12.34 -1.87
C ALA B 194 6.85 12.71 -3.20
N ALA B 195 8.18 12.69 -3.28
CA ALA B 195 8.91 13.06 -4.48
C ALA B 195 9.09 11.90 -5.43
N GLY B 196 8.61 10.70 -5.06
CA GLY B 196 8.80 9.54 -5.91
C GLY B 196 9.40 8.38 -5.17
N VAL B 197 9.22 7.17 -5.70
CA VAL B 197 9.73 5.95 -5.07
C VAL B 197 10.86 5.40 -5.91
N GLU B 198 11.74 4.65 -5.25
CA GLU B 198 12.79 3.91 -5.95
C GLU B 198 13.31 2.83 -5.01
N HIS B 199 13.96 1.83 -5.60
CA HIS B 199 14.46 0.66 -4.88
C HIS B 199 13.31 -0.09 -4.20
N LEU B 200 12.21 -0.25 -4.92
CA LEU B 200 11.06 -0.96 -4.36
C LEU B 200 11.30 -2.46 -4.30
N ASP B 201 12.29 -2.98 -5.01
CA ASP B 201 12.63 -4.39 -4.89
C ASP B 201 13.30 -4.70 -3.57
N THR B 202 13.88 -3.70 -2.91
CA THR B 202 14.52 -3.88 -1.62
C THR B 202 13.53 -3.92 -0.46
N ILE B 203 12.23 -3.96 -0.75
CA ILE B 203 11.24 -4.16 0.31
C ILE B 203 11.31 -5.60 0.82
N LEU B 204 11.32 -6.56 -0.10
CA LEU B 204 11.36 -7.97 0.24
C LEU B 204 12.75 -8.58 0.06
N GLN B 205 13.68 -7.85 -0.55
CA GLN B 205 14.99 -8.42 -0.91
C GLN B 205 16.05 -7.32 -0.89
N PRO B 206 16.43 -6.88 0.30
CA PRO B 206 17.48 -5.86 0.39
C PRO B 206 18.87 -6.43 0.16
N TYR B 207 19.76 -5.57 -0.31
CA TYR B 207 21.12 -5.98 -0.65
C TYR B 207 22.09 -4.89 -0.24
N ILE B 208 23.38 -5.22 -0.33
CA ILE B 208 24.46 -4.30 -0.02
C ILE B 208 25.13 -3.91 -1.33
N ASN B 209 25.18 -2.60 -1.59
CA ASN B 209 25.80 -2.09 -2.80
C ASN B 209 27.27 -1.79 -2.56
N VAL B 210 28.06 -1.93 -3.62
CA VAL B 210 29.51 -1.82 -3.54
C VAL B 210 30.01 -0.82 -4.56
N GLU B 211 31.06 -0.10 -4.21
CA GLU B 211 31.78 0.77 -5.13
C GLU B 211 33.24 0.38 -5.05
N PRO B 212 33.85 -0.07 -6.14
CA PRO B 212 35.24 -0.53 -6.08
C PRO B 212 36.19 0.62 -5.80
N GLY B 213 37.41 0.25 -5.40
CA GLY B 213 38.40 1.25 -5.07
C GLY B 213 39.78 0.82 -5.48
N ARG B 214 40.63 1.80 -5.75
CA ARG B 214 42.04 1.56 -6.02
C ARG B 214 42.81 1.68 -4.72
N GLY B 215 43.56 0.64 -4.38
CA GLY B 215 44.28 0.62 -3.13
C GLY B 215 44.80 -0.77 -2.83
N ASN B 216 45.34 -0.91 -1.63
CA ASN B 216 45.95 -2.15 -1.20
C ASN B 216 44.88 -3.10 -0.65
N PRO B 217 45.16 -4.40 -0.66
CA PRO B 217 44.23 -5.36 -0.07
C PRO B 217 43.91 -5.01 1.38
N ARG B 218 42.61 -4.95 1.70
CA ARG B 218 42.15 -4.46 2.99
C ARG B 218 41.47 -5.54 3.82
N ARG B 219 40.45 -6.20 3.27
CA ARG B 219 39.73 -7.31 3.91
C ARG B 219 38.96 -6.91 5.16
N ASP B 220 38.83 -5.62 5.44
CA ASP B 220 38.17 -5.18 6.68
C ASP B 220 37.66 -3.76 6.46
N PHE B 221 36.35 -3.63 6.26
CA PHE B 221 35.76 -2.35 5.90
C PHE B 221 34.75 -1.90 6.95
N GLU B 222 34.05 -0.81 6.62
CA GLU B 222 33.02 -0.25 7.47
C GLU B 222 31.81 0.07 6.62
N LEU B 223 30.64 -0.33 7.09
CA LEU B 223 29.41 -0.07 6.37
C LEU B 223 29.09 1.42 6.38
N GLN B 224 28.59 1.93 5.26
CA GLN B 224 28.33 3.34 5.10
C GLN B 224 26.83 3.57 4.92
N GLU B 225 26.47 4.83 4.69
CA GLU B 225 25.07 5.24 4.58
C GLU B 225 24.62 5.42 3.13
N ALA B 226 25.50 5.83 2.24
CA ALA B 226 25.15 6.02 0.84
C ALA B 226 26.34 5.64 -0.03
N THR B 227 26.04 5.33 -1.29
CA THR B 227 27.05 4.91 -2.25
C THR B 227 26.53 5.24 -3.64
N ILE B 228 27.46 5.46 -4.57
CA ILE B 228 27.09 5.66 -5.96
C ILE B 228 26.61 4.33 -6.52
N THR B 229 25.36 4.31 -6.99
CA THR B 229 24.75 3.04 -7.39
C THR B 229 25.37 2.49 -8.65
N ASP B 230 25.41 3.28 -9.71
CA ASP B 230 25.93 2.85 -11.00
C ASP B 230 27.35 3.34 -11.19
N SER B 231 28.08 2.65 -12.08
CA SER B 231 29.47 2.99 -12.38
C SER B 231 29.60 3.91 -13.58
N ARG B 232 28.61 4.78 -13.82
CA ARG B 232 28.70 5.69 -14.95
C ARG B 232 29.86 6.65 -14.81
N TYR B 233 30.16 7.08 -13.59
CA TYR B 233 31.19 8.08 -13.33
C TYR B 233 32.39 7.52 -12.58
N LEU B 234 32.50 6.19 -12.46
CA LEU B 234 33.65 5.62 -11.78
C LEU B 234 34.95 6.01 -12.47
N ASP B 235 35.13 5.57 -13.70
CA ASP B 235 36.21 6.10 -14.51
C ASP B 235 35.88 7.51 -14.95
N GLY B 236 36.81 8.43 -14.72
CA GLY B 236 36.56 9.82 -15.06
C GLY B 236 37.32 10.78 -14.19
N LEU B 237 37.20 12.07 -14.49
CA LEU B 237 37.94 13.09 -13.76
C LEU B 237 37.37 13.24 -12.36
N SER B 238 38.22 13.08 -11.36
CA SER B 238 37.82 13.16 -9.96
C SER B 238 38.42 14.40 -9.33
N ILE B 239 37.64 15.48 -9.29
CA ILE B 239 38.10 16.78 -8.80
C ILE B 239 37.43 17.05 -7.46
N ILE B 240 37.88 18.12 -6.82
CA ILE B 240 37.47 18.46 -5.47
C ILE B 240 37.17 19.96 -5.43
N VAL B 241 35.98 20.32 -4.96
CA VAL B 241 35.61 21.71 -4.75
C VAL B 241 35.52 21.97 -3.25
N GLU B 242 35.94 23.14 -2.83
CA GLU B 242 35.96 23.52 -1.43
C GLU B 242 34.82 24.49 -1.17
N ALA B 243 34.10 24.26 -0.07
CA ALA B 243 32.99 25.10 0.31
C ALA B 243 33.08 25.43 1.79
N PRO B 244 32.59 26.60 2.20
CA PRO B 244 32.52 26.91 3.63
C PRO B 244 31.40 26.20 4.36
N GLU B 245 30.57 25.45 3.65
CA GLU B 245 29.43 24.75 4.25
C GLU B 245 28.87 23.77 3.23
N ALA B 246 28.56 22.55 3.68
CA ALA B 246 27.98 21.55 2.79
C ALA B 246 26.49 21.78 2.61
N GLY B 247 25.73 21.72 3.71
CA GLY B 247 24.31 21.99 3.65
C GLY B 247 23.52 20.97 2.86
N SER B 248 23.05 21.37 1.69
CA SER B 248 22.16 20.55 0.87
C SER B 248 22.89 19.51 0.03
N LEU B 249 24.20 19.47 0.07
CA LEU B 249 24.95 18.50 -0.72
C LEU B 249 24.99 17.15 -0.02
N GLY B 250 25.07 16.10 -0.82
CA GLY B 250 25.19 14.75 -0.31
C GLY B 250 25.79 13.87 -1.38
N ILE B 251 26.13 12.65 -0.99
CA ILE B 251 26.68 11.69 -1.94
C ILE B 251 25.63 11.37 -2.99
N GLY B 252 25.98 11.53 -4.26
CA GLY B 252 25.09 11.23 -5.36
C GLY B 252 24.36 12.44 -5.92
N THR B 253 24.49 13.61 -5.32
CA THR B 253 23.88 14.80 -5.89
C THR B 253 24.53 15.09 -7.25
N PRO B 254 23.74 15.44 -8.26
CA PRO B 254 24.29 15.57 -9.61
C PRO B 254 25.17 16.80 -9.75
N VAL B 255 26.04 16.74 -10.74
CA VAL B 255 26.89 17.86 -11.15
C VAL B 255 26.45 18.27 -12.53
N LEU B 256 25.99 19.52 -12.67
CA LEU B 256 25.30 19.96 -13.87
C LEU B 256 26.19 20.86 -14.71
N PHE B 257 26.04 20.74 -16.03
CA PHE B 257 26.62 21.67 -16.99
C PHE B 257 25.55 22.02 -18.00
N ARG B 258 25.16 23.29 -18.04
CA ARG B 258 24.03 23.76 -18.85
C ARG B 258 22.74 23.04 -18.50
N GLY B 259 22.67 22.41 -17.33
CA GLY B 259 21.48 21.72 -16.90
C GLY B 259 21.49 20.22 -17.08
N LEU B 260 22.55 19.66 -17.64
CA LEU B 260 22.66 18.22 -17.85
C LEU B 260 23.52 17.60 -16.77
N GLU B 261 23.11 16.42 -16.29
CA GLU B 261 23.93 15.70 -15.32
C GLU B 261 25.22 15.25 -15.97
N VAL B 262 26.34 15.58 -15.34
CA VAL B 262 27.66 15.35 -15.93
C VAL B 262 28.51 14.58 -14.94
N GLY B 263 28.17 14.67 -13.67
CA GLY B 263 28.92 14.00 -12.64
C GLY B 263 28.09 13.86 -11.38
N THR B 264 28.75 13.41 -10.32
CA THR B 264 28.11 13.23 -9.03
C THR B 264 29.05 13.67 -7.92
N VAL B 265 28.49 13.88 -6.74
CA VAL B 265 29.27 14.11 -5.54
C VAL B 265 29.52 12.76 -4.89
N THR B 266 30.79 12.39 -4.77
CA THR B 266 31.16 11.07 -4.28
C THR B 266 31.61 11.06 -2.83
N GLY B 267 31.65 12.21 -2.17
CA GLY B 267 32.04 12.26 -0.78
C GLY B 267 32.16 13.68 -0.30
N MET B 268 32.02 13.84 1.01
CA MET B 268 32.13 15.16 1.65
C MET B 268 32.95 14.98 2.92
N THR B 269 34.24 15.29 2.84
CA THR B 269 35.13 15.22 3.98
C THR B 269 35.15 16.59 4.65
N LEU B 270 36.09 16.80 5.57
CA LEU B 270 36.22 18.07 6.26
C LEU B 270 37.60 18.71 6.12
N GLY B 271 38.57 18.02 5.53
CA GLY B 271 39.90 18.57 5.36
C GLY B 271 40.73 18.49 6.62
N THR B 272 42.04 18.64 6.44
CA THR B 272 42.96 18.58 7.57
C THR B 272 42.65 19.67 8.58
N LEU B 273 42.82 20.93 8.18
CA LEU B 273 42.34 22.05 8.98
C LEU B 273 40.84 22.15 8.81
N SER B 274 40.10 21.87 9.88
CA SER B 274 38.64 21.75 9.78
C SER B 274 37.99 23.10 9.58
N ASP B 275 38.14 23.66 8.37
CA ASP B 275 37.51 24.93 8.05
C ASP B 275 36.89 24.96 6.65
N ARG B 276 36.95 23.86 5.90
CA ARG B 276 36.44 23.83 4.54
C ARG B 276 35.96 22.43 4.24
N VAL B 277 34.68 22.27 3.93
CA VAL B 277 34.18 20.99 3.47
C VAL B 277 34.75 20.73 2.08
N MET B 278 35.41 19.59 1.91
CA MET B 278 36.05 19.22 0.65
C MET B 278 35.13 18.27 -0.10
N ILE B 279 34.30 18.82 -0.97
CA ILE B 279 33.34 18.03 -1.74
C ILE B 279 34.09 17.35 -2.88
N ALA B 280 34.16 16.03 -2.85
CA ALA B 280 34.78 15.26 -3.91
C ALA B 280 33.75 14.91 -4.96
N MET B 281 34.10 15.12 -6.23
CA MET B 281 33.21 14.84 -7.34
C MET B 281 33.91 13.96 -8.37
N ARG B 282 33.11 13.39 -9.27
CA ARG B 282 33.61 12.62 -10.40
C ARG B 282 32.87 13.06 -11.64
N ILE B 283 33.57 13.75 -12.53
CA ILE B 283 33.01 14.11 -13.83
C ILE B 283 33.14 12.92 -14.77
N SER B 284 32.11 12.68 -15.56
CA SER B 284 32.12 11.55 -16.47
C SER B 284 33.27 11.66 -17.47
N LYS B 285 33.75 10.52 -17.93
CA LYS B 285 34.80 10.51 -18.94
C LYS B 285 34.30 11.00 -20.29
N ARG B 286 32.98 11.14 -20.45
CA ARG B 286 32.44 11.64 -21.70
C ARG B 286 32.44 13.16 -21.75
N TYR B 287 32.27 13.81 -20.60
CA TYR B 287 32.28 15.27 -20.49
C TYR B 287 33.47 15.77 -19.70
N GLN B 288 34.53 14.95 -19.61
CA GLN B 288 35.71 15.33 -18.86
C GLN B 288 36.38 16.56 -19.46
N HIS B 289 36.22 16.77 -20.77
CA HIS B 289 36.84 17.89 -21.46
C HIS B 289 36.19 19.24 -21.13
N LEU B 290 35.21 19.27 -20.24
CA LEU B 290 34.56 20.51 -19.88
C LEU B 290 35.16 21.17 -18.66
N VAL B 291 35.90 20.42 -17.84
CA VAL B 291 36.44 20.95 -16.59
C VAL B 291 37.77 21.59 -16.94
N ARG B 292 37.72 22.86 -17.34
CA ARG B 292 38.94 23.57 -17.62
C ARG B 292 39.55 24.09 -16.32
N ASN B 293 40.83 24.47 -16.41
CA ASN B 293 41.57 24.86 -15.21
C ASN B 293 41.05 26.15 -14.59
N ASN B 294 40.21 26.90 -15.29
CA ASN B 294 39.65 28.14 -14.78
C ASN B 294 38.13 28.07 -14.65
N SER B 295 37.58 26.87 -14.52
CA SER B 295 36.13 26.73 -14.37
C SER B 295 35.69 27.16 -12.98
N VAL B 296 34.55 27.83 -12.92
CA VAL B 296 33.96 28.28 -11.66
C VAL B 296 32.77 27.41 -11.34
N PHE B 297 32.70 26.94 -10.10
CA PHE B 297 31.61 26.10 -9.64
C PHE B 297 30.71 26.90 -8.72
N TRP B 298 29.41 26.64 -8.81
CA TRP B 298 28.45 27.33 -7.96
C TRP B 298 27.37 26.35 -7.54
N LEU B 299 26.58 26.77 -6.56
CA LEU B 299 25.67 25.89 -5.84
C LEU B 299 24.25 26.09 -6.37
N ALA B 300 23.81 25.18 -7.23
CA ALA B 300 22.44 25.17 -7.72
C ALA B 300 21.66 24.17 -6.86
N SER B 301 21.33 24.61 -5.64
CA SER B 301 20.63 23.78 -4.68
C SER B 301 19.31 24.45 -4.32
N GLY B 302 18.21 23.71 -4.48
CA GLY B 302 16.91 24.28 -4.20
C GLY B 302 16.52 25.34 -5.22
N TYR B 303 15.56 26.17 -4.82
CA TYR B 303 15.10 27.27 -5.64
C TYR B 303 15.62 28.59 -5.07
N SER B 304 15.88 29.54 -5.95
CA SER B 304 16.38 30.86 -5.57
C SER B 304 15.53 31.91 -6.30
N LEU B 305 14.42 32.31 -5.68
CA LEU B 305 13.49 33.23 -6.31
C LEU B 305 14.07 34.64 -6.41
N ASP B 306 13.64 35.36 -7.43
CA ASP B 306 14.13 36.70 -7.72
C ASP B 306 13.42 37.74 -6.86
N PHE B 307 13.83 39.00 -7.02
CA PHE B 307 13.15 40.13 -6.38
C PHE B 307 13.56 41.40 -7.10
N GLY B 308 12.60 42.06 -7.74
CA GLY B 308 12.86 43.28 -8.47
C GLY B 308 12.06 44.43 -7.91
N LEU B 309 12.51 45.65 -8.22
CA LEU B 309 11.87 46.84 -7.68
C LEU B 309 10.64 47.23 -8.48
N THR B 310 10.82 47.58 -9.75
CA THR B 310 9.70 48.02 -10.57
C THR B 310 9.06 46.85 -11.30
N GLY B 311 9.86 46.04 -11.99
CA GLY B 311 9.37 44.85 -12.65
C GLY B 311 10.14 43.63 -12.21
N GLY B 312 9.44 42.66 -11.63
CA GLY B 312 10.09 41.49 -11.10
C GLY B 312 9.38 40.20 -11.47
N VAL B 313 10.11 39.29 -12.09
CA VAL B 313 9.57 37.97 -12.42
C VAL B 313 10.19 36.96 -11.47
N VAL B 314 9.38 36.02 -11.00
CA VAL B 314 9.85 34.95 -10.12
C VAL B 314 9.86 33.65 -10.91
N LYS B 315 10.85 32.81 -10.62
CA LYS B 315 11.03 31.54 -11.31
C LYS B 315 10.97 30.41 -10.29
N THR B 316 10.39 29.29 -10.69
CA THR B 316 10.34 28.13 -9.81
C THR B 316 10.95 26.88 -10.43
N GLY B 317 10.79 26.66 -11.73
CA GLY B 317 11.31 25.45 -12.33
C GLY B 317 10.69 24.21 -11.71
N THR B 318 11.35 23.08 -11.93
CA THR B 318 10.94 21.83 -11.30
C THR B 318 12.15 20.98 -10.88
N PHE B 319 13.25 21.64 -10.52
CA PHE B 319 14.53 20.96 -10.38
C PHE B 319 14.50 19.89 -9.30
N ASN B 320 15.17 18.77 -9.57
CA ASN B 320 15.48 17.79 -8.55
C ASN B 320 16.56 18.28 -7.59
N GLN B 321 17.13 19.46 -7.85
CA GLN B 321 18.02 20.10 -6.89
C GLN B 321 17.31 20.47 -5.61
N PHE B 322 15.98 20.57 -5.64
CA PHE B 322 15.22 20.65 -4.40
C PHE B 322 15.09 19.29 -3.74
N ILE B 323 15.46 18.22 -4.44
CA ILE B 323 15.52 16.89 -3.85
C ILE B 323 16.97 16.48 -3.57
N ARG B 324 17.84 16.65 -4.55
CA ARG B 324 19.27 16.41 -4.40
C ARG B 324 19.99 17.67 -4.88
N GLY B 325 20.49 18.47 -3.94
CA GLY B 325 21.10 19.75 -4.27
C GLY B 325 22.24 19.64 -5.27
N GLY B 326 22.01 20.14 -6.48
CA GLY B 326 23.01 20.03 -7.51
C GLY B 326 24.13 21.05 -7.38
N ILE B 327 25.21 20.79 -8.11
CA ILE B 327 26.31 21.72 -8.29
C ILE B 327 26.46 21.95 -9.79
N ALA B 328 26.63 23.20 -10.20
CA ALA B 328 26.64 23.56 -11.61
C ALA B 328 28.03 24.00 -12.06
N PHE B 329 28.27 23.85 -13.35
CA PHE B 329 29.51 24.21 -14.01
C PHE B 329 29.46 25.63 -14.55
N ALA B 330 30.60 26.07 -15.06
CA ALA B 330 30.75 27.22 -15.95
C ALA B 330 32.19 27.30 -16.38
N THR B 331 32.41 27.76 -17.60
CA THR B 331 33.75 28.08 -18.09
C THR B 331 33.73 29.50 -18.61
N PRO B 332 34.43 30.46 -17.99
CA PRO B 332 34.36 31.83 -18.47
C PRO B 332 34.98 31.95 -19.85
N PRO B 333 34.60 32.96 -20.62
CA PRO B 333 35.11 33.06 -22.00
C PRO B 333 36.58 33.37 -22.04
N GLY B 334 37.22 32.97 -23.14
CA GLY B 334 38.62 33.21 -23.35
C GLY B 334 39.14 32.50 -24.59
N THR B 335 39.97 33.17 -25.37
CA THR B 335 40.47 32.59 -26.61
C THR B 335 41.60 31.58 -26.36
N PRO B 336 42.60 31.88 -25.51
CA PRO B 336 43.54 30.79 -25.16
C PRO B 336 43.00 29.95 -24.01
N LEU B 337 42.19 28.95 -24.36
CA LEU B 337 41.53 28.11 -23.35
C LEU B 337 42.53 27.57 -22.34
N ALA B 338 42.12 27.60 -21.07
CA ALA B 338 42.96 27.09 -20.01
C ALA B 338 43.10 25.57 -20.14
N PRO B 339 44.18 24.99 -19.64
CA PRO B 339 44.39 23.55 -19.78
C PRO B 339 43.31 22.76 -19.07
N LYS B 340 43.16 21.51 -19.49
CA LYS B 340 42.20 20.62 -18.85
C LYS B 340 42.61 20.36 -17.41
N ALA B 341 41.62 20.23 -16.54
CA ALA B 341 41.90 20.02 -15.13
C ALA B 341 42.44 18.61 -14.89
N GLN B 342 43.42 18.52 -13.99
CA GLN B 342 44.02 17.25 -13.63
C GLN B 342 43.16 16.58 -12.56
N GLU B 343 43.59 15.38 -12.14
CA GLU B 343 42.81 14.64 -11.15
C GLU B 343 42.73 15.39 -9.83
N GLY B 344 43.86 15.57 -9.16
CA GLY B 344 43.85 16.23 -7.88
C GLY B 344 43.77 17.75 -7.99
N LYS B 345 42.62 18.25 -8.41
CA LYS B 345 42.43 19.68 -8.62
C LYS B 345 41.42 20.20 -7.61
N HIS B 346 41.70 21.37 -7.05
CA HIS B 346 40.87 21.97 -6.01
C HIS B 346 40.26 23.27 -6.53
N PHE B 347 38.94 23.31 -6.59
CA PHE B 347 38.21 24.50 -6.98
C PHE B 347 37.62 25.17 -5.73
N LEU B 348 36.81 26.21 -5.95
CA LEU B 348 36.14 26.92 -4.87
C LEU B 348 34.71 27.19 -5.27
N LEU B 349 33.76 26.83 -4.40
CA LEU B 349 32.36 27.12 -4.67
C LEU B 349 32.13 28.61 -4.59
N GLN B 350 31.84 29.22 -5.74
CA GLN B 350 31.46 30.63 -5.79
C GLN B 350 29.94 30.69 -5.66
N GLU B 351 29.47 31.01 -4.46
CA GLU B 351 28.03 30.97 -4.15
C GLU B 351 27.20 31.96 -4.95
N SER B 352 27.80 32.76 -5.81
CA SER B 352 27.10 33.88 -6.43
C SER B 352 26.33 33.52 -7.68
N GLU B 353 26.59 32.35 -8.29
CA GLU B 353 26.02 32.04 -9.61
C GLU B 353 26.35 33.17 -10.59
N PRO B 354 27.57 33.21 -11.14
CA PRO B 354 27.98 34.32 -12.01
C PRO B 354 26.88 34.79 -12.95
N LYS B 355 26.51 36.07 -12.84
CA LYS B 355 25.26 36.54 -13.40
C LYS B 355 25.26 36.47 -14.92
N GLU B 356 26.40 36.69 -15.56
CA GLU B 356 26.50 36.69 -17.02
C GLU B 356 26.86 35.31 -17.56
N TRP B 357 26.51 34.25 -16.85
CA TRP B 357 26.88 32.90 -17.24
C TRP B 357 26.22 32.48 -18.55
N ARG B 358 24.90 32.69 -18.65
CA ARG B 358 24.15 32.14 -19.78
C ARG B 358 24.56 32.74 -21.11
N GLU B 359 25.23 33.89 -21.11
CA GLU B 359 25.67 34.52 -22.35
C GLU B 359 27.14 34.26 -22.64
N TRP B 360 27.80 33.41 -21.86
CA TRP B 360 29.23 33.19 -22.04
C TRP B 360 29.51 32.47 -23.36
N GLY B 361 28.87 31.33 -23.58
CA GLY B 361 29.02 30.62 -24.84
C GLY B 361 30.45 30.24 -25.17
N THR B 362 31.22 29.81 -24.17
CA THR B 362 32.58 29.38 -24.40
C THR B 362 32.61 28.16 -25.29
N ALA B 363 33.45 28.18 -26.32
CA ALA B 363 33.61 27.04 -27.22
C ALA B 363 34.61 26.06 -26.62
N LEU B 364 34.12 24.88 -26.23
CA LEU B 364 34.94 23.84 -25.61
C LEU B 364 34.98 22.65 -26.55
N PRO B 365 35.98 22.56 -27.43
CA PRO B 365 36.05 21.44 -28.37
C PRO B 365 36.41 20.16 -27.65
N LYS B 366 36.16 19.05 -28.33
CA LYS B 366 36.46 17.73 -27.80
C LYS B 366 37.85 17.26 -28.18
N LEU C 1 -36.60 -45.53 -4.17
CA LEU C 1 -36.39 -44.10 -4.34
C LEU C 1 -37.15 -43.31 -3.29
N PRO C 2 -36.44 -42.43 -2.58
CA PRO C 2 -37.09 -41.65 -1.52
C PRO C 2 -38.16 -40.73 -2.08
N THR C 3 -39.09 -40.35 -1.20
CA THR C 3 -40.19 -39.47 -1.58
C THR C 3 -39.76 -38.01 -1.51
N THR C 4 -40.14 -37.26 -2.55
CA THR C 4 -39.74 -35.86 -2.70
C THR C 4 -40.52 -35.01 -1.70
N THR C 5 -39.82 -34.48 -0.69
CA THR C 5 -40.49 -33.63 0.29
C THR C 5 -40.86 -32.27 -0.30
N VAL C 6 -39.91 -31.61 -0.94
CA VAL C 6 -40.14 -30.32 -1.61
C VAL C 6 -39.43 -30.37 -2.95
N SER C 7 -39.95 -29.59 -3.91
CA SER C 7 -39.42 -29.56 -5.27
C SER C 7 -39.14 -28.11 -5.63
N LEU C 8 -37.88 -27.80 -5.91
CA LEU C 8 -37.45 -26.45 -6.21
C LEU C 8 -37.52 -26.18 -7.71
N SER C 9 -36.97 -25.06 -8.16
CA SER C 9 -36.99 -24.71 -9.57
C SER C 9 -35.98 -23.60 -9.82
N ALA C 10 -35.16 -23.76 -10.86
CA ALA C 10 -34.15 -22.76 -11.16
C ALA C 10 -33.57 -22.97 -12.56
N GLU C 11 -33.51 -21.91 -13.35
CA GLU C 11 -32.68 -21.93 -14.54
C GLU C 11 -31.23 -21.83 -14.09
N THR C 12 -30.34 -22.49 -14.83
CA THR C 12 -28.92 -22.56 -14.48
C THR C 12 -28.74 -23.07 -13.05
N LEU C 13 -29.12 -24.33 -12.84
CA LEU C 13 -29.02 -24.94 -11.53
C LEU C 13 -27.61 -24.76 -10.97
N PRO C 14 -27.48 -24.27 -9.74
CA PRO C 14 -26.16 -23.84 -9.24
C PRO C 14 -25.36 -24.98 -8.61
N ASP C 15 -24.77 -25.82 -9.46
CA ASP C 15 -23.82 -26.85 -9.05
C ASP C 15 -24.45 -27.84 -8.06
N VAL C 16 -25.52 -28.50 -8.50
CA VAL C 16 -26.17 -29.52 -7.71
C VAL C 16 -26.38 -30.75 -8.58
N GLN C 17 -26.33 -31.92 -7.95
CA GLN C 17 -26.49 -33.18 -8.67
C GLN C 17 -27.51 -34.05 -7.95
N ALA C 18 -27.63 -35.29 -8.40
CA ALA C 18 -28.37 -36.30 -7.66
C ALA C 18 -27.46 -36.81 -6.54
N GLY C 19 -27.82 -36.52 -5.30
CA GLY C 19 -26.99 -36.90 -4.16
C GLY C 19 -26.36 -35.73 -3.43
N SER C 20 -26.59 -34.48 -3.85
CA SER C 20 -26.07 -33.35 -3.12
C SER C 20 -26.73 -33.27 -1.74
N VAL C 21 -25.95 -32.90 -0.75
CA VAL C 21 -26.45 -32.89 0.62
C VAL C 21 -27.28 -31.64 0.86
N VAL C 22 -28.36 -31.79 1.61
CA VAL C 22 -29.24 -30.68 1.98
C VAL C 22 -29.10 -30.47 3.49
N LEU C 23 -28.51 -29.36 3.88
CA LEU C 23 -28.15 -29.14 5.27
C LEU C 23 -28.86 -27.91 5.81
N TYR C 24 -29.29 -27.99 7.07
CA TYR C 24 -30.02 -26.90 7.72
C TYR C 24 -29.02 -25.88 8.27
N ARG C 25 -28.39 -25.19 7.31
CA ARG C 25 -27.53 -24.03 7.53
C ARG C 25 -26.19 -24.41 8.15
N LYS C 26 -26.12 -25.55 8.82
CA LYS C 26 -24.83 -26.13 9.20
C LYS C 26 -24.85 -27.65 9.32
N PHE C 27 -25.97 -28.30 9.06
CA PHE C 27 -26.23 -29.63 9.62
C PHE C 27 -27.08 -30.41 8.62
N GLU C 28 -26.54 -31.52 8.10
CA GLU C 28 -27.20 -32.23 7.02
C GLU C 28 -28.51 -32.84 7.49
N VAL C 29 -29.59 -32.55 6.76
CA VAL C 29 -30.92 -33.02 7.10
C VAL C 29 -31.64 -33.62 5.91
N GLY C 30 -30.94 -33.91 4.82
CA GLY C 30 -31.61 -34.45 3.66
C GLY C 30 -30.63 -34.69 2.53
N GLU C 31 -31.19 -34.77 1.32
CA GLU C 31 -30.40 -35.09 0.13
C GLU C 31 -31.24 -34.76 -1.09
N VAL C 32 -30.56 -34.40 -2.18
CA VAL C 32 -31.21 -34.13 -3.46
C VAL C 32 -31.40 -35.46 -4.18
N ILE C 33 -32.61 -35.67 -4.70
CA ILE C 33 -32.95 -36.93 -5.33
C ILE C 33 -32.66 -36.89 -6.83
N THR C 34 -33.36 -36.01 -7.54
CA THR C 34 -33.33 -36.00 -8.99
C THR C 34 -33.31 -34.58 -9.51
N VAL C 35 -32.82 -34.43 -10.73
CA VAL C 35 -32.78 -33.16 -11.44
C VAL C 35 -33.33 -33.39 -12.84
N ARG C 36 -34.46 -32.78 -13.15
CA ARG C 36 -35.12 -32.98 -14.44
C ARG C 36 -35.46 -31.62 -15.05
N PRO C 37 -35.01 -31.33 -16.26
CA PRO C 37 -35.47 -30.11 -16.94
C PRO C 37 -36.92 -30.26 -17.37
N ARG C 38 -37.63 -29.13 -17.41
CA ARG C 38 -39.03 -29.15 -17.79
C ARG C 38 -39.30 -28.44 -19.12
N ALA C 39 -39.07 -27.13 -19.18
CA ALA C 39 -39.09 -26.42 -20.46
C ALA C 39 -37.78 -25.67 -20.69
N ASN C 40 -37.40 -24.80 -19.76
CA ASN C 40 -36.13 -24.12 -19.78
C ASN C 40 -35.54 -23.98 -18.39
N ALA C 41 -36.20 -24.52 -17.37
CA ALA C 41 -35.71 -24.58 -16.01
C ALA C 41 -35.54 -26.03 -15.60
N PHE C 42 -35.18 -26.25 -14.35
CA PHE C 42 -34.95 -27.59 -13.83
C PHE C 42 -35.77 -27.81 -12.57
N ASP C 43 -36.32 -29.00 -12.43
CA ASP C 43 -36.94 -29.43 -11.18
C ASP C 43 -35.89 -30.12 -10.33
N ILE C 44 -35.70 -29.64 -9.12
CA ILE C 44 -34.72 -30.17 -8.19
C ILE C 44 -35.51 -30.73 -7.01
N ASP C 45 -35.48 -32.04 -6.84
CA ASP C 45 -36.32 -32.70 -5.85
C ASP C 45 -35.49 -33.00 -4.61
N LEU C 46 -35.91 -32.47 -3.47
CA LEU C 46 -35.23 -32.69 -2.20
C LEU C 46 -35.94 -33.77 -1.40
N HIS C 47 -35.22 -34.34 -0.44
CA HIS C 47 -35.79 -35.32 0.47
C HIS C 47 -35.27 -35.03 1.87
N ILE C 48 -36.08 -34.38 2.69
CA ILE C 48 -35.73 -34.13 4.08
C ILE C 48 -36.06 -35.38 4.89
N LYS C 49 -35.16 -35.75 5.79
CA LYS C 49 -35.39 -36.89 6.65
C LYS C 49 -36.66 -36.68 7.48
N PRO C 50 -37.42 -37.74 7.76
CA PRO C 50 -38.75 -37.55 8.36
C PRO C 50 -38.73 -36.89 9.72
N GLU C 51 -37.63 -36.98 10.47
CA GLU C 51 -37.55 -36.35 11.78
C GLU C 51 -37.07 -34.91 11.72
N TYR C 52 -36.87 -34.37 10.52
CA TYR C 52 -36.51 -32.97 10.36
C TYR C 52 -37.49 -32.22 9.47
N ARG C 53 -38.55 -32.86 9.00
CA ARG C 53 -39.51 -32.20 8.12
C ARG C 53 -40.18 -31.00 8.77
N ASN C 54 -40.09 -30.85 10.09
CA ASN C 54 -40.66 -29.69 10.75
C ASN C 54 -39.85 -28.43 10.48
N LEU C 55 -38.57 -28.57 10.13
CA LEU C 55 -37.76 -27.40 9.81
C LEU C 55 -38.17 -26.76 8.50
N LEU C 56 -38.89 -27.49 7.64
CA LEU C 56 -39.31 -26.99 6.34
C LEU C 56 -40.70 -26.37 6.51
N THR C 57 -40.73 -25.05 6.65
CA THR C 57 -41.99 -24.32 6.79
C THR C 57 -42.37 -23.69 5.47
N SER C 58 -43.42 -22.86 5.49
CA SER C 58 -43.84 -22.19 4.27
C SER C 58 -42.84 -21.13 3.85
N ASN C 59 -42.40 -20.30 4.80
CA ASN C 59 -41.43 -19.25 4.51
C ASN C 59 -40.00 -19.76 4.69
N SER C 60 -39.63 -20.68 3.81
CA SER C 60 -38.27 -21.23 3.76
C SER C 60 -37.65 -20.84 2.42
N VAL C 61 -36.36 -20.53 2.45
CA VAL C 61 -35.64 -20.14 1.25
C VAL C 61 -34.43 -21.04 1.10
N PHE C 62 -34.23 -21.55 -0.11
CA PHE C 62 -33.17 -22.48 -0.39
C PHE C 62 -32.10 -21.81 -1.25
N TRP C 63 -30.85 -22.23 -1.08
CA TRP C 63 -29.78 -21.67 -1.87
C TRP C 63 -28.64 -22.66 -1.96
N ALA C 64 -27.91 -22.61 -3.06
CA ALA C 64 -26.79 -23.51 -3.27
C ALA C 64 -25.53 -22.98 -2.60
N GLU C 65 -24.66 -23.90 -2.19
CA GLU C 65 -23.41 -23.54 -1.56
C GLU C 65 -22.19 -24.07 -2.28
N GLY C 66 -22.33 -25.01 -3.21
CA GLY C 66 -21.17 -25.54 -3.88
C GLY C 66 -20.37 -26.44 -2.97
N GLY C 67 -19.14 -26.70 -3.40
CA GLY C 67 -18.23 -27.59 -2.70
C GLY C 67 -17.44 -26.90 -1.62
N ALA C 68 -16.26 -27.44 -1.33
CA ALA C 68 -15.43 -26.93 -0.26
C ALA C 68 -14.97 -25.51 -0.53
N LYS C 69 -14.89 -24.71 0.53
CA LYS C 69 -14.35 -23.37 0.45
C LYS C 69 -13.35 -23.17 1.57
N VAL C 70 -12.34 -22.34 1.32
CA VAL C 70 -11.19 -22.21 2.20
C VAL C 70 -11.06 -20.76 2.66
N GLN C 71 -12.21 -20.10 2.86
CA GLN C 71 -12.27 -18.72 3.31
C GLN C 71 -11.17 -18.37 4.30
N LEU C 72 -10.43 -17.30 4.01
CA LEU C 72 -9.31 -16.85 4.83
C LEU C 72 -9.52 -15.38 5.15
N ASN C 73 -9.83 -15.08 6.41
CA ASN C 73 -10.13 -13.72 6.83
C ASN C 73 -9.68 -13.56 8.28
N GLY C 74 -10.18 -12.52 8.95
CA GLY C 74 -9.80 -12.24 10.32
C GLY C 74 -10.11 -13.36 11.29
N SER C 75 -11.04 -14.23 10.95
CA SER C 75 -11.42 -15.35 11.81
C SER C 75 -10.51 -16.55 11.63
N GLY C 76 -9.31 -16.36 11.08
CA GLY C 76 -8.41 -17.46 10.82
C GLY C 76 -8.63 -18.04 9.44
N LEU C 77 -8.33 -19.34 9.33
CA LEU C 77 -8.52 -20.08 8.09
C LEU C 77 -9.60 -21.12 8.35
N THR C 78 -10.82 -20.81 7.91
CA THR C 78 -11.95 -21.70 8.09
C THR C 78 -12.21 -22.50 6.83
N VAL C 79 -12.04 -23.81 6.90
CA VAL C 79 -12.34 -24.72 5.82
C VAL C 79 -13.77 -25.22 6.01
N GLN C 80 -14.52 -25.33 4.92
CA GLN C 80 -15.90 -25.78 4.96
C GLN C 80 -16.07 -26.94 3.98
N ALA C 81 -15.79 -28.15 4.46
CA ALA C 81 -16.09 -29.36 3.70
C ALA C 81 -16.63 -30.44 4.64
N SER C 82 -17.41 -30.03 5.63
CA SER C 82 -17.68 -30.87 6.80
C SER C 82 -18.42 -32.15 6.46
N PRO C 83 -19.40 -32.16 5.55
CA PRO C 83 -19.86 -33.45 5.04
C PRO C 83 -19.14 -33.80 3.75
N LEU C 84 -18.80 -35.08 3.62
CA LEU C 84 -18.06 -35.52 2.44
C LEU C 84 -18.86 -35.32 1.15
N SER C 85 -20.19 -35.29 1.24
CA SER C 85 -21.02 -35.12 0.06
C SER C 85 -21.01 -33.68 -0.44
N ARG C 86 -20.89 -32.72 0.47
CA ARG C 86 -20.80 -31.32 0.05
C ARG C 86 -19.54 -31.11 -0.79
N ALA C 87 -18.41 -31.53 -0.28
CA ALA C 87 -17.16 -31.41 -1.02
C ALA C 87 -17.08 -32.35 -2.17
N LEU C 88 -18.12 -33.08 -2.52
CA LEU C 88 -18.02 -34.03 -3.63
C LEU C 88 -19.10 -33.83 -4.68
N LYS C 89 -20.33 -33.53 -4.27
CA LYS C 89 -21.40 -33.30 -5.22
C LYS C 89 -22.12 -31.97 -5.05
N GLY C 90 -21.71 -31.14 -4.09
CA GLY C 90 -22.37 -29.87 -3.84
C GLY C 90 -23.28 -29.96 -2.64
N ALA C 91 -23.93 -28.84 -2.34
CA ALA C 91 -24.83 -28.78 -1.21
C ALA C 91 -25.96 -27.81 -1.50
N ILE C 92 -26.99 -27.88 -0.68
CA ILE C 92 -28.14 -27.00 -0.76
C ILE C 92 -28.55 -26.65 0.67
N SER C 93 -28.34 -25.41 1.06
CA SER C 93 -28.73 -24.96 2.39
C SER C 93 -30.12 -24.33 2.34
N PHE C 94 -30.74 -24.22 3.51
CA PHE C 94 -32.01 -23.53 3.60
C PHE C 94 -32.21 -23.03 5.02
N ASP C 95 -33.13 -22.07 5.15
CA ASP C 95 -33.37 -21.41 6.41
C ASP C 95 -34.79 -20.89 6.43
N ASN C 96 -35.26 -20.54 7.61
CA ASN C 96 -36.60 -19.98 7.78
C ASN C 96 -36.45 -18.48 7.97
N LEU C 97 -36.91 -17.72 6.99
CA LEU C 97 -36.83 -16.26 7.02
C LEU C 97 -38.20 -15.68 7.36
N SER C 98 -38.21 -14.69 8.24
CA SER C 98 -39.43 -13.96 8.54
C SER C 98 -39.63 -12.86 7.51
N GLY C 99 -40.80 -12.84 6.88
CA GLY C 99 -41.08 -11.88 5.84
C GLY C 99 -41.05 -12.43 4.44
N ALA C 100 -40.58 -13.65 4.24
CA ALA C 100 -40.61 -14.28 2.94
C ALA C 100 -42.03 -14.75 2.63
N SER C 101 -42.19 -15.43 1.51
CA SER C 101 -43.50 -15.87 1.01
C SER C 101 -44.49 -14.70 0.98
N ALA C 102 -44.07 -13.64 0.30
CA ALA C 102 -44.89 -12.45 0.15
C ALA C 102 -45.37 -12.25 -1.28
N SER C 103 -44.44 -12.17 -2.24
CA SER C 103 -44.82 -12.01 -3.65
C SER C 103 -43.94 -12.81 -4.60
N GLN C 104 -43.20 -13.81 -4.11
CA GLN C 104 -42.26 -14.53 -4.96
C GLN C 104 -42.31 -16.03 -4.77
N ARG C 105 -43.21 -16.56 -3.94
CA ARG C 105 -43.21 -17.97 -3.58
C ARG C 105 -44.46 -18.72 -4.01
N LYS C 106 -45.52 -18.03 -4.38
CA LYS C 106 -46.82 -18.67 -4.57
C LYS C 106 -47.09 -18.97 -6.03
N GLY C 107 -47.69 -20.13 -6.27
CA GLY C 107 -48.20 -20.48 -7.58
C GLY C 107 -47.56 -21.70 -8.22
N ASP C 108 -46.23 -21.79 -8.21
CA ASP C 108 -45.56 -22.97 -8.72
C ASP C 108 -44.74 -23.70 -7.66
N LYS C 109 -43.71 -23.06 -7.10
CA LYS C 109 -42.85 -23.66 -6.09
C LYS C 109 -41.77 -22.67 -5.65
N ARG C 110 -40.99 -23.04 -4.64
CA ARG C 110 -39.87 -22.21 -4.22
C ARG C 110 -38.78 -22.22 -5.29
N ILE C 111 -37.75 -21.40 -5.08
CA ILE C 111 -36.70 -21.20 -6.06
C ILE C 111 -35.36 -21.43 -5.38
N LEU C 112 -34.48 -22.19 -6.03
CA LEU C 112 -33.12 -22.42 -5.53
C LEU C 112 -32.25 -21.26 -6.02
N TYR C 113 -32.03 -20.29 -5.14
CA TYR C 113 -31.19 -19.16 -5.50
C TYR C 113 -29.73 -19.58 -5.57
N ALA C 114 -28.99 -18.92 -6.47
CA ALA C 114 -27.62 -19.34 -6.74
C ALA C 114 -26.67 -19.03 -5.60
N SER C 115 -27.05 -18.16 -4.67
CA SER C 115 -26.16 -17.77 -3.59
C SER C 115 -26.97 -17.51 -2.34
N GLU C 116 -26.26 -17.30 -1.23
CA GLU C 116 -26.94 -17.07 0.05
C GLU C 116 -27.59 -15.70 0.10
N THR C 117 -26.90 -14.68 -0.43
CA THR C 117 -27.44 -13.32 -0.40
C THR C 117 -28.74 -13.23 -1.17
N ALA C 118 -28.76 -13.76 -2.39
CA ALA C 118 -29.96 -13.70 -3.22
C ALA C 118 -31.17 -14.31 -2.54
N ALA C 119 -30.96 -15.23 -1.60
CA ALA C 119 -32.09 -15.76 -0.83
C ALA C 119 -32.55 -14.78 0.23
N ARG C 120 -31.60 -14.07 0.86
CA ARG C 120 -31.95 -13.10 1.89
C ARG C 120 -32.60 -11.85 1.33
N ALA C 121 -32.59 -11.66 0.01
CA ALA C 121 -33.09 -10.43 -0.60
C ALA C 121 -34.61 -10.45 -0.64
N VAL C 122 -35.21 -10.34 0.54
CA VAL C 122 -36.66 -10.29 0.68
C VAL C 122 -37.04 -8.97 1.30
N GLY C 123 -38.24 -8.51 0.98
CA GLY C 123 -38.77 -7.29 1.54
C GLY C 123 -39.30 -6.39 0.46
N GLY C 124 -39.58 -5.14 0.83
CA GLY C 124 -40.07 -4.18 -0.13
C GLY C 124 -39.00 -3.81 -1.13
N GLN C 125 -39.41 -3.70 -2.39
CA GLN C 125 -38.49 -3.46 -3.49
C GLN C 125 -38.55 -2.00 -3.92
N ILE C 126 -37.38 -1.38 -4.02
CA ILE C 126 -37.26 -0.01 -4.49
C ILE C 126 -36.44 0.00 -5.77
N THR C 127 -36.41 1.15 -6.44
CA THR C 127 -35.69 1.32 -7.70
C THR C 127 -34.75 2.49 -7.56
N LEU C 128 -33.46 2.23 -7.67
CA LEU C 128 -32.43 3.26 -7.55
C LEU C 128 -31.95 3.63 -8.96
N HIS C 129 -32.33 4.81 -9.42
CA HIS C 129 -31.85 5.33 -10.69
C HIS C 129 -30.50 5.99 -10.49
N ALA C 130 -29.51 5.58 -11.27
CA ALA C 130 -28.17 6.10 -11.16
C ALA C 130 -27.64 6.46 -12.54
N PHE C 131 -26.63 7.31 -12.56
CA PHE C 131 -26.01 7.75 -13.81
C PHE C 131 -24.79 6.92 -14.18
N ASP C 132 -24.30 6.08 -13.26
CA ASP C 132 -23.11 5.28 -13.53
C ASP C 132 -23.09 4.14 -12.53
N ALA C 133 -23.19 2.91 -13.02
CA ALA C 133 -23.17 1.73 -12.17
C ALA C 133 -21.75 1.26 -11.85
N GLY C 134 -20.75 2.08 -12.15
CA GLY C 134 -19.39 1.67 -11.85
C GLY C 134 -19.14 1.50 -10.36
N LYS C 135 -19.85 2.25 -9.53
CA LYS C 135 -19.72 2.12 -8.09
C LYS C 135 -20.61 1.02 -7.52
N LEU C 136 -21.61 0.57 -8.27
CA LEU C 136 -22.59 -0.38 -7.77
C LEU C 136 -22.20 -1.81 -8.11
N ALA C 137 -22.88 -2.75 -7.46
CA ALA C 137 -22.66 -4.17 -7.68
C ALA C 137 -23.86 -4.93 -7.12
N VAL C 138 -24.18 -6.05 -7.76
CA VAL C 138 -25.31 -6.86 -7.31
C VAL C 138 -24.99 -7.42 -5.93
N GLY C 139 -25.95 -7.33 -5.03
CA GLY C 139 -25.78 -7.78 -3.67
C GLY C 139 -25.09 -6.81 -2.75
N MET C 140 -24.75 -5.62 -3.24
CA MET C 140 -24.09 -4.63 -2.40
C MET C 140 -25.03 -4.18 -1.29
N PRO C 141 -24.55 -4.11 -0.04
CA PRO C 141 -25.47 -3.81 1.07
C PRO C 141 -25.85 -2.34 1.11
N ILE C 142 -27.07 -2.09 1.55
CA ILE C 142 -27.58 -0.74 1.79
C ILE C 142 -27.61 -0.54 3.30
N ARG C 143 -26.90 0.46 3.79
CA ARG C 143 -26.65 0.59 5.21
C ARG C 143 -27.18 1.91 5.74
N TYR C 144 -27.58 1.89 7.01
CA TYR C 144 -28.00 3.08 7.73
C TYR C 144 -27.31 3.06 9.09
N LEU C 145 -26.44 4.04 9.32
CA LEU C 145 -25.62 4.12 10.53
C LEU C 145 -24.76 2.87 10.71
N GLY C 146 -24.46 2.17 9.62
CA GLY C 146 -23.64 0.99 9.67
C GLY C 146 -24.38 -0.32 9.75
N ILE C 147 -25.69 -0.29 9.99
CA ILE C 147 -26.50 -1.50 10.00
C ILE C 147 -27.12 -1.69 8.63
N ASP C 148 -27.17 -2.93 8.16
CA ASP C 148 -27.65 -3.20 6.80
C ASP C 148 -29.17 -3.10 6.75
N ILE C 149 -29.66 -2.22 5.88
CA ILE C 149 -31.08 -2.04 5.67
C ILE C 149 -31.60 -2.89 4.51
N GLY C 150 -30.79 -3.10 3.48
CA GLY C 150 -31.19 -3.95 2.38
C GLY C 150 -30.02 -4.22 1.46
N GLN C 151 -30.27 -4.37 0.18
CA GLN C 151 -29.20 -4.66 -0.76
C GLN C 151 -29.69 -4.40 -2.18
N ILE C 152 -28.75 -4.37 -3.11
CA ILE C 152 -29.05 -4.23 -4.52
C ILE C 152 -29.31 -5.61 -5.09
N GLN C 153 -30.34 -5.72 -5.93
CA GLN C 153 -30.67 -7.01 -6.54
C GLN C 153 -30.14 -7.12 -7.96
N THR C 154 -30.52 -6.18 -8.83
CA THR C 154 -30.15 -6.22 -10.23
C THR C 154 -29.47 -4.93 -10.63
N LEU C 155 -28.93 -4.92 -11.85
CA LEU C 155 -28.32 -3.73 -12.44
C LEU C 155 -28.68 -3.75 -13.93
N ASP C 156 -29.75 -3.04 -14.29
CA ASP C 156 -30.19 -2.95 -15.67
C ASP C 156 -29.59 -1.70 -16.31
N LEU C 157 -29.33 -1.78 -17.60
CA LEU C 157 -28.83 -0.64 -18.37
C LEU C 157 -29.94 -0.21 -19.32
N ILE C 158 -30.67 0.82 -18.94
CA ILE C 158 -31.61 1.46 -19.85
C ILE C 158 -30.83 2.38 -20.78
N THR C 159 -31.03 2.22 -22.08
CA THR C 159 -30.28 3.00 -23.04
C THR C 159 -31.07 4.16 -23.65
N ALA C 160 -32.40 4.00 -23.79
CA ALA C 160 -33.23 5.13 -24.17
C ALA C 160 -33.03 6.30 -23.21
N ARG C 161 -33.36 6.07 -21.93
CA ARG C 161 -32.95 6.98 -20.87
C ARG C 161 -31.55 6.56 -20.43
N ASN C 162 -30.55 7.37 -20.77
CA ASN C 162 -29.17 6.94 -20.60
C ASN C 162 -28.79 6.88 -19.13
N GLU C 163 -29.26 5.86 -18.44
CA GLU C 163 -29.02 5.69 -17.02
C GLU C 163 -29.12 4.22 -16.67
N VAL C 164 -28.68 3.88 -15.47
CA VAL C 164 -28.72 2.52 -14.97
C VAL C 164 -29.81 2.43 -13.91
N GLN C 165 -30.75 1.52 -14.11
CA GLN C 165 -31.78 1.25 -13.11
C GLN C 165 -31.35 0.06 -12.28
N ALA C 166 -31.13 0.29 -10.99
CA ALA C 166 -30.72 -0.74 -10.05
C ALA C 166 -31.89 -1.02 -9.11
N LYS C 167 -32.46 -2.21 -9.22
CA LYS C 167 -33.54 -2.60 -8.33
C LYS C 167 -32.96 -3.09 -7.02
N ALA C 168 -33.32 -2.44 -5.93
CA ALA C 168 -32.86 -2.80 -4.61
C ALA C 168 -34.01 -3.37 -3.81
N VAL C 169 -33.74 -3.69 -2.54
CA VAL C 169 -34.76 -4.22 -1.65
C VAL C 169 -34.42 -3.77 -0.24
N LEU C 170 -35.45 -3.42 0.52
CA LEU C 170 -35.31 -3.08 1.92
C LEU C 170 -35.93 -4.18 2.75
N TYR C 171 -35.25 -4.59 3.81
CA TYR C 171 -35.75 -5.66 4.64
C TYR C 171 -37.07 -5.22 5.29
N PRO C 172 -38.01 -6.14 5.51
CA PRO C 172 -39.40 -5.73 5.77
C PRO C 172 -39.60 -4.85 6.99
N GLU C 173 -38.67 -4.85 7.94
CA GLU C 173 -38.80 -4.00 9.11
C GLU C 173 -38.31 -2.58 8.90
N TYR C 174 -37.77 -2.28 7.72
CA TYR C 174 -37.28 -0.94 7.41
C TYR C 174 -38.00 -0.32 6.22
N VAL C 175 -38.89 -1.05 5.54
CA VAL C 175 -39.55 -0.51 4.36
C VAL C 175 -40.47 0.64 4.70
N GLN C 176 -40.98 0.70 5.93
CA GLN C 176 -41.86 1.79 6.33
C GLN C 176 -41.07 3.03 6.73
N THR C 177 -39.98 2.84 7.49
CA THR C 177 -39.16 3.98 7.90
C THR C 177 -38.52 4.65 6.70
N PHE C 178 -37.85 3.88 5.86
CA PHE C 178 -37.25 4.40 4.65
C PHE C 178 -38.29 4.31 3.53
N ALA C 179 -37.86 4.47 2.29
CA ALA C 179 -38.77 4.47 1.14
C ALA C 179 -39.84 5.55 1.29
N ARG C 180 -39.45 6.68 1.86
CA ARG C 180 -40.32 7.84 2.02
C ARG C 180 -39.93 8.90 0.99
N GLY C 181 -40.54 10.07 1.12
CA GLY C 181 -40.37 11.09 0.10
C GLY C 181 -38.94 11.59 -0.02
N GLY C 182 -38.28 11.82 1.10
CA GLY C 182 -37.01 12.54 1.09
C GLY C 182 -35.77 11.76 1.46
N THR C 183 -35.79 10.43 1.37
CA THR C 183 -34.59 9.66 1.66
C THR C 183 -33.64 9.72 0.48
N ARG C 184 -32.35 9.61 0.78
CA ARG C 184 -31.30 9.76 -0.21
C ARG C 184 -30.29 8.62 -0.08
N PHE C 185 -29.81 8.14 -1.21
CA PHE C 185 -28.83 7.06 -1.27
C PHE C 185 -27.58 7.56 -1.96
N SER C 186 -26.45 6.94 -1.65
CA SER C 186 -25.19 7.27 -2.30
C SER C 186 -24.16 6.21 -1.98
N VAL C 187 -23.38 5.82 -2.98
CA VAL C 187 -22.35 4.81 -2.79
C VAL C 187 -21.20 5.42 -2.01
N VAL C 188 -20.81 4.77 -0.92
CA VAL C 188 -19.67 5.22 -0.14
C VAL C 188 -18.40 4.68 -0.79
N THR C 189 -17.45 5.55 -1.06
CA THR C 189 -16.19 5.21 -1.70
C THR C 189 -15.04 5.55 -0.77
N PRO C 190 -13.90 4.87 -0.90
CA PRO C 190 -12.75 5.18 -0.06
C PRO C 190 -12.19 6.56 -0.39
N GLN C 191 -11.68 7.23 0.64
CA GLN C 191 -11.15 8.58 0.50
C GLN C 191 -9.72 8.60 1.02
N ILE C 192 -8.77 8.33 0.12
CA ILE C 192 -7.35 8.32 0.45
C ILE C 192 -6.72 9.54 -0.19
N SER C 193 -6.24 10.46 0.63
CA SER C 193 -5.61 11.69 0.16
C SER C 193 -4.43 11.99 1.06
N ALA C 194 -3.80 13.15 0.83
CA ALA C 194 -2.69 13.57 1.67
C ALA C 194 -3.16 13.99 3.05
N ALA C 195 -4.43 14.41 3.18
CA ALA C 195 -4.96 14.92 4.43
C ALA C 195 -5.67 13.86 5.24
N GLY C 196 -5.34 12.60 5.06
CA GLY C 196 -5.94 11.52 5.82
C GLY C 196 -6.72 10.56 4.93
N VAL C 197 -7.06 9.43 5.52
CA VAL C 197 -7.84 8.39 4.86
C VAL C 197 -9.09 8.11 5.68
N GLU C 198 -10.13 7.65 4.99
CA GLU C 198 -11.36 7.26 5.65
C GLU C 198 -12.13 6.31 4.75
N HIS C 199 -13.00 5.52 5.37
CA HIS C 199 -13.78 4.49 4.69
C HIS C 199 -12.87 3.48 4.00
N LEU C 200 -11.77 3.13 4.68
CA LEU C 200 -10.87 2.12 4.13
C LEU C 200 -11.50 0.75 4.03
N ASP C 201 -12.62 0.54 4.74
CA ASP C 201 -13.34 -0.73 4.59
C ASP C 201 -14.05 -0.82 3.25
N THR C 202 -14.35 0.32 2.63
CA THR C 202 -14.99 0.34 1.32
C THR C 202 -14.01 0.06 0.18
N ILE C 203 -12.76 -0.30 0.49
CA ILE C 203 -11.84 -0.77 -0.54
C ILE C 203 -12.35 -2.08 -1.13
N LEU C 204 -12.74 -3.02 -0.27
CA LEU C 204 -13.17 -4.34 -0.69
C LEU C 204 -14.66 -4.58 -0.51
N GLN C 205 -15.34 -3.79 0.32
CA GLN C 205 -16.77 -3.93 0.56
C GLN C 205 -17.44 -2.56 0.49
N PRO C 206 -17.67 -2.04 -0.70
CA PRO C 206 -18.46 -0.80 -0.82
C PRO C 206 -19.91 -1.04 -0.48
N TYR C 207 -20.51 -0.02 0.13
CA TYR C 207 -21.91 -0.08 0.51
C TYR C 207 -22.59 1.22 0.13
N ILE C 208 -23.91 1.24 0.29
CA ILE C 208 -24.74 2.39 -0.03
C ILE C 208 -25.26 2.99 1.27
N ASN C 209 -24.97 4.27 1.49
CA ASN C 209 -25.42 4.96 2.68
C ASN C 209 -26.77 5.59 2.44
N VAL C 210 -27.60 5.60 3.49
CA VAL C 210 -28.96 6.11 3.41
C VAL C 210 -29.14 7.19 4.46
N GLU C 211 -29.88 8.23 4.11
CA GLU C 211 -30.31 9.26 5.04
C GLU C 211 -31.82 9.34 4.96
N PRO C 212 -32.57 9.05 6.01
CA PRO C 212 -34.02 8.99 5.91
C PRO C 212 -34.67 10.33 5.68
N GLY C 213 -35.98 10.34 5.53
CA GLY C 213 -36.70 11.59 5.34
C GLY C 213 -38.16 11.39 5.63
N ARG C 214 -38.87 12.50 5.75
CA ARG C 214 -40.31 12.50 5.96
C ARG C 214 -41.02 12.85 4.66
N GLY C 215 -42.12 12.15 4.39
CA GLY C 215 -42.85 12.39 3.17
C GLY C 215 -43.65 11.18 2.78
N ASN C 216 -44.21 11.26 1.58
CA ASN C 216 -45.03 10.18 1.07
C ASN C 216 -44.17 9.02 0.61
N PRO C 217 -44.65 7.79 0.72
CA PRO C 217 -43.90 6.64 0.21
C PRO C 217 -43.56 6.81 -1.25
N ARG C 218 -42.29 6.63 -1.58
CA ARG C 218 -41.76 6.94 -2.90
C ARG C 218 -41.46 5.70 -3.73
N ARG C 219 -40.63 4.79 -3.20
CA ARG C 219 -40.29 3.52 -3.86
C ARG C 219 -39.52 3.73 -5.16
N ASP C 220 -39.05 4.94 -5.42
CA ASP C 220 -38.36 5.25 -6.67
C ASP C 220 -37.44 6.44 -6.43
N PHE C 221 -36.15 6.19 -6.29
CA PHE C 221 -35.21 7.22 -5.88
C PHE C 221 -34.14 7.42 -6.94
N GLU C 222 -33.24 8.35 -6.66
CA GLU C 222 -32.10 8.64 -7.52
C GLU C 222 -30.83 8.58 -6.68
N LEU C 223 -29.86 7.79 -7.14
CA LEU C 223 -28.59 7.69 -6.45
C LEU C 223 -27.85 9.01 -6.52
N GLN C 224 -27.36 9.48 -5.39
CA GLN C 224 -26.69 10.77 -5.30
C GLN C 224 -25.18 10.58 -5.18
N GLU C 225 -24.47 11.70 -5.07
CA GLU C 225 -23.02 11.70 -5.00
C GLU C 225 -22.50 11.73 -3.57
N ALA C 226 -23.15 12.46 -2.68
CA ALA C 226 -22.76 12.52 -1.28
C ALA C 226 -23.98 12.46 -0.40
N THR C 227 -23.75 12.20 0.88
CA THR C 227 -24.83 12.03 1.85
C THR C 227 -24.22 12.19 3.24
N ILE C 228 -25.00 12.74 4.17
CA ILE C 228 -24.57 12.79 5.56
C ILE C 228 -24.48 11.38 6.10
N THR C 229 -23.32 11.03 6.64
CA THR C 229 -23.07 9.65 7.07
C THR C 229 -23.79 9.34 8.38
N ASP C 230 -23.46 10.08 9.43
CA ASP C 230 -24.05 9.86 10.75
C ASP C 230 -25.27 10.74 10.94
N SER C 231 -26.16 10.29 11.84
CA SER C 231 -27.40 10.99 12.13
C SER C 231 -27.28 11.91 13.33
N ARG C 232 -26.10 12.46 13.57
CA ARG C 232 -25.92 13.38 14.69
C ARG C 232 -26.82 14.60 14.56
N TYR C 233 -27.05 15.06 13.33
CA TYR C 233 -27.85 16.25 13.08
C TYR C 233 -29.12 15.94 12.31
N LEU C 234 -29.55 14.67 12.27
CA LEU C 234 -30.76 14.32 11.55
C LEU C 234 -31.96 15.10 12.08
N ASP C 235 -32.24 14.96 13.37
CA ASP C 235 -33.12 15.91 14.01
C ASP C 235 -32.34 17.19 14.30
N GLY C 236 -33.07 18.27 14.56
CA GLY C 236 -32.40 19.53 14.82
C GLY C 236 -32.89 20.64 13.92
N LEU C 237 -32.42 21.85 14.17
CA LEU C 237 -32.89 23.01 13.43
C LEU C 237 -32.37 22.98 12.00
N SER C 238 -33.28 22.95 11.05
CA SER C 238 -32.95 23.12 9.65
C SER C 238 -33.16 24.57 9.24
N ILE C 239 -32.12 25.16 8.65
CA ILE C 239 -32.14 26.54 8.21
C ILE C 239 -31.46 26.61 6.86
N ILE C 240 -31.52 27.80 6.23
CA ILE C 240 -31.02 27.98 4.88
C ILE C 240 -30.31 29.32 4.80
N VAL C 241 -29.03 29.32 4.47
CA VAL C 241 -28.30 30.55 4.21
C VAL C 241 -28.17 30.73 2.70
N GLU C 242 -28.35 31.96 2.23
CA GLU C 242 -28.29 32.28 0.82
C GLU C 242 -26.96 32.93 0.50
N ALA C 243 -26.32 32.47 -0.57
CA ALA C 243 -25.02 32.98 -0.95
C ALA C 243 -25.01 33.30 -2.43
N PRO C 244 -24.31 34.35 -2.84
CA PRO C 244 -24.19 34.64 -4.28
C PRO C 244 -23.31 33.65 -5.02
N GLU C 245 -22.67 32.70 -4.33
CA GLU C 245 -21.78 31.74 -4.94
C GLU C 245 -21.50 30.63 -3.93
N ALA C 246 -21.61 29.38 -4.37
CA ALA C 246 -21.32 28.26 -3.48
C ALA C 246 -19.84 28.08 -3.28
N GLY C 247 -19.10 27.82 -4.36
CA GLY C 247 -17.66 27.73 -4.29
C GLY C 247 -17.14 26.57 -3.47
N SER C 248 -16.57 26.88 -2.31
CA SER C 248 -15.86 25.89 -1.50
C SER C 248 -16.78 25.08 -0.60
N LEU C 249 -18.09 25.23 -0.70
CA LEU C 249 -19.00 24.51 0.17
C LEU C 249 -19.46 23.21 -0.48
N GLY C 250 -19.73 22.22 0.37
CA GLY C 250 -20.23 20.94 -0.09
C GLY C 250 -21.07 20.31 1.00
N ILE C 251 -21.66 19.17 0.67
CA ILE C 251 -22.46 18.43 1.65
C ILE C 251 -21.52 17.85 2.70
N GLY C 252 -21.87 18.06 3.97
CA GLY C 252 -21.07 17.57 5.07
C GLY C 252 -20.08 18.57 5.64
N THR C 253 -19.88 19.70 4.99
CA THR C 253 -18.98 20.70 5.53
C THR C 253 -19.52 21.23 6.86
N PRO C 254 -18.67 21.40 7.86
CA PRO C 254 -19.17 21.72 9.20
C PRO C 254 -19.67 23.14 9.30
N VAL C 255 -20.59 23.34 10.24
CA VAL C 255 -21.07 24.66 10.62
C VAL C 255 -20.51 24.96 12.00
N LEU C 256 -19.76 26.03 12.12
CA LEU C 256 -18.97 26.30 13.31
C LEU C 256 -19.55 27.45 14.12
N PHE C 257 -19.61 27.27 15.43
CA PHE C 257 -19.89 28.35 16.37
C PHE C 257 -18.75 28.41 17.36
N ARG C 258 -18.05 29.55 17.39
CA ARG C 258 -16.86 29.74 18.23
C ARG C 258 -15.77 28.73 17.91
N GLY C 259 -15.83 28.08 16.75
CA GLY C 259 -14.84 27.11 16.35
C GLY C 259 -15.22 25.67 16.59
N LEU C 260 -16.34 25.40 17.26
CA LEU C 260 -16.81 24.05 17.46
C LEU C 260 -17.80 23.66 16.38
N GLU C 261 -17.79 22.38 16.01
CA GLU C 261 -18.73 21.90 15.02
C GLU C 261 -20.13 21.80 15.63
N VAL C 262 -21.09 22.49 15.01
CA VAL C 262 -22.44 22.58 15.51
C VAL C 262 -23.44 21.94 14.57
N GLY C 263 -23.26 22.11 13.26
CA GLY C 263 -24.10 21.48 12.28
C GLY C 263 -23.33 21.26 11.01
N THR C 264 -24.01 20.71 10.01
CA THR C 264 -23.39 20.45 8.72
C THR C 264 -24.29 20.97 7.60
N VAL C 265 -23.69 21.15 6.43
CA VAL C 265 -24.42 21.50 5.22
C VAL C 265 -24.98 20.21 4.63
N THR C 266 -26.27 20.22 4.32
CA THR C 266 -26.94 19.04 3.80
C THR C 266 -27.23 19.11 2.32
N GLY C 267 -27.48 20.29 1.77
CA GLY C 267 -27.76 20.42 0.36
C GLY C 267 -27.48 21.82 -0.13
N MET C 268 -27.18 21.94 -1.42
CA MET C 268 -26.88 23.21 -2.06
C MET C 268 -27.72 23.29 -3.34
N THR C 269 -28.94 23.81 -3.21
CA THR C 269 -29.81 24.00 -4.36
C THR C 269 -29.39 25.27 -5.09
N LEU C 270 -30.20 25.72 -6.05
CA LEU C 270 -29.89 26.92 -6.80
C LEU C 270 -31.02 27.95 -6.75
N GLY C 271 -32.07 27.71 -5.99
CA GLY C 271 -33.15 28.66 -5.87
C GLY C 271 -34.05 28.66 -7.09
N THR C 272 -35.28 29.12 -6.89
CA THR C 272 -36.27 29.17 -7.97
C THR C 272 -35.77 30.06 -9.11
N LEU C 273 -35.62 31.35 -8.83
CA LEU C 273 -34.88 32.23 -9.72
C LEU C 273 -33.41 31.95 -9.52
N SER C 274 -32.74 31.48 -10.57
CA SER C 274 -31.37 31.01 -10.42
C SER C 274 -30.41 32.17 -10.22
N ASP C 275 -30.40 32.76 -9.03
CA ASP C 275 -29.50 33.85 -8.72
C ASP C 275 -28.86 33.74 -7.35
N ARG C 276 -29.22 32.74 -6.54
CA ARG C 276 -28.68 32.56 -5.21
C ARG C 276 -28.62 31.08 -4.90
N VAL C 277 -27.51 30.63 -4.34
CA VAL C 277 -27.39 29.25 -3.90
C VAL C 277 -28.03 29.12 -2.52
N MET C 278 -29.05 28.28 -2.41
CA MET C 278 -29.77 28.09 -1.16
C MET C 278 -29.10 26.96 -0.39
N ILE C 279 -28.20 27.32 0.52
CA ILE C 279 -27.40 26.35 1.26
C ILE C 279 -28.22 25.88 2.47
N ALA C 280 -28.67 24.63 2.43
CA ALA C 280 -29.48 24.06 3.51
C ALA C 280 -28.57 23.44 4.55
N MET C 281 -28.76 23.81 5.81
CA MET C 281 -27.97 23.29 6.91
C MET C 281 -28.87 22.70 7.97
N ARG C 282 -28.28 21.88 8.84
CA ARG C 282 -28.97 21.31 10.00
C ARG C 282 -28.15 21.59 11.23
N ILE C 283 -28.62 22.49 12.07
CA ILE C 283 -27.99 22.73 13.36
C ILE C 283 -28.42 21.65 14.33
N SER C 284 -27.48 21.16 15.13
CA SER C 284 -27.81 20.12 16.10
C SER C 284 -28.85 20.62 17.09
N LYS C 285 -29.69 19.70 17.55
CA LYS C 285 -30.69 20.06 18.55
C LYS C 285 -30.07 20.40 19.90
N ARG C 286 -28.80 20.03 20.09
CA ARG C 286 -28.09 20.43 21.30
C ARG C 286 -27.71 21.90 21.27
N TYR C 287 -27.40 22.43 20.09
CA TYR C 287 -27.05 23.82 19.90
C TYR C 287 -28.12 24.58 19.13
N GLN C 288 -29.34 24.06 19.13
CA GLN C 288 -30.44 24.73 18.42
C GLN C 288 -30.73 26.10 19.02
N HIS C 289 -30.40 26.31 20.29
CA HIS C 289 -30.71 27.56 20.96
C HIS C 289 -29.76 28.69 20.57
N LEU C 290 -28.77 28.42 19.72
CA LEU C 290 -27.81 29.45 19.33
C LEU C 290 -28.22 30.20 18.06
N VAL C 291 -29.16 29.65 17.29
CA VAL C 291 -29.52 30.23 16.00
C VAL C 291 -30.64 31.23 16.31
N ARG C 292 -30.25 32.45 16.66
CA ARG C 292 -31.23 33.48 16.93
C ARG C 292 -31.69 34.12 15.62
N ASN C 293 -32.79 34.87 15.72
CA ASN C 293 -33.40 35.43 14.51
C ASN C 293 -32.53 36.50 13.86
N ASN C 294 -31.51 36.99 14.55
CA ASN C 294 -30.64 38.02 14.02
C ASN C 294 -29.20 37.54 13.87
N SER C 295 -28.98 36.23 13.88
CA SER C 295 -27.64 35.70 13.72
C SER C 295 -27.13 36.00 12.32
N VAL C 296 -25.84 36.30 12.22
CA VAL C 296 -25.18 36.58 10.95
C VAL C 296 -24.24 35.43 10.62
N PHE C 297 -24.32 34.93 9.40
CA PHE C 297 -23.51 33.83 8.94
C PHE C 297 -22.43 34.34 7.99
N TRP C 298 -21.24 33.74 8.08
CA TRP C 298 -20.13 34.15 7.24
C TRP C 298 -19.31 32.94 6.85
N LEU C 299 -18.47 33.12 5.85
CA LEU C 299 -17.81 32.02 5.16
C LEU C 299 -16.41 31.82 5.73
N ALA C 300 -16.29 30.87 6.65
CA ALA C 300 -14.98 30.46 7.16
C ALA C 300 -14.49 29.27 6.34
N SER C 301 -14.13 29.57 5.10
CA SER C 301 -13.71 28.56 4.13
C SER C 301 -12.27 28.85 3.71
N GLY C 302 -11.36 27.95 4.04
CA GLY C 302 -9.96 28.15 3.73
C GLY C 302 -9.34 29.23 4.61
N TYR C 303 -8.11 29.58 4.25
CA TYR C 303 -7.37 30.60 4.99
C TYR C 303 -7.63 31.98 4.40
N SER C 304 -7.59 32.98 5.27
CA SER C 304 -7.70 34.39 4.87
C SER C 304 -6.53 35.11 5.53
N LEU C 305 -5.38 35.11 4.86
CA LEU C 305 -4.18 35.70 5.43
C LEU C 305 -4.28 37.22 5.47
N ASP C 306 -3.61 37.81 6.46
CA ASP C 306 -3.70 39.23 6.72
C ASP C 306 -2.71 40.01 5.86
N PHE C 307 -2.74 41.34 6.01
CA PHE C 307 -1.90 42.23 5.21
C PHE C 307 -1.75 43.55 5.94
N GLY C 308 -0.53 44.06 5.98
CA GLY C 308 -0.26 45.33 6.62
C GLY C 308 0.87 46.05 5.93
N LEU C 309 0.76 47.37 5.86
CA LEU C 309 1.78 48.16 5.18
C LEU C 309 3.05 48.26 6.00
N THR C 310 2.98 48.92 7.16
CA THR C 310 4.14 48.94 8.05
C THR C 310 4.35 47.60 8.72
N GLY C 311 3.28 46.90 9.07
CA GLY C 311 3.40 45.58 9.66
C GLY C 311 2.08 44.83 9.71
N GLY C 312 2.08 43.61 9.22
CA GLY C 312 0.90 42.76 9.30
C GLY C 312 1.26 41.33 9.63
N VAL C 313 0.83 40.86 10.80
CA VAL C 313 1.07 39.47 11.17
C VAL C 313 0.13 38.58 10.36
N VAL C 314 0.63 37.41 9.95
CA VAL C 314 -0.14 36.46 9.17
C VAL C 314 -0.48 35.26 10.04
N LYS C 315 -1.60 34.62 9.73
CA LYS C 315 -2.11 33.49 10.50
C LYS C 315 -2.32 32.31 9.58
N THR C 316 -1.98 31.11 10.05
CA THR C 316 -2.17 29.91 9.25
C THR C 316 -3.18 28.95 9.85
N GLY C 317 -2.98 28.51 11.09
CA GLY C 317 -3.83 27.45 11.60
C GLY C 317 -3.64 26.17 10.80
N THR C 318 -4.54 25.21 11.04
CA THR C 318 -4.56 23.98 10.28
C THR C 318 -6.00 23.51 10.00
N PHE C 319 -6.90 24.46 9.82
CA PHE C 319 -8.33 24.15 9.81
C PHE C 319 -8.70 23.16 8.71
N ASN C 320 -9.63 22.27 9.04
CA ASN C 320 -10.28 21.42 8.06
C ASN C 320 -11.18 22.20 7.12
N GLN C 321 -11.35 23.51 7.36
CA GLN C 321 -12.06 24.37 6.42
C GLN C 321 -11.33 24.48 5.09
N PHE C 322 -10.00 24.34 5.09
CA PHE C 322 -9.28 24.21 3.83
C PHE C 322 -9.50 22.85 3.19
N ILE C 323 -9.96 21.87 3.94
CA ILE C 323 -10.32 20.57 3.41
C ILE C 323 -11.81 20.48 3.08
N ARG C 324 -12.65 20.98 4.00
CA ARG C 324 -14.10 21.07 3.80
C ARG C 324 -14.52 22.45 4.26
N GLY C 325 -14.84 23.33 3.32
CA GLY C 325 -15.14 24.72 3.63
C GLY C 325 -16.26 24.91 4.62
N GLY C 326 -15.93 25.39 5.82
CA GLY C 326 -16.93 25.56 6.85
C GLY C 326 -17.69 26.86 6.76
N ILE C 327 -18.82 26.90 7.45
CA ILE C 327 -19.60 28.11 7.65
C ILE C 327 -19.59 28.43 9.13
N ALA C 328 -19.51 29.71 9.46
CA ALA C 328 -19.31 30.15 10.83
C ALA C 328 -20.53 30.91 11.34
N PHE C 329 -20.67 30.91 12.66
CA PHE C 329 -21.77 31.52 13.37
C PHE C 329 -21.38 32.89 13.91
N ALA C 330 -22.40 33.60 14.38
CA ALA C 330 -22.26 34.78 15.22
C ALA C 330 -23.65 35.23 15.64
N THR C 331 -23.74 35.78 16.85
CA THR C 331 -24.94 36.43 17.30
C THR C 331 -24.57 37.82 17.79
N PRO C 332 -25.05 38.89 17.16
CA PRO C 332 -24.69 40.24 17.60
C PRO C 332 -25.30 40.54 18.97
N PRO C 333 -24.72 41.47 19.72
CA PRO C 333 -25.19 41.70 21.08
C PRO C 333 -26.52 42.44 21.12
N GLY C 334 -27.18 42.36 22.26
CA GLY C 334 -28.45 43.01 22.49
C GLY C 334 -29.15 42.39 23.69
N THR C 335 -29.75 43.22 24.54
CA THR C 335 -30.39 42.70 25.73
C THR C 335 -31.71 41.99 25.43
N PRO C 336 -32.59 42.52 24.56
CA PRO C 336 -33.77 41.69 24.23
C PRO C 336 -33.44 40.71 23.11
N LEU C 337 -32.88 39.57 23.51
CA LEU C 337 -32.45 38.54 22.56
C LEU C 337 -33.54 38.24 21.54
N ALA C 338 -33.15 38.26 20.26
CA ALA C 338 -34.08 37.96 19.19
C ALA C 338 -34.61 36.54 19.34
N PRO C 339 -35.84 36.28 18.90
CA PRO C 339 -36.43 34.95 19.07
C PRO C 339 -35.64 33.90 18.33
N LYS C 340 -35.81 32.65 18.77
CA LYS C 340 -35.11 31.54 18.13
C LYS C 340 -35.57 31.40 16.69
N ALA C 341 -34.66 30.92 15.84
CA ALA C 341 -34.98 30.77 14.43
C ALA C 341 -35.92 29.57 14.23
N GLN C 342 -36.92 29.77 13.38
CA GLN C 342 -37.85 28.71 13.06
C GLN C 342 -37.24 27.78 12.03
N GLU C 343 -38.04 26.81 11.56
CA GLU C 343 -37.54 25.88 10.55
C GLU C 343 -37.32 26.58 9.22
N GLY C 344 -38.38 27.18 8.67
CA GLY C 344 -38.24 27.86 7.40
C GLY C 344 -37.62 29.24 7.55
N LYS C 345 -36.33 29.29 7.85
CA LYS C 345 -35.64 30.55 8.07
C LYS C 345 -34.54 30.70 7.02
N HIS C 346 -34.43 31.89 6.44
CA HIS C 346 -33.47 32.18 5.38
C HIS C 346 -32.56 33.30 5.84
N PHE C 347 -31.28 33.00 6.01
CA PHE C 347 -30.28 33.99 6.36
C PHE C 347 -29.56 34.46 5.11
N LEU C 348 -28.48 35.22 5.29
CA LEU C 348 -27.68 35.73 4.18
C LEU C 348 -26.22 35.64 4.57
N LEU C 349 -25.41 35.02 3.72
CA LEU C 349 -23.98 34.92 4.00
C LEU C 349 -23.33 36.28 3.90
N GLN C 350 -22.89 36.82 5.02
CA GLN C 350 -22.13 38.06 5.05
C GLN C 350 -20.67 37.73 4.80
N GLU C 351 -20.19 38.05 3.60
CA GLU C 351 -18.86 37.69 3.16
C GLU C 351 -17.74 38.40 3.92
N SER C 352 -18.07 39.22 4.92
CA SER C 352 -17.10 40.13 5.51
C SER C 352 -16.48 39.63 6.80
N GLU C 353 -17.04 38.59 7.43
CA GLU C 353 -16.57 38.15 8.75
C GLU C 353 -16.56 39.32 9.72
N PRO C 354 -17.72 39.69 10.29
CA PRO C 354 -17.79 40.88 11.15
C PRO C 354 -16.60 41.03 12.09
N LYS C 355 -15.89 42.14 11.98
CA LYS C 355 -14.56 42.25 12.58
C LYS C 355 -14.63 42.27 14.11
N GLU C 356 -15.72 42.78 14.67
CA GLU C 356 -15.88 42.85 16.11
C GLU C 356 -16.53 41.60 16.68
N TRP C 357 -16.45 40.48 15.98
CA TRP C 357 -17.13 39.26 16.40
C TRP C 357 -16.60 38.75 17.73
N ARG C 358 -15.28 38.65 17.86
CA ARG C 358 -14.70 38.00 19.03
C ARG C 358 -14.98 38.75 20.33
N GLU C 359 -15.31 40.03 20.26
CA GLU C 359 -15.58 40.83 21.44
C GLU C 359 -17.08 41.00 21.70
N TRP C 360 -17.91 40.14 21.12
CA TRP C 360 -19.35 40.27 21.28
C TRP C 360 -19.82 39.66 22.60
N GLY C 361 -19.50 38.40 22.83
CA GLY C 361 -19.87 37.74 24.08
C GLY C 361 -21.35 37.76 24.37
N THR C 362 -22.18 37.56 23.35
CA THR C 362 -23.62 37.54 23.54
C THR C 362 -24.02 36.35 24.40
N ALA C 363 -24.70 36.62 25.51
CA ALA C 363 -25.17 35.57 26.39
C ALA C 363 -26.34 34.85 25.73
N LEU C 364 -26.25 33.53 25.64
CA LEU C 364 -27.25 32.70 24.98
C LEU C 364 -27.63 31.55 25.90
N PRO C 365 -28.63 31.74 26.76
CA PRO C 365 -29.03 30.66 27.67
C PRO C 365 -29.79 29.56 26.95
N LYS C 366 -29.75 28.38 27.54
CA LYS C 366 -30.44 27.22 26.96
C LYS C 366 -31.95 27.33 27.16
N LEU D 1 -18.21 -47.85 -27.54
CA LEU D 1 -17.81 -46.52 -27.97
C LEU D 1 -19.00 -45.77 -28.56
N PRO D 2 -19.42 -44.69 -27.89
CA PRO D 2 -20.57 -43.94 -28.38
C PRO D 2 -20.28 -43.25 -29.71
N THR D 3 -21.35 -42.74 -30.33
CA THR D 3 -21.22 -42.02 -31.57
C THR D 3 -20.93 -40.55 -31.31
N THR D 4 -20.08 -39.96 -32.14
CA THR D 4 -19.69 -38.57 -31.97
C THR D 4 -20.81 -37.66 -32.49
N THR D 5 -21.35 -36.83 -31.61
CA THR D 5 -22.42 -35.94 -32.00
C THR D 5 -21.89 -34.67 -32.64
N VAL D 6 -20.98 -33.98 -31.95
CA VAL D 6 -20.40 -32.74 -32.45
C VAL D 6 -18.89 -32.82 -32.27
N SER D 7 -18.16 -32.35 -33.27
CA SER D 7 -16.70 -32.30 -33.24
C SER D 7 -16.26 -30.87 -32.98
N LEU D 8 -15.36 -30.71 -32.02
CA LEU D 8 -14.89 -29.41 -31.59
C LEU D 8 -13.47 -29.18 -32.09
N SER D 9 -12.89 -28.07 -31.67
CA SER D 9 -11.52 -27.73 -31.99
C SER D 9 -11.06 -26.65 -31.03
N ALA D 10 -9.86 -26.79 -30.50
CA ALA D 10 -9.38 -25.86 -29.50
C ALA D 10 -7.86 -25.88 -29.47
N GLU D 11 -7.27 -24.75 -29.11
CA GLU D 11 -5.84 -24.68 -28.88
C GLU D 11 -5.56 -24.71 -27.38
N THR D 12 -4.37 -25.19 -27.03
CA THR D 12 -3.91 -25.26 -25.64
C THR D 12 -4.95 -25.97 -24.77
N LEU D 13 -5.09 -27.27 -25.04
CA LEU D 13 -6.10 -28.13 -24.47
C LEU D 13 -6.34 -27.86 -22.99
N PRO D 14 -7.53 -27.38 -22.64
CA PRO D 14 -7.86 -27.00 -21.25
C PRO D 14 -8.35 -28.14 -20.38
N ASP D 15 -7.39 -28.89 -19.83
CA ASP D 15 -7.54 -29.89 -18.77
C ASP D 15 -8.82 -30.72 -18.85
N VAL D 16 -9.23 -31.06 -20.06
CA VAL D 16 -10.32 -32.00 -20.27
C VAL D 16 -9.77 -33.22 -21.00
N GLN D 17 -10.40 -34.36 -20.76
CA GLN D 17 -9.90 -35.62 -21.26
C GLN D 17 -11.08 -36.51 -21.64
N ALA D 18 -10.78 -37.69 -22.15
CA ALA D 18 -11.82 -38.68 -22.39
C ALA D 18 -12.52 -39.01 -21.09
N GLY D 19 -13.85 -38.99 -21.13
CA GLY D 19 -14.66 -39.24 -19.95
C GLY D 19 -15.19 -37.98 -19.30
N SER D 20 -14.68 -36.81 -19.67
CA SER D 20 -15.19 -35.56 -19.11
C SER D 20 -16.65 -35.38 -19.50
N VAL D 21 -17.42 -34.80 -18.61
CA VAL D 21 -18.86 -34.67 -18.79
C VAL D 21 -19.17 -33.39 -19.54
N VAL D 22 -20.09 -33.47 -20.48
CA VAL D 22 -20.62 -32.31 -21.19
C VAL D 22 -21.96 -31.98 -20.54
N LEU D 23 -22.02 -30.86 -19.82
CA LEU D 23 -23.19 -30.50 -19.04
C LEU D 23 -23.88 -29.29 -19.65
N TYR D 24 -25.21 -29.38 -19.77
CA TYR D 24 -26.00 -28.33 -20.39
C TYR D 24 -26.11 -27.12 -19.47
N ARG D 25 -25.01 -26.38 -19.39
CA ARG D 25 -24.94 -25.07 -18.77
C ARG D 25 -25.01 -25.15 -17.25
N LYS D 26 -25.56 -26.24 -16.69
CA LYS D 26 -25.02 -26.89 -15.51
C LYS D 26 -25.39 -28.36 -15.37
N PHE D 27 -26.09 -28.94 -16.34
CA PHE D 27 -26.74 -30.24 -16.18
C PHE D 27 -26.17 -31.23 -17.19
N GLU D 28 -25.70 -32.38 -16.69
CA GLU D 28 -24.96 -33.32 -17.51
C GLU D 28 -25.84 -33.91 -18.61
N VAL D 29 -25.39 -33.79 -19.87
CA VAL D 29 -26.17 -34.24 -21.01
C VAL D 29 -25.31 -35.09 -21.94
N GLY D 30 -24.09 -35.40 -21.54
CA GLY D 30 -23.22 -36.19 -22.39
C GLY D 30 -21.84 -36.40 -21.83
N GLU D 31 -20.85 -36.57 -22.70
CA GLU D 31 -19.49 -36.83 -22.26
C GLU D 31 -18.54 -36.69 -23.45
N VAL D 32 -17.29 -36.41 -23.14
CA VAL D 32 -16.24 -36.32 -24.15
C VAL D 32 -15.79 -37.72 -24.52
N ILE D 33 -15.60 -37.96 -25.81
CA ILE D 33 -15.21 -39.29 -26.29
C ILE D 33 -13.70 -39.40 -26.34
N THR D 34 -13.07 -38.55 -27.14
CA THR D 34 -11.63 -38.65 -27.36
C THR D 34 -11.07 -37.26 -27.66
N VAL D 35 -9.79 -37.09 -27.36
CA VAL D 35 -9.07 -35.85 -27.63
C VAL D 35 -7.85 -36.20 -28.47
N ARG D 36 -7.83 -35.73 -29.71
CA ARG D 36 -6.72 -35.97 -30.61
C ARG D 36 -6.33 -34.67 -31.29
N PRO D 37 -5.04 -34.45 -31.51
CA PRO D 37 -4.61 -33.41 -32.45
C PRO D 37 -4.54 -33.96 -33.87
N ARG D 38 -4.87 -33.09 -34.83
CA ARG D 38 -4.93 -33.51 -36.23
C ARG D 38 -3.79 -32.90 -37.03
N ALA D 39 -3.66 -31.58 -37.05
CA ALA D 39 -2.43 -30.94 -37.51
C ALA D 39 -1.79 -30.11 -36.41
N ASN D 40 -2.50 -29.14 -35.85
CA ASN D 40 -1.99 -28.36 -34.73
C ASN D 40 -3.11 -28.08 -33.72
N ALA D 41 -4.35 -28.24 -34.14
CA ALA D 41 -5.50 -27.97 -33.30
C ALA D 41 -6.04 -29.29 -32.72
N PHE D 42 -6.23 -29.34 -31.41
CA PHE D 42 -6.84 -30.50 -30.75
C PHE D 42 -8.28 -30.63 -31.19
N ASP D 43 -8.59 -31.69 -31.95
CA ASP D 43 -9.99 -32.06 -32.10
C ASP D 43 -10.50 -32.70 -30.82
N ILE D 44 -11.78 -32.49 -30.54
CA ILE D 44 -12.43 -32.98 -29.33
C ILE D 44 -13.83 -33.42 -29.71
N ASP D 45 -14.10 -34.71 -29.65
CA ASP D 45 -15.38 -35.26 -30.07
C ASP D 45 -16.28 -35.48 -28.86
N LEU D 46 -17.52 -35.05 -28.96
CA LEU D 46 -18.50 -35.20 -27.89
C LEU D 46 -19.58 -36.19 -28.28
N HIS D 47 -20.38 -36.56 -27.29
CA HIS D 47 -21.54 -37.43 -27.51
C HIS D 47 -22.65 -36.96 -26.59
N ILE D 48 -23.61 -36.24 -27.14
CA ILE D 48 -24.78 -35.81 -26.39
C ILE D 48 -25.79 -36.94 -26.38
N LYS D 49 -26.43 -37.15 -25.23
CA LYS D 49 -27.43 -38.20 -25.12
C LYS D 49 -28.59 -37.92 -26.09
N PRO D 50 -29.22 -38.97 -26.62
CA PRO D 50 -30.21 -38.76 -27.68
C PRO D 50 -31.41 -37.93 -27.25
N GLU D 51 -31.77 -37.93 -25.97
CA GLU D 51 -32.91 -37.13 -25.54
C GLU D 51 -32.56 -35.66 -25.36
N TYR D 52 -31.29 -35.28 -25.51
CA TYR D 52 -30.87 -33.89 -25.40
C TYR D 52 -30.24 -33.37 -26.69
N ARG D 53 -30.18 -34.18 -27.74
CA ARG D 53 -29.56 -33.75 -28.98
C ARG D 53 -30.28 -32.57 -29.63
N ASN D 54 -31.46 -32.19 -29.12
CA ASN D 54 -32.13 -31.01 -29.63
C ASN D 54 -31.63 -29.74 -28.96
N LEU D 55 -31.08 -29.86 -27.75
CA LEU D 55 -30.49 -28.72 -27.06
C LEU D 55 -29.23 -28.21 -27.74
N LEU D 56 -28.64 -29.00 -28.64
CA LEU D 56 -27.44 -28.62 -29.37
C LEU D 56 -27.88 -28.08 -30.72
N THR D 57 -27.91 -26.75 -30.83
CA THR D 57 -28.38 -26.08 -32.04
C THR D 57 -27.22 -25.37 -32.73
N SER D 58 -27.54 -24.69 -33.81
CA SER D 58 -26.51 -24.04 -34.63
C SER D 58 -25.77 -22.97 -33.84
N ASN D 59 -26.50 -22.14 -33.09
CA ASN D 59 -25.89 -21.09 -32.29
C ASN D 59 -25.66 -21.55 -30.85
N SER D 60 -24.78 -22.53 -30.72
CA SER D 60 -24.37 -23.07 -29.44
C SER D 60 -22.85 -22.93 -29.31
N VAL D 61 -22.40 -22.36 -28.20
CA VAL D 61 -20.99 -22.12 -27.97
C VAL D 61 -20.54 -23.04 -26.84
N PHE D 62 -19.33 -23.57 -26.98
CA PHE D 62 -18.75 -24.51 -26.02
C PHE D 62 -17.56 -23.85 -25.33
N TRP D 63 -17.37 -24.19 -24.07
CA TRP D 63 -16.26 -23.63 -23.32
C TRP D 63 -15.88 -24.57 -22.19
N ALA D 64 -14.60 -24.61 -21.87
CA ALA D 64 -14.09 -25.52 -20.85
C ALA D 64 -14.34 -24.92 -19.47
N GLU D 65 -14.96 -25.70 -18.59
CA GLU D 65 -15.10 -25.31 -17.20
C GLU D 65 -13.84 -25.69 -16.45
N GLY D 66 -13.88 -25.57 -15.12
CA GLY D 66 -12.78 -26.01 -14.31
C GLY D 66 -12.08 -24.87 -13.60
N GLY D 67 -11.23 -25.23 -12.66
CA GLY D 67 -10.51 -24.25 -11.88
C GLY D 67 -11.32 -23.77 -10.69
N ALA D 68 -10.61 -23.39 -9.63
CA ALA D 68 -11.27 -22.85 -8.46
C ALA D 68 -11.84 -21.46 -8.77
N LYS D 69 -12.56 -20.90 -7.80
CA LYS D 69 -13.17 -19.59 -7.94
C LYS D 69 -12.78 -18.74 -6.75
N VAL D 70 -11.62 -18.08 -6.83
CA VAL D 70 -11.21 -17.17 -5.78
C VAL D 70 -12.08 -15.91 -5.85
N GLN D 71 -12.34 -15.31 -4.69
CA GLN D 71 -13.29 -14.21 -4.61
C GLN D 71 -12.83 -13.29 -3.48
N LEU D 72 -12.10 -12.23 -3.83
CA LEU D 72 -11.57 -11.29 -2.85
C LEU D 72 -12.62 -10.23 -2.58
N ASN D 73 -13.38 -10.42 -1.52
CA ASN D 73 -14.42 -9.50 -1.09
C ASN D 73 -14.15 -9.06 0.34
N GLY D 74 -15.11 -8.36 0.93
CA GLY D 74 -14.94 -7.84 2.27
C GLY D 74 -14.92 -8.88 3.38
N SER D 75 -15.04 -10.16 3.04
CA SER D 75 -15.03 -11.22 4.03
C SER D 75 -13.85 -12.17 3.89
N GLY D 76 -12.82 -11.78 3.14
CA GLY D 76 -11.62 -12.59 3.05
C GLY D 76 -11.20 -12.95 1.64
N LEU D 77 -10.47 -14.05 1.50
CA LEU D 77 -9.98 -14.49 0.20
C LEU D 77 -10.96 -15.46 -0.47
N THR D 78 -11.45 -16.45 0.27
CA THR D 78 -12.62 -17.23 -0.11
C THR D 78 -12.44 -17.89 -1.48
N VAL D 79 -11.53 -18.84 -1.53
CA VAL D 79 -11.40 -19.67 -2.71
C VAL D 79 -12.43 -20.79 -2.67
N GLN D 80 -13.07 -21.05 -3.81
CA GLN D 80 -14.18 -21.98 -3.92
C GLN D 80 -13.82 -23.07 -4.93
N ALA D 81 -14.24 -24.29 -4.64
CA ALA D 81 -13.96 -25.45 -5.49
C ALA D 81 -15.24 -26.24 -5.73
N SER D 82 -16.30 -25.52 -6.11
CA SER D 82 -17.68 -26.02 -6.07
C SER D 82 -17.86 -27.48 -6.49
N PRO D 83 -17.34 -27.96 -7.62
CA PRO D 83 -17.47 -29.39 -7.90
C PRO D 83 -16.24 -30.18 -7.47
N LEU D 84 -16.40 -31.47 -7.18
CA LEU D 84 -15.27 -32.37 -7.11
C LEU D 84 -15.52 -33.64 -7.93
N SER D 85 -16.78 -34.08 -8.00
CA SER D 85 -17.09 -35.24 -8.81
C SER D 85 -16.87 -34.96 -10.28
N ARG D 86 -16.97 -33.70 -10.69
CA ARG D 86 -16.67 -33.29 -12.05
C ARG D 86 -15.34 -32.55 -12.17
N ALA D 87 -14.86 -31.94 -11.09
CA ALA D 87 -13.58 -31.23 -11.14
C ALA D 87 -12.44 -32.18 -11.49
N LEU D 88 -12.35 -33.31 -10.80
CA LEU D 88 -11.32 -34.29 -11.10
C LEU D 88 -11.67 -35.13 -12.32
N LYS D 89 -12.85 -34.91 -12.91
CA LYS D 89 -13.25 -35.56 -14.14
C LYS D 89 -13.15 -34.65 -15.34
N GLY D 90 -13.11 -33.33 -15.15
CA GLY D 90 -13.13 -32.39 -16.25
C GLY D 90 -14.53 -32.22 -16.79
N ALA D 91 -14.88 -31.01 -17.21
CA ALA D 91 -16.21 -30.74 -17.75
C ALA D 91 -16.13 -29.56 -18.69
N ILE D 92 -16.63 -29.73 -19.90
CA ILE D 92 -16.86 -28.62 -20.82
C ILE D 92 -18.36 -28.36 -20.83
N SER D 93 -18.73 -27.08 -20.87
CA SER D 93 -20.12 -26.69 -20.85
C SER D 93 -20.50 -26.04 -22.17
N PHE D 94 -21.79 -25.80 -22.34
CA PHE D 94 -22.28 -25.18 -23.56
C PHE D 94 -23.65 -24.58 -23.31
N ASP D 95 -24.03 -23.65 -24.18
CA ASP D 95 -25.29 -22.94 -24.06
C ASP D 95 -25.62 -22.34 -25.41
N ASN D 96 -26.89 -21.98 -25.58
CA ASN D 96 -27.37 -21.38 -26.82
C ASN D 96 -27.38 -19.86 -26.65
N LEU D 97 -26.54 -19.17 -27.40
CA LEU D 97 -26.47 -17.71 -27.35
C LEU D 97 -27.31 -17.11 -28.46
N SER D 98 -28.11 -16.10 -28.11
CA SER D 98 -28.87 -15.37 -29.10
C SER D 98 -27.95 -14.40 -29.83
N GLY D 99 -27.70 -14.67 -31.10
CA GLY D 99 -26.81 -13.85 -31.90
C GLY D 99 -25.44 -14.45 -32.15
N ALA D 100 -25.19 -15.68 -31.71
CA ALA D 100 -23.93 -16.36 -31.99
C ALA D 100 -23.96 -16.90 -33.41
N SER D 101 -22.90 -17.61 -33.79
CA SER D 101 -22.79 -18.22 -35.11
C SER D 101 -22.98 -17.18 -36.22
N ALA D 102 -22.09 -16.18 -36.21
CA ALA D 102 -22.17 -15.13 -37.21
C ALA D 102 -21.29 -15.45 -38.41
N SER D 103 -19.97 -15.52 -38.21
CA SER D 103 -19.07 -15.87 -39.29
C SER D 103 -17.91 -16.74 -38.81
N GLN D 104 -18.02 -17.38 -37.65
CA GLN D 104 -16.90 -18.06 -37.03
C GLN D 104 -17.18 -19.49 -36.60
N ARG D 105 -18.42 -19.83 -36.27
CA ARG D 105 -18.77 -21.19 -35.88
C ARG D 105 -19.22 -22.07 -37.06
N LYS D 106 -19.33 -21.49 -38.25
CA LYS D 106 -19.80 -22.20 -39.43
C LYS D 106 -18.68 -22.35 -40.44
N GLY D 107 -18.69 -23.48 -41.16
CA GLY D 107 -17.76 -23.73 -42.23
C GLY D 107 -16.86 -24.93 -41.99
N ASP D 108 -16.31 -25.03 -40.78
CA ASP D 108 -15.60 -26.24 -40.38
C ASP D 108 -16.24 -26.91 -39.17
N LYS D 109 -16.35 -26.21 -38.04
CA LYS D 109 -16.89 -26.74 -36.80
C LYS D 109 -16.83 -25.64 -35.76
N ARG D 110 -17.41 -25.92 -34.59
CA ARG D 110 -17.38 -24.98 -33.49
C ARG D 110 -15.97 -24.92 -32.88
N ILE D 111 -15.83 -24.11 -31.83
CA ILE D 111 -14.56 -23.94 -31.15
C ILE D 111 -14.78 -24.04 -29.65
N LEU D 112 -13.90 -24.76 -28.97
CA LEU D 112 -13.94 -24.87 -27.51
C LEU D 112 -13.12 -23.73 -26.92
N TYR D 113 -13.82 -22.71 -26.41
CA TYR D 113 -13.14 -21.58 -25.82
C TYR D 113 -12.61 -21.92 -24.44
N ALA D 114 -11.45 -21.35 -24.11
CA ALA D 114 -10.74 -21.71 -22.89
C ALA D 114 -11.47 -21.28 -21.63
N SER D 115 -12.50 -20.45 -21.73
CA SER D 115 -13.21 -19.98 -20.55
C SER D 115 -14.63 -19.60 -20.92
N GLU D 116 -15.45 -19.37 -19.90
CA GLU D 116 -16.85 -19.05 -20.11
C GLU D 116 -17.02 -17.71 -20.80
N THR D 117 -16.21 -16.71 -20.41
CA THR D 117 -16.39 -15.36 -20.93
C THR D 117 -16.05 -15.31 -22.42
N ALA D 118 -14.91 -15.89 -22.81
CA ALA D 118 -14.51 -15.85 -24.21
C ALA D 118 -15.54 -16.49 -25.11
N ALA D 119 -16.36 -17.39 -24.59
CA ALA D 119 -17.42 -17.98 -25.39
C ALA D 119 -18.55 -16.99 -25.62
N ARG D 120 -18.91 -16.21 -24.59
CA ARG D 120 -19.99 -15.25 -24.70
C ARG D 120 -19.65 -14.06 -25.59
N ALA D 121 -18.40 -13.97 -26.06
CA ALA D 121 -17.95 -12.81 -26.84
C ALA D 121 -18.51 -12.90 -28.27
N VAL D 122 -19.81 -12.65 -28.38
CA VAL D 122 -20.50 -12.69 -29.66
C VAL D 122 -21.10 -11.32 -29.93
N GLY D 123 -21.21 -10.99 -31.21
CA GLY D 123 -21.83 -9.75 -31.61
C GLY D 123 -21.06 -9.09 -32.72
N GLY D 124 -21.26 -7.78 -32.86
CA GLY D 124 -20.59 -7.04 -33.91
C GLY D 124 -19.14 -6.76 -33.55
N GLN D 125 -18.27 -6.87 -34.55
CA GLN D 125 -16.83 -6.75 -34.34
C GLN D 125 -16.37 -5.36 -34.80
N ILE D 126 -15.64 -4.67 -33.92
CA ILE D 126 -15.09 -3.36 -34.20
C ILE D 126 -13.58 -3.45 -34.09
N THR D 127 -12.90 -2.40 -34.53
CA THR D 127 -11.45 -2.35 -34.52
C THR D 127 -11.00 -1.06 -33.86
N LEU D 128 -10.35 -1.17 -32.70
CA LEU D 128 -9.81 -0.04 -31.98
C LEU D 128 -8.34 0.12 -32.34
N HIS D 129 -7.97 1.28 -32.88
CA HIS D 129 -6.59 1.59 -33.16
C HIS D 129 -6.01 2.33 -31.96
N ALA D 130 -4.93 1.82 -31.40
CA ALA D 130 -4.31 2.39 -30.22
C ALA D 130 -2.87 2.79 -30.53
N PHE D 131 -2.29 3.57 -29.63
CA PHE D 131 -0.89 3.96 -29.74
C PHE D 131 0.00 3.21 -28.76
N ASP D 132 -0.59 2.48 -27.82
CA ASP D 132 0.18 1.76 -26.82
C ASP D 132 -0.73 0.72 -26.20
N ALA D 133 -0.43 -0.56 -26.42
CA ALA D 133 -1.23 -1.65 -25.90
C ALA D 133 -0.84 -2.04 -24.49
N GLY D 134 -0.01 -1.24 -23.82
CA GLY D 134 0.35 -1.56 -22.46
C GLY D 134 -0.81 -1.50 -21.49
N LYS D 135 -1.84 -0.73 -21.80
CA LYS D 135 -3.01 -0.62 -20.94
C LYS D 135 -4.08 -1.65 -21.28
N LEU D 136 -4.09 -2.18 -22.48
CA LEU D 136 -5.09 -3.13 -22.92
C LEU D 136 -4.67 -4.56 -22.63
N ALA D 137 -5.61 -5.48 -22.82
CA ALA D 137 -5.38 -6.90 -22.62
C ALA D 137 -6.53 -7.65 -23.27
N VAL D 138 -6.23 -8.86 -23.76
CA VAL D 138 -7.25 -9.67 -24.41
C VAL D 138 -8.32 -10.03 -23.39
N GLY D 139 -9.58 -9.88 -23.78
CA GLY D 139 -10.69 -10.15 -22.89
C GLY D 139 -11.05 -9.03 -21.95
N MET D 140 -10.42 -7.87 -22.07
CA MET D 140 -10.75 -6.74 -21.23
C MET D 140 -12.16 -6.25 -21.54
N PRO D 141 -12.99 -5.95 -20.54
CA PRO D 141 -14.36 -5.54 -20.82
C PRO D 141 -14.44 -4.14 -21.39
N ILE D 142 -15.56 -3.87 -22.05
CA ILE D 142 -15.89 -2.55 -22.56
C ILE D 142 -17.20 -2.14 -21.91
N ARG D 143 -17.16 -1.08 -21.11
CA ARG D 143 -18.29 -0.72 -20.28
C ARG D 143 -18.87 0.62 -20.67
N TYR D 144 -20.17 0.77 -20.47
CA TYR D 144 -20.88 2.03 -20.62
C TYR D 144 -21.74 2.21 -19.38
N LEU D 145 -21.47 3.27 -18.62
CA LEU D 145 -22.11 3.52 -17.32
C LEU D 145 -21.84 2.40 -16.33
N GLY D 146 -20.86 1.56 -16.60
CA GLY D 146 -20.48 0.48 -15.72
C GLY D 146 -20.98 -0.89 -16.13
N ILE D 147 -21.90 -0.97 -17.08
CA ILE D 147 -22.41 -2.23 -17.60
C ILE D 147 -21.56 -2.63 -18.79
N ASP D 148 -21.24 -3.92 -18.90
CA ASP D 148 -20.37 -4.37 -19.96
C ASP D 148 -21.10 -4.36 -21.30
N ILE D 149 -20.48 -3.73 -22.30
CA ILE D 149 -21.06 -3.60 -23.62
C ILE D 149 -20.43 -4.64 -24.54
N GLY D 150 -19.14 -4.87 -24.36
CA GLY D 150 -18.42 -5.87 -25.12
C GLY D 150 -17.10 -6.21 -24.49
N GLN D 151 -16.08 -6.49 -25.30
CA GLN D 151 -14.76 -6.80 -24.76
C GLN D 151 -13.76 -6.82 -25.90
N ILE D 152 -12.49 -6.85 -25.53
CA ILE D 152 -11.38 -6.92 -26.48
C ILE D 152 -11.11 -8.37 -26.82
N GLN D 153 -10.74 -8.63 -28.08
CA GLN D 153 -10.51 -9.99 -28.55
C GLN D 153 -9.06 -10.27 -28.90
N THR D 154 -8.38 -9.37 -29.62
CA THR D 154 -7.01 -9.58 -30.03
C THR D 154 -6.18 -8.34 -29.71
N LEU D 155 -4.87 -8.46 -29.89
CA LEU D 155 -3.94 -7.35 -29.74
C LEU D 155 -2.85 -7.56 -30.78
N ASP D 156 -3.00 -6.92 -31.94
CA ASP D 156 -2.06 -7.05 -33.03
C ASP D 156 -1.12 -5.85 -33.08
N LEU D 157 0.11 -6.09 -33.47
CA LEU D 157 1.12 -5.04 -33.57
C LEU D 157 1.43 -4.84 -35.05
N ILE D 158 0.73 -3.89 -35.66
CA ILE D 158 1.05 -3.48 -37.02
C ILE D 158 2.31 -2.62 -36.97
N THR D 159 3.35 -3.06 -37.65
CA THR D 159 4.60 -2.32 -37.66
C THR D 159 4.67 -1.30 -38.78
N ALA D 160 4.00 -1.55 -39.90
CA ALA D 160 3.91 -0.56 -40.97
C ALA D 160 3.33 0.74 -40.45
N ARG D 161 2.08 0.71 -40.00
CA ARG D 161 1.49 1.82 -39.25
C ARG D 161 1.83 1.61 -37.79
N ASN D 162 2.68 2.46 -37.23
CA ASN D 162 3.25 2.20 -35.91
C ASN D 162 2.16 2.37 -34.86
N GLU D 163 1.29 1.36 -34.79
CA GLU D 163 0.13 1.38 -33.92
C GLU D 163 -0.22 -0.05 -33.57
N VAL D 164 -1.23 -0.20 -32.70
CA VAL D 164 -1.72 -1.50 -32.26
C VAL D 164 -3.19 -1.58 -32.62
N GLN D 165 -3.54 -2.58 -33.43
CA GLN D 165 -4.93 -2.81 -33.80
C GLN D 165 -5.51 -3.84 -32.86
N ALA D 166 -6.45 -3.42 -32.02
CA ALA D 166 -7.06 -4.28 -31.01
C ALA D 166 -8.49 -4.55 -31.44
N LYS D 167 -8.72 -5.72 -32.04
CA LYS D 167 -10.05 -6.10 -32.45
C LYS D 167 -10.91 -6.36 -31.23
N ALA D 168 -12.01 -5.64 -31.11
CA ALA D 168 -12.95 -5.81 -30.02
C ALA D 168 -14.26 -6.38 -30.56
N VAL D 169 -15.23 -6.53 -29.68
CA VAL D 169 -16.55 -7.01 -30.07
C VAL D 169 -17.59 -6.36 -29.16
N LEU D 170 -18.70 -5.95 -29.76
CA LEU D 170 -19.84 -5.43 -29.03
C LEU D 170 -20.98 -6.44 -29.08
N TYR D 171 -21.61 -6.68 -27.94
CA TYR D 171 -22.70 -7.64 -27.89
C TYR D 171 -23.83 -7.17 -28.82
N PRO D 172 -24.56 -8.11 -29.42
CA PRO D 172 -25.48 -7.74 -30.50
C PRO D 172 -26.57 -6.76 -30.10
N GLU D 173 -26.84 -6.58 -28.81
CA GLU D 173 -27.86 -5.63 -28.39
C GLU D 173 -27.36 -4.20 -28.32
N TYR D 174 -26.05 -3.99 -28.28
CA TYR D 174 -25.48 -2.66 -28.21
C TYR D 174 -24.70 -2.25 -29.45
N VAL D 175 -24.58 -3.13 -30.44
CA VAL D 175 -23.79 -2.81 -31.62
C VAL D 175 -24.43 -1.69 -32.43
N GLN D 176 -25.71 -1.40 -32.19
CA GLN D 176 -26.39 -0.35 -32.94
C GLN D 176 -26.28 1.00 -32.24
N THR D 177 -26.39 1.02 -30.91
CA THR D 177 -26.25 2.27 -30.16
C THR D 177 -24.84 2.83 -30.31
N PHE D 178 -23.84 2.02 -30.01
CA PHE D 178 -22.45 2.37 -30.26
C PHE D 178 -22.12 1.97 -31.69
N ALA D 179 -20.84 1.93 -32.05
CA ALA D 179 -20.41 1.68 -33.43
C ALA D 179 -21.00 2.73 -34.37
N ARG D 180 -21.05 3.97 -33.90
CA ARG D 180 -21.55 5.10 -34.65
C ARG D 180 -20.41 6.08 -34.88
N GLY D 181 -20.75 7.25 -35.41
CA GLY D 181 -19.72 8.21 -35.80
C GLY D 181 -18.95 8.76 -34.61
N GLY D 182 -19.65 9.14 -33.55
CA GLY D 182 -19.05 9.91 -32.49
C GLY D 182 -18.68 9.18 -31.21
N THR D 183 -18.62 7.85 -31.22
CA THR D 183 -18.27 7.14 -30.00
C THR D 183 -16.75 7.12 -29.81
N ARG D 184 -16.35 7.24 -28.55
CA ARG D 184 -14.94 7.30 -28.19
C ARG D 184 -14.67 6.33 -27.05
N PHE D 185 -13.54 5.65 -27.12
CA PHE D 185 -13.13 4.67 -26.12
C PHE D 185 -11.86 5.14 -25.44
N SER D 186 -11.64 4.65 -24.22
CA SER D 186 -10.43 4.96 -23.48
C SER D 186 -10.30 3.99 -22.31
N VAL D 187 -9.07 3.53 -22.07
CA VAL D 187 -8.83 2.66 -20.93
C VAL D 187 -8.92 3.47 -19.65
N VAL D 188 -9.64 2.96 -18.67
CA VAL D 188 -9.78 3.61 -17.38
C VAL D 188 -8.67 3.12 -16.46
N THR D 189 -7.85 4.05 -15.99
CA THR D 189 -6.67 3.72 -15.21
C THR D 189 -6.84 4.21 -13.78
N PRO D 190 -6.15 3.57 -12.83
CA PRO D 190 -6.21 4.07 -11.45
C PRO D 190 -5.49 5.39 -11.31
N GLN D 191 -6.06 6.28 -10.51
CA GLN D 191 -5.52 7.62 -10.30
C GLN D 191 -5.27 7.78 -8.81
N ILE D 192 -4.02 7.65 -8.40
CA ILE D 192 -3.62 7.74 -7.01
C ILE D 192 -2.63 8.89 -6.88
N SER D 193 -3.08 10.01 -6.32
CA SER D 193 -2.23 11.16 -6.13
C SER D 193 -2.47 11.73 -4.74
N ALA D 194 -1.73 12.78 -4.40
CA ALA D 194 -1.94 13.44 -3.12
C ALA D 194 -3.30 14.10 -3.03
N ALA D 195 -3.93 14.40 -4.16
CA ALA D 195 -5.22 15.05 -4.20
C ALA D 195 -6.38 14.08 -4.01
N GLY D 196 -6.09 12.79 -3.90
CA GLY D 196 -7.15 11.80 -3.73
C GLY D 196 -7.03 10.64 -4.68
N VAL D 197 -7.73 9.56 -4.38
CA VAL D 197 -7.71 8.35 -5.21
C VAL D 197 -9.07 8.18 -5.86
N GLU D 198 -9.08 7.47 -6.98
CA GLU D 198 -10.33 7.08 -7.62
C GLU D 198 -10.02 5.99 -8.65
N HIS D 199 -11.05 5.22 -8.99
CA HIS D 199 -10.92 4.07 -9.88
C HIS D 199 -9.95 3.04 -9.31
N LEU D 200 -10.07 2.79 -8.01
CA LEU D 200 -9.21 1.78 -7.38
C LEU D 200 -9.59 0.36 -7.78
N ASP D 201 -10.75 0.18 -8.40
CA ASP D 201 -11.13 -1.15 -8.88
C ASP D 201 -10.44 -1.51 -10.18
N THR D 202 -9.76 -0.55 -10.81
CA THR D 202 -9.00 -0.79 -12.02
C THR D 202 -7.56 -1.21 -11.74
N ILE D 203 -7.20 -1.42 -10.49
CA ILE D 203 -5.87 -1.94 -10.18
C ILE D 203 -5.76 -3.38 -10.63
N LEU D 204 -6.78 -4.19 -10.34
CA LEU D 204 -6.80 -5.59 -10.70
C LEU D 204 -7.73 -5.91 -11.86
N GLN D 205 -8.58 -4.97 -12.25
CA GLN D 205 -9.63 -5.24 -13.24
C GLN D 205 -9.91 -3.99 -14.04
N PRO D 206 -8.97 -3.57 -14.89
CA PRO D 206 -9.21 -2.40 -15.74
C PRO D 206 -10.26 -2.69 -16.79
N TYR D 207 -10.73 -1.61 -17.42
CA TYR D 207 -11.73 -1.73 -18.47
C TYR D 207 -11.59 -0.57 -19.44
N ILE D 208 -12.44 -0.56 -20.45
CA ILE D 208 -12.47 0.48 -21.46
C ILE D 208 -13.82 1.18 -21.37
N ASN D 209 -13.79 2.50 -21.22
CA ASN D 209 -14.99 3.29 -21.07
C ASN D 209 -15.44 3.83 -22.41
N VAL D 210 -16.75 3.96 -22.59
CA VAL D 210 -17.35 4.33 -23.85
C VAL D 210 -18.29 5.52 -23.64
N GLU D 211 -18.31 6.41 -24.63
CA GLU D 211 -19.28 7.50 -24.67
C GLU D 211 -19.98 7.40 -26.02
N PRO D 212 -21.30 7.19 -26.05
CA PRO D 212 -21.98 7.00 -27.33
C PRO D 212 -22.01 8.30 -28.13
N GLY D 213 -22.31 8.15 -29.42
CA GLY D 213 -22.34 9.29 -30.30
C GLY D 213 -23.41 9.14 -31.36
N ARG D 214 -23.79 10.27 -31.94
CA ARG D 214 -24.70 10.29 -33.07
C ARG D 214 -23.89 10.38 -34.36
N GLY D 215 -24.14 9.45 -35.27
CA GLY D 215 -23.41 9.43 -36.52
C GLY D 215 -23.72 8.16 -37.30
N ASN D 216 -22.99 8.02 -38.40
CA ASN D 216 -23.15 6.86 -39.26
C ASN D 216 -22.41 5.67 -38.70
N PRO D 217 -22.79 4.45 -39.09
CA PRO D 217 -22.05 3.26 -38.65
C PRO D 217 -20.57 3.35 -39.02
N ARG D 218 -19.71 3.12 -38.04
CA ARG D 218 -18.28 3.34 -38.21
C ARG D 218 -17.47 2.04 -38.16
N ARG D 219 -17.59 1.27 -37.08
CA ARG D 219 -16.94 -0.03 -36.88
C ARG D 219 -15.42 0.06 -36.84
N ASP D 220 -14.84 1.25 -36.73
CA ASP D 220 -13.38 1.39 -36.74
C ASP D 220 -13.04 2.70 -36.03
N PHE D 221 -12.54 2.59 -34.80
CA PHE D 221 -12.30 3.76 -33.96
C PHE D 221 -10.85 3.84 -33.55
N GLU D 222 -10.57 4.79 -32.66
CA GLU D 222 -9.23 5.02 -32.14
C GLU D 222 -9.32 5.20 -30.63
N LEU D 223 -8.41 4.58 -29.91
CA LEU D 223 -8.41 4.70 -28.46
C LEU D 223 -7.90 6.07 -28.05
N GLN D 224 -8.49 6.61 -26.99
CA GLN D 224 -8.20 7.96 -26.53
C GLN D 224 -7.62 7.94 -25.13
N GLU D 225 -7.37 9.12 -24.58
CA GLU D 225 -6.74 9.28 -23.28
C GLU D 225 -7.74 9.56 -22.17
N ALA D 226 -8.86 10.22 -22.48
CA ALA D 226 -9.85 10.54 -21.47
C ALA D 226 -11.23 10.52 -22.10
N THR D 227 -12.24 10.28 -21.26
CA THR D 227 -13.62 10.23 -21.70
C THR D 227 -14.50 10.63 -20.53
N ILE D 228 -15.67 11.17 -20.83
CA ILE D 228 -16.64 11.47 -19.78
C ILE D 228 -17.18 10.16 -19.24
N THR D 229 -17.05 9.97 -17.92
CA THR D 229 -17.36 8.67 -17.32
C THR D 229 -18.87 8.43 -17.31
N ASP D 230 -19.64 9.35 -16.77
CA ASP D 230 -21.07 9.20 -16.62
C ASP D 230 -21.82 10.02 -17.67
N SER D 231 -23.07 9.60 -17.93
CA SER D 231 -23.90 10.25 -18.93
C SER D 231 -24.78 11.33 -18.33
N ARG D 232 -24.34 11.97 -17.23
CA ARG D 232 -25.13 13.02 -16.62
C ARG D 232 -25.36 14.18 -17.58
N TYR D 233 -24.37 14.46 -18.43
CA TYR D 233 -24.43 15.60 -19.35
C TYR D 233 -24.48 15.21 -20.81
N LEU D 234 -24.69 13.92 -21.10
CA LEU D 234 -24.80 13.50 -22.50
C LEU D 234 -25.96 14.20 -23.19
N ASP D 235 -27.18 13.94 -22.71
CA ASP D 235 -28.32 14.73 -23.16
C ASP D 235 -28.25 16.12 -22.56
N GLY D 236 -28.29 17.13 -23.41
CA GLY D 236 -28.18 18.49 -22.92
C GLY D 236 -27.59 19.44 -23.94
N LEU D 237 -27.50 20.71 -23.57
CA LEU D 237 -27.02 21.74 -24.47
C LEU D 237 -25.50 21.63 -24.62
N SER D 238 -25.04 21.47 -25.85
CA SER D 238 -23.63 21.32 -26.15
C SER D 238 -23.13 22.55 -26.88
N ILE D 239 -22.43 23.44 -26.17
CA ILE D 239 -21.97 24.71 -26.69
C ILE D 239 -20.46 24.69 -26.79
N ILE D 240 -19.91 25.74 -27.39
CA ILE D 240 -18.48 25.86 -27.64
C ILE D 240 -18.03 27.23 -27.18
N VAL D 241 -16.93 27.30 -26.45
CA VAL D 241 -16.29 28.56 -26.11
C VAL D 241 -14.92 28.60 -26.78
N GLU D 242 -14.51 29.78 -27.22
CA GLU D 242 -13.24 29.97 -27.90
C GLU D 242 -12.27 30.65 -26.94
N ALA D 243 -11.04 30.15 -26.90
CA ALA D 243 -10.02 30.70 -26.04
C ALA D 243 -8.73 30.87 -26.82
N PRO D 244 -7.90 31.86 -26.47
CA PRO D 244 -6.59 31.99 -27.10
C PRO D 244 -5.60 30.96 -26.61
N GLU D 245 -5.93 30.17 -25.60
CA GLU D 245 -5.04 29.18 -25.04
C GLU D 245 -5.83 28.27 -24.12
N ALA D 246 -5.58 26.96 -24.23
CA ALA D 246 -6.29 26.00 -23.38
C ALA D 246 -5.66 25.93 -21.99
N GLY D 247 -4.41 25.53 -21.92
CA GLY D 247 -3.69 25.55 -20.66
C GLY D 247 -4.20 24.54 -19.66
N SER D 248 -4.86 25.04 -18.62
CA SER D 248 -5.30 24.21 -17.49
C SER D 248 -6.54 23.38 -17.79
N LEU D 249 -7.22 23.62 -18.91
CA LEU D 249 -8.43 22.89 -19.21
C LEU D 249 -8.12 21.51 -19.78
N GLY D 250 -9.09 20.62 -19.63
CA GLY D 250 -8.98 19.26 -20.17
C GLY D 250 -10.35 18.64 -20.22
N ILE D 251 -10.41 17.44 -20.77
CA ILE D 251 -11.67 16.72 -20.82
C ILE D 251 -12.10 16.35 -19.41
N GLY D 252 -13.29 16.79 -19.02
CA GLY D 252 -13.84 16.46 -17.73
C GLY D 252 -13.80 17.58 -16.70
N THR D 253 -13.14 18.69 -17.01
CA THR D 253 -13.16 19.82 -16.10
C THR D 253 -14.59 20.35 -15.98
N PRO D 254 -15.04 20.68 -14.77
CA PRO D 254 -16.44 21.07 -14.61
C PRO D 254 -16.71 22.47 -15.12
N VAL D 255 -17.97 22.70 -15.49
CA VAL D 255 -18.47 24.01 -15.86
C VAL D 255 -19.35 24.50 -14.71
N LEU D 256 -18.98 25.64 -14.14
CA LEU D 256 -19.58 26.08 -12.89
C LEU D 256 -20.52 27.25 -13.12
N PHE D 257 -21.60 27.30 -12.34
CA PHE D 257 -22.50 28.44 -12.26
C PHE D 257 -22.77 28.72 -10.80
N ARG D 258 -22.28 29.86 -10.31
CA ARG D 258 -22.28 30.18 -8.88
C ARG D 258 -21.50 29.17 -8.05
N GLY D 259 -20.64 28.38 -8.69
CA GLY D 259 -19.84 27.40 -8.01
C GLY D 259 -20.37 25.99 -8.05
N LEU D 260 -21.55 25.76 -8.60
CA LEU D 260 -22.11 24.42 -8.73
C LEU D 260 -21.73 23.85 -10.09
N GLU D 261 -21.38 22.57 -10.11
CA GLU D 261 -21.10 21.91 -11.38
C GLU D 261 -22.38 21.81 -12.19
N VAL D 262 -22.34 22.33 -13.41
CA VAL D 262 -23.52 22.43 -14.25
C VAL D 262 -23.26 21.68 -15.56
N GLY D 263 -22.00 21.59 -15.93
CA GLY D 263 -21.63 20.88 -17.13
C GLY D 263 -20.18 20.46 -17.06
N THR D 264 -19.70 19.87 -18.15
CA THR D 264 -18.31 19.43 -18.24
C THR D 264 -17.74 19.87 -19.57
N VAL D 265 -16.42 19.80 -19.67
CA VAL D 265 -15.71 20.04 -20.92
C VAL D 265 -15.50 18.71 -21.59
N THR D 266 -15.96 18.58 -22.84
CA THR D 266 -15.96 17.30 -23.52
C THR D 266 -14.90 17.19 -24.61
N GLY D 267 -14.32 18.29 -25.05
CA GLY D 267 -13.31 18.23 -26.09
C GLY D 267 -12.62 19.57 -26.24
N MET D 268 -11.36 19.49 -26.68
CA MET D 268 -10.57 20.70 -26.94
C MET D 268 -9.89 20.50 -28.29
N THR D 269 -10.51 21.04 -29.33
CA THR D 269 -9.97 20.97 -30.68
C THR D 269 -9.17 22.24 -30.93
N LEU D 270 -8.77 22.49 -32.18
CA LEU D 270 -7.95 23.63 -32.51
C LEU D 270 -8.56 24.55 -33.56
N GLY D 271 -9.63 24.15 -34.22
CA GLY D 271 -10.28 24.98 -35.20
C GLY D 271 -9.65 24.88 -36.57
N THR D 272 -10.41 25.32 -37.58
CA THR D 272 -9.92 25.27 -38.95
C THR D 272 -8.67 26.13 -39.10
N LEU D 273 -8.80 27.43 -38.91
CA LEU D 273 -7.63 28.29 -38.76
C LEU D 273 -7.08 28.12 -37.36
N SER D 274 -5.87 27.62 -37.25
CA SER D 274 -5.32 27.25 -35.94
C SER D 274 -4.92 28.49 -35.16
N ASP D 275 -5.91 29.25 -34.70
CA ASP D 275 -5.64 30.42 -33.86
C ASP D 275 -6.55 30.50 -32.65
N ARG D 276 -7.49 29.57 -32.48
CA ARG D 276 -8.43 29.61 -31.37
C ARG D 276 -8.69 28.17 -30.93
N VAL D 277 -8.38 27.87 -29.67
CA VAL D 277 -8.76 26.58 -29.11
C VAL D 277 -10.26 26.59 -28.87
N MET D 278 -10.94 25.57 -29.39
CA MET D 278 -12.39 25.48 -29.28
C MET D 278 -12.73 24.48 -28.19
N ILE D 279 -13.04 24.98 -27.00
CA ILE D 279 -13.40 24.14 -25.86
C ILE D 279 -14.85 23.73 -26.02
N ALA D 280 -15.09 22.44 -26.23
CA ALA D 280 -16.45 21.93 -26.36
C ALA D 280 -16.98 21.56 -24.98
N MET D 281 -18.19 22.00 -24.68
CA MET D 281 -18.81 21.77 -23.38
C MET D 281 -20.19 21.17 -23.55
N ARG D 282 -20.71 20.60 -22.47
CA ARG D 282 -22.07 20.07 -22.42
C ARG D 282 -22.71 20.53 -21.12
N ILE D 283 -23.65 21.45 -21.23
CA ILE D 283 -24.42 21.88 -20.07
C ILE D 283 -25.55 20.90 -19.84
N SER D 284 -25.80 20.55 -18.58
CA SER D 284 -26.84 19.59 -18.26
C SER D 284 -28.19 20.07 -18.73
N LYS D 285 -29.04 19.12 -19.13
CA LYS D 285 -30.41 19.44 -19.51
C LYS D 285 -31.21 20.04 -18.36
N ARG D 286 -30.75 19.87 -17.13
CA ARG D 286 -31.45 20.45 -15.99
C ARG D 286 -31.15 21.93 -15.83
N TYR D 287 -29.92 22.34 -16.13
CA TYR D 287 -29.52 23.74 -16.06
C TYR D 287 -29.30 24.34 -17.45
N GLN D 288 -29.95 23.75 -18.46
CA GLN D 288 -29.77 24.24 -19.82
C GLN D 288 -30.31 25.65 -19.99
N HIS D 289 -31.35 26.01 -19.23
CA HIS D 289 -31.99 27.30 -19.36
C HIS D 289 -31.12 28.45 -18.86
N LEU D 290 -29.97 28.17 -18.26
CA LEU D 290 -29.10 29.23 -17.76
C LEU D 290 -28.17 29.77 -18.83
N VAL D 291 -27.93 29.03 -19.92
CA VAL D 291 -26.97 29.45 -20.94
C VAL D 291 -27.73 30.41 -21.85
N ARG D 292 -27.71 31.68 -21.49
CA ARG D 292 -28.39 32.68 -22.29
C ARG D 292 -27.49 33.13 -23.43
N ASN D 293 -28.11 33.75 -24.43
CA ASN D 293 -27.39 34.13 -25.64
C ASN D 293 -26.36 35.23 -25.39
N ASN D 294 -26.37 35.86 -24.22
CA ASN D 294 -25.39 36.89 -23.88
C ASN D 294 -24.59 36.53 -22.65
N SER D 295 -24.47 35.25 -22.33
CA SER D 295 -23.71 34.82 -21.16
C SER D 295 -22.22 34.97 -21.43
N VAL D 296 -21.48 35.37 -20.39
CA VAL D 296 -20.04 35.55 -20.49
C VAL D 296 -19.38 34.44 -19.69
N PHE D 297 -18.48 33.70 -20.34
CA PHE D 297 -17.73 32.63 -19.70
C PHE D 297 -16.34 33.13 -19.35
N TRP D 298 -15.81 32.66 -18.23
CA TRP D 298 -14.47 33.02 -17.82
C TRP D 298 -13.77 31.80 -17.24
N LEU D 299 -12.48 31.95 -16.98
CA LEU D 299 -11.62 30.84 -16.62
C LEU D 299 -11.40 30.87 -15.11
N ALA D 300 -12.09 29.99 -14.39
CA ALA D 300 -11.87 29.81 -12.95
C ALA D 300 -10.96 28.59 -12.78
N SER D 301 -9.69 28.79 -13.07
CA SER D 301 -8.69 27.72 -13.03
C SER D 301 -7.63 28.09 -12.00
N GLY D 302 -7.44 27.20 -11.03
CA GLY D 302 -6.44 27.45 -10.00
C GLY D 302 -6.88 28.55 -9.05
N TYR D 303 -5.91 29.08 -8.32
CA TYR D 303 -6.13 30.17 -7.39
C TYR D 303 -5.64 31.48 -8.00
N SER D 304 -6.30 32.58 -7.64
CA SER D 304 -5.96 33.92 -8.12
C SER D 304 -5.98 34.85 -6.91
N LEU D 305 -4.79 35.14 -6.38
CA LEU D 305 -4.69 35.93 -5.15
C LEU D 305 -4.88 37.42 -5.44
N ASP D 306 -5.41 38.12 -4.45
CA ASP D 306 -5.64 39.56 -4.55
C ASP D 306 -4.35 40.33 -4.31
N PHE D 307 -4.46 41.66 -4.38
CA PHE D 307 -3.37 42.55 -4.02
C PHE D 307 -3.94 43.94 -3.77
N GLY D 308 -3.84 44.42 -2.54
CA GLY D 308 -4.45 45.68 -2.17
C GLY D 308 -3.43 46.70 -1.71
N LEU D 309 -3.80 47.98 -1.87
CA LEU D 309 -2.91 49.07 -1.48
C LEU D 309 -3.00 49.38 0.01
N THR D 310 -4.19 49.80 0.47
CA THR D 310 -4.34 50.15 1.87
C THR D 310 -4.79 48.96 2.69
N GLY D 311 -5.85 48.29 2.25
CA GLY D 311 -6.26 47.04 2.86
C GLY D 311 -6.55 45.99 1.79
N GLY D 312 -5.76 44.92 1.79
CA GLY D 312 -5.96 43.87 0.81
C GLY D 312 -5.96 42.49 1.43
N VAL D 313 -7.07 41.80 1.32
CA VAL D 313 -7.20 40.45 1.85
C VAL D 313 -6.93 39.46 0.73
N VAL D 314 -6.20 38.40 1.03
CA VAL D 314 -5.91 37.35 0.06
C VAL D 314 -6.77 36.13 0.38
N LYS D 315 -7.21 35.44 -0.66
CA LYS D 315 -8.13 34.31 -0.54
C LYS D 315 -7.50 33.09 -1.19
N THR D 316 -7.80 31.92 -0.63
CA THR D 316 -7.29 30.68 -1.19
C THR D 316 -8.39 29.67 -1.49
N GLY D 317 -9.44 29.60 -0.69
CA GLY D 317 -10.47 28.61 -0.93
C GLY D 317 -9.92 27.21 -0.81
N THR D 318 -10.64 26.26 -1.40
CA THR D 318 -10.20 24.87 -1.46
C THR D 318 -10.56 24.22 -2.79
N PHE D 319 -10.68 25.02 -3.84
CA PHE D 319 -11.34 24.57 -5.07
C PHE D 319 -10.63 23.40 -5.71
N ASN D 320 -11.41 22.46 -6.24
CA ASN D 320 -10.91 21.44 -7.15
C ASN D 320 -10.53 22.00 -8.51
N GLN D 321 -10.84 23.28 -8.75
CA GLN D 321 -10.35 23.95 -9.95
C GLN D 321 -8.83 24.02 -9.97
N PHE D 322 -8.18 23.89 -8.81
CA PHE D 322 -6.73 23.70 -8.80
C PHE D 322 -6.36 22.28 -9.21
N ILE D 323 -7.32 21.35 -9.18
CA ILE D 323 -7.09 20.01 -9.69
C ILE D 323 -7.60 19.87 -11.11
N ARG D 324 -8.83 20.28 -11.36
CA ARG D 324 -9.44 20.30 -12.70
C ARG D 324 -9.92 21.73 -12.96
N GLY D 325 -9.16 22.47 -13.76
CA GLY D 325 -9.47 23.87 -14.00
C GLY D 325 -10.87 24.12 -14.51
N GLY D 326 -11.71 24.73 -13.69
CA GLY D 326 -13.09 24.92 -14.06
C GLY D 326 -13.31 26.14 -14.94
N ILE D 327 -14.47 26.15 -15.59
CA ILE D 327 -14.97 27.29 -16.34
C ILE D 327 -16.28 27.73 -15.70
N ALA D 328 -16.47 29.04 -15.55
CA ALA D 328 -17.60 29.58 -14.82
C ALA D 328 -18.55 30.33 -15.73
N PHE D 329 -19.80 30.39 -15.31
CA PHE D 329 -20.87 31.11 -16.00
C PHE D 329 -20.96 32.55 -15.51
N ALA D 330 -21.83 33.30 -16.18
CA ALA D 330 -22.40 34.55 -15.73
C ALA D 330 -23.43 34.98 -16.75
N THR D 331 -24.48 35.65 -16.27
CA THR D 331 -25.46 36.27 -17.16
C THR D 331 -25.63 37.72 -16.75
N PRO D 332 -25.29 38.68 -17.60
CA PRO D 332 -25.43 40.08 -17.20
C PRO D 332 -26.89 40.44 -17.00
N PRO D 333 -27.19 41.45 -16.20
CA PRO D 333 -28.59 41.81 -15.94
C PRO D 333 -29.26 42.41 -17.16
N GLY D 334 -30.58 42.26 -17.20
CA GLY D 334 -31.39 42.81 -18.27
C GLY D 334 -32.83 42.35 -18.19
N THR D 335 -33.77 43.25 -18.43
CA THR D 335 -35.18 42.89 -18.33
C THR D 335 -35.68 42.13 -19.57
N PRO D 336 -35.34 42.55 -20.81
CA PRO D 336 -35.67 41.67 -21.93
C PRO D 336 -34.58 40.61 -22.12
N LEU D 337 -34.71 39.52 -21.35
CA LEU D 337 -33.70 38.48 -21.33
C LEU D 337 -33.39 37.96 -22.73
N ALA D 338 -32.11 37.77 -23.01
CA ALA D 338 -31.70 37.22 -24.29
C ALA D 338 -32.20 35.79 -24.43
N PRO D 339 -32.41 35.32 -25.66
CA PRO D 339 -32.94 33.97 -25.85
C PRO D 339 -31.95 32.91 -25.36
N LYS D 340 -32.46 31.70 -25.18
CA LYS D 340 -31.62 30.59 -24.78
C LYS D 340 -30.65 30.24 -25.91
N ALA D 341 -29.44 29.85 -25.54
CA ALA D 341 -28.44 29.51 -26.53
C ALA D 341 -28.76 28.21 -27.23
N GLN D 342 -28.58 28.19 -28.54
CA GLN D 342 -28.83 26.99 -29.34
C GLN D 342 -27.63 26.05 -29.23
N GLU D 343 -27.70 24.91 -29.91
CA GLU D 343 -26.65 23.91 -29.80
C GLU D 343 -25.32 24.46 -30.30
N GLY D 344 -25.23 24.76 -31.59
CA GLY D 344 -23.98 25.24 -32.14
C GLY D 344 -23.72 26.71 -31.84
N LYS D 345 -23.46 27.02 -30.57
CA LYS D 345 -23.24 28.40 -30.14
C LYS D 345 -21.78 28.57 -29.75
N HIS D 346 -21.19 29.69 -30.14
CA HIS D 346 -19.79 29.99 -29.89
C HIS D 346 -19.69 31.19 -28.97
N PHE D 347 -19.13 30.99 -27.79
CA PHE D 347 -18.88 32.07 -26.85
C PHE D 347 -17.40 32.43 -26.89
N LEU D 348 -16.98 33.33 -25.99
CA LEU D 348 -15.59 33.75 -25.90
C LEU D 348 -15.19 33.76 -24.44
N LEU D 349 -14.03 33.18 -24.13
CA LEU D 349 -13.52 33.20 -22.76
C LEU D 349 -13.05 34.60 -22.41
N GLN D 350 -13.85 35.33 -21.64
CA GLN D 350 -13.47 36.64 -21.13
C GLN D 350 -12.66 36.42 -19.87
N GLU D 351 -11.33 36.43 -20.01
CA GLU D 351 -10.41 36.08 -18.94
C GLU D 351 -10.47 37.01 -17.73
N SER D 352 -11.29 38.05 -17.76
CA SER D 352 -11.25 39.07 -16.73
C SER D 352 -12.03 38.71 -15.47
N GLU D 353 -12.90 37.69 -15.52
CA GLU D 353 -13.79 37.41 -14.40
C GLU D 353 -14.57 38.66 -14.03
N PRO D 354 -15.62 39.02 -14.79
CA PRO D 354 -16.31 40.30 -14.57
C PRO D 354 -16.48 40.68 -13.10
N LYS D 355 -15.94 41.84 -12.74
CA LYS D 355 -15.71 42.16 -11.33
C LYS D 355 -17.01 42.27 -10.55
N GLU D 356 -18.05 42.84 -11.16
CA GLU D 356 -19.33 43.06 -10.49
C GLU D 356 -20.27 41.87 -10.66
N TRP D 357 -19.73 40.68 -10.91
CA TRP D 357 -20.57 39.51 -11.18
C TRP D 357 -21.45 39.15 -10.00
N ARG D 358 -20.87 39.07 -8.81
CA ARG D 358 -21.59 38.52 -7.66
C ARG D 358 -22.81 39.35 -7.27
N GLU D 359 -22.93 40.57 -7.76
CA GLU D 359 -24.06 41.43 -7.46
C GLU D 359 -25.03 41.53 -8.63
N TRP D 360 -24.89 40.69 -9.65
CA TRP D 360 -25.76 40.78 -10.81
C TRP D 360 -27.17 40.32 -10.50
N GLY D 361 -27.32 39.11 -9.97
CA GLY D 361 -28.63 38.62 -9.57
C GLY D 361 -29.63 38.57 -10.70
N THR D 362 -29.21 38.17 -11.89
CA THR D 362 -30.13 38.03 -13.01
C THR D 362 -31.12 36.92 -12.73
N ALA D 363 -32.41 37.24 -12.85
CA ALA D 363 -33.46 36.24 -12.65
C ALA D 363 -33.61 35.41 -13.91
N LEU D 364 -33.36 34.11 -13.80
CA LEU D 364 -33.41 33.18 -14.93
C LEU D 364 -34.47 32.13 -14.66
N PRO D 365 -35.74 32.43 -14.95
CA PRO D 365 -36.81 31.46 -14.68
C PRO D 365 -36.70 30.24 -15.58
N LYS D 366 -37.38 29.18 -15.17
CA LYS D 366 -37.36 27.92 -15.90
C LYS D 366 -38.55 27.80 -16.86
N LEU E 1 4.27 -50.82 29.15
CA LEU E 1 4.26 -49.35 29.06
C LEU E 1 5.68 -48.80 29.24
N PRO E 2 6.08 -47.91 28.34
CA PRO E 2 7.43 -47.33 28.42
C PRO E 2 7.64 -46.56 29.71
N THR E 3 8.90 -46.46 30.11
CA THR E 3 9.26 -45.78 31.35
C THR E 3 9.40 -44.28 31.11
N THR E 4 8.90 -43.49 32.06
CA THR E 4 8.90 -42.04 31.94
C THR E 4 10.31 -41.53 32.20
N THR E 5 10.96 -41.01 31.15
CA THR E 5 12.30 -40.47 31.32
C THR E 5 12.26 -39.10 31.99
N VAL E 6 11.34 -38.24 31.57
CA VAL E 6 11.18 -36.91 32.13
C VAL E 6 9.69 -36.62 32.25
N SER E 7 9.31 -35.89 33.30
CA SER E 7 7.92 -35.55 33.55
C SER E 7 7.78 -34.04 33.60
N LEU E 8 7.01 -33.48 32.68
CA LEU E 8 6.82 -32.04 32.58
C LEU E 8 5.64 -31.61 33.45
N SER E 9 5.22 -30.36 33.27
CA SER E 9 4.10 -29.80 34.03
C SER E 9 3.62 -28.56 33.33
N ALA E 10 2.30 -28.40 33.26
CA ALA E 10 1.73 -27.24 32.59
C ALA E 10 0.25 -27.05 32.89
N GLU E 11 -0.15 -25.84 33.24
CA GLU E 11 -1.55 -25.48 33.18
C GLU E 11 -1.92 -25.19 31.73
N THR E 12 -3.09 -25.66 31.32
CA THR E 12 -3.53 -25.55 29.92
C THR E 12 -2.51 -26.19 28.99
N LEU E 13 -2.38 -27.51 29.11
CA LEU E 13 -1.42 -28.27 28.29
C LEU E 13 -1.58 -27.87 26.83
N PRO E 14 -0.49 -27.58 26.14
CA PRO E 14 -0.57 -26.96 24.81
C PRO E 14 -0.65 -27.97 23.67
N ASP E 15 -1.83 -28.60 23.54
CA ASP E 15 -2.14 -29.46 22.39
C ASP E 15 -1.20 -30.66 22.32
N VAL E 16 -1.21 -31.47 23.37
CA VAL E 16 -0.44 -32.71 23.39
C VAL E 16 -1.33 -33.81 23.93
N GLN E 17 -1.11 -35.03 23.41
CA GLN E 17 -1.87 -36.18 23.87
C GLN E 17 -0.93 -37.35 24.16
N ALA E 18 -1.50 -38.51 24.45
CA ALA E 18 -0.73 -39.74 24.52
C ALA E 18 -0.38 -40.15 23.10
N GLY E 19 0.91 -40.16 22.79
CA GLY E 19 1.38 -40.45 21.44
C GLY E 19 1.98 -39.27 20.71
N SER E 20 1.99 -38.07 21.30
CA SER E 20 2.63 -36.93 20.65
C SER E 20 4.12 -37.18 20.54
N VAL E 21 4.68 -36.88 19.39
CA VAL E 21 6.09 -37.14 19.13
C VAL E 21 6.94 -36.12 19.86
N VAL E 22 8.07 -36.57 20.38
CA VAL E 22 9.03 -35.71 21.06
C VAL E 22 10.29 -35.67 20.20
N LEU E 23 10.54 -34.55 19.56
CA LEU E 23 11.61 -34.44 18.58
C LEU E 23 12.67 -33.46 19.06
N TYR E 24 13.93 -33.84 18.89
CA TYR E 24 15.06 -33.02 19.34
C TYR E 24 15.31 -31.90 18.33
N ARG E 25 14.36 -30.97 18.32
CA ARG E 25 14.39 -29.71 17.58
C ARG E 25 14.20 -29.90 16.08
N LYS E 26 14.53 -31.07 15.55
CA LYS E 26 14.12 -31.44 14.20
C LYS E 26 13.90 -32.93 14.02
N PHE E 27 14.07 -33.75 15.06
CA PHE E 27 14.38 -35.16 14.88
C PHE E 27 13.75 -35.94 16.01
N GLU E 28 12.83 -36.85 15.67
CA GLU E 28 12.04 -37.54 16.68
C GLU E 28 12.92 -38.45 17.53
N VAL E 29 12.84 -38.27 18.85
CA VAL E 29 13.65 -39.03 19.79
C VAL E 29 12.81 -39.62 20.91
N GLY E 30 11.49 -39.67 20.76
CA GLY E 30 10.65 -40.24 21.79
C GLY E 30 9.19 -39.94 21.53
N GLU E 31 8.41 -40.03 22.61
CA GLU E 31 6.97 -39.79 22.51
C GLU E 31 6.43 -39.54 23.90
N VAL E 32 5.23 -38.97 23.96
CA VAL E 32 4.55 -38.70 25.21
C VAL E 32 3.74 -39.93 25.61
N ILE E 33 3.90 -40.35 26.87
CA ILE E 33 3.25 -41.57 27.33
C ILE E 33 1.85 -41.27 27.82
N THR E 34 1.74 -40.44 28.86
CA THR E 34 0.48 -40.21 29.53
C THR E 34 0.36 -38.77 29.97
N VAL E 35 -0.88 -38.29 30.08
CA VAL E 35 -1.19 -36.96 30.59
C VAL E 35 -2.20 -37.14 31.71
N ARG E 36 -1.84 -36.68 32.91
CA ARG E 36 -2.70 -36.82 34.08
C ARG E 36 -2.81 -35.47 34.78
N PRO E 37 -4.02 -34.99 35.07
CA PRO E 37 -4.14 -33.80 35.91
C PRO E 37 -3.85 -34.14 37.37
N ARG E 38 -3.28 -33.17 38.10
CA ARG E 38 -2.89 -33.41 39.48
C ARG E 38 -3.73 -32.62 40.47
N ALA E 39 -3.65 -31.29 40.44
CA ALA E 39 -4.57 -30.44 41.19
C ALA E 39 -5.27 -29.44 40.28
N ASN E 40 -4.49 -28.63 39.57
CA ASN E 40 -5.00 -27.73 38.55
C ASN E 40 -4.08 -27.65 37.35
N ALA E 41 -3.00 -28.42 37.34
CA ALA E 41 -2.09 -28.54 36.21
C ALA E 41 -2.14 -29.97 35.70
N PHE E 42 -1.24 -30.30 34.78
CA PHE E 42 -1.20 -31.63 34.19
C PHE E 42 0.22 -32.16 34.24
N ASP E 43 0.36 -33.44 34.59
CA ASP E 43 1.63 -34.13 34.50
C ASP E 43 1.75 -34.73 33.12
N ILE E 44 2.83 -34.40 32.42
CA ILE E 44 3.05 -34.85 31.06
C ILE E 44 4.33 -35.67 31.07
N ASP E 45 4.21 -36.97 30.83
CA ASP E 45 5.33 -37.89 30.95
C ASP E 45 5.88 -38.23 29.57
N LEU E 46 7.16 -37.96 29.35
CA LEU E 46 7.83 -38.25 28.10
C LEU E 46 8.63 -39.53 28.20
N HIS E 47 9.01 -40.06 27.06
CA HIS E 47 9.87 -41.24 26.99
C HIS E 47 10.88 -41.05 25.88
N ILE E 48 12.09 -40.66 26.23
CA ILE E 48 13.18 -40.55 25.28
C ILE E 48 13.72 -41.95 25.02
N LYS E 49 14.03 -42.25 23.77
CA LYS E 49 14.63 -43.54 23.45
C LYS E 49 15.97 -43.68 24.17
N PRO E 50 16.36 -44.90 24.53
CA PRO E 50 17.55 -45.08 25.38
C PRO E 50 18.84 -44.59 24.74
N GLU E 51 18.94 -44.55 23.42
CA GLU E 51 20.14 -44.09 22.75
C GLU E 51 20.16 -42.58 22.53
N TYR E 52 19.17 -41.86 23.07
CA TYR E 52 19.15 -40.42 22.98
C TYR E 52 19.04 -39.74 24.34
N ARG E 53 19.06 -40.51 25.43
CA ARG E 53 18.94 -39.92 26.76
C ARG E 53 20.09 -38.99 27.10
N ASN E 54 21.20 -39.05 26.36
CA ASN E 54 22.29 -38.12 26.60
C ASN E 54 21.96 -36.72 26.13
N LEU E 55 20.99 -36.58 25.22
CA LEU E 55 20.57 -35.25 24.79
C LEU E 55 19.81 -34.51 25.88
N LEU E 56 19.23 -35.23 26.85
CA LEU E 56 18.41 -34.63 27.88
C LEU E 56 19.32 -34.27 29.06
N THR E 57 19.69 -33.01 29.17
CA THR E 57 20.52 -32.53 30.26
C THR E 57 19.65 -31.81 31.29
N SER E 58 20.30 -31.19 32.28
CA SER E 58 19.56 -30.47 33.30
C SER E 58 19.02 -29.15 32.75
N ASN E 59 19.87 -28.40 32.05
CA ASN E 59 19.48 -27.11 31.50
C ASN E 59 18.90 -27.29 30.10
N SER E 60 17.82 -28.08 30.03
CA SER E 60 17.09 -28.32 28.79
C SER E 60 15.66 -27.86 28.97
N VAL E 61 15.12 -27.18 27.96
CA VAL E 61 13.79 -26.62 28.02
C VAL E 61 12.92 -27.30 26.99
N PHE E 62 11.64 -27.46 27.33
CA PHE E 62 10.67 -28.13 26.47
C PHE E 62 9.59 -27.13 26.05
N TRP E 63 9.00 -27.37 24.89
CA TRP E 63 7.92 -26.52 24.42
C TRP E 63 7.09 -27.27 23.39
N ALA E 64 5.81 -26.94 23.34
CA ALA E 64 4.92 -27.57 22.39
C ALA E 64 5.04 -26.92 21.01
N GLU E 65 4.58 -27.64 19.99
CA GLU E 65 4.60 -27.14 18.63
C GLU E 65 3.30 -27.33 17.87
N GLY E 66 2.37 -28.12 18.37
CA GLY E 66 1.14 -28.35 17.65
C GLY E 66 1.35 -29.19 16.41
N GLY E 67 0.37 -29.10 15.52
CA GLY E 67 0.37 -29.89 14.31
C GLY E 67 1.13 -29.26 13.17
N ALA E 68 0.71 -29.57 11.95
CA ALA E 68 1.39 -29.08 10.76
C ALA E 68 1.23 -27.57 10.62
N LYS E 69 2.26 -26.93 10.06
CA LYS E 69 2.21 -25.52 9.75
C LYS E 69 2.76 -25.29 8.35
N VAL E 70 2.21 -24.28 7.68
CA VAL E 70 2.46 -24.06 6.26
C VAL E 70 3.07 -22.68 6.06
N GLN E 71 3.92 -22.27 7.00
CA GLN E 71 4.62 -20.98 6.97
C GLN E 71 5.03 -20.59 5.57
N LEU E 72 4.71 -19.35 5.18
CA LEU E 72 5.02 -18.82 3.86
C LEU E 72 5.70 -17.47 4.02
N ASN E 73 6.99 -17.41 3.72
CA ASN E 73 7.77 -16.20 3.90
C ASN E 73 8.86 -16.16 2.83
N GLY E 74 9.88 -15.33 3.05
CA GLY E 74 10.95 -15.17 2.07
C GLY E 74 11.67 -16.45 1.73
N SER E 75 11.69 -17.41 2.65
CA SER E 75 12.34 -18.70 2.41
C SER E 75 11.51 -19.64 1.58
N GLY E 76 10.44 -19.17 0.96
CA GLY E 76 9.58 -20.03 0.18
C GLY E 76 8.34 -20.46 0.95
N LEU E 77 7.83 -21.63 0.57
CA LEU E 77 6.68 -22.23 1.23
C LEU E 77 7.19 -23.50 1.92
N THR E 78 7.47 -23.39 3.21
CA THR E 78 8.00 -24.52 3.98
C THR E 78 6.90 -25.14 4.80
N VAL E 79 6.62 -26.42 4.55
CA VAL E 79 5.65 -27.19 5.31
C VAL E 79 6.39 -27.93 6.41
N GLN E 80 5.78 -28.03 7.58
CA GLN E 80 6.37 -28.73 8.72
C GLN E 80 5.37 -29.77 9.21
N ALA E 81 5.39 -30.94 8.58
CA ALA E 81 4.61 -32.08 9.03
C ALA E 81 5.43 -33.36 8.93
N SER E 82 6.74 -33.26 9.16
CA SER E 82 7.66 -34.30 8.73
C SER E 82 7.42 -35.64 9.42
N PRO E 83 7.13 -35.70 10.73
CA PRO E 83 6.65 -36.99 11.26
C PRO E 83 5.14 -37.02 11.28
N LEU E 84 4.59 -38.18 10.91
CA LEU E 84 3.14 -38.31 10.84
C LEU E 84 2.48 -38.15 12.20
N SER E 85 3.23 -38.36 13.28
CA SER E 85 2.66 -38.20 14.62
C SER E 85 2.58 -36.73 15.02
N ARG E 86 3.40 -35.87 14.42
CA ARG E 86 3.29 -34.45 14.68
C ARG E 86 2.01 -33.89 14.09
N ALA E 87 1.79 -34.11 12.82
CA ALA E 87 0.59 -33.65 12.15
C ALA E 87 -0.63 -34.39 12.56
N LEU E 88 -0.59 -35.26 13.56
CA LEU E 88 -1.78 -36.02 13.94
C LEU E 88 -2.11 -35.91 15.41
N LYS E 89 -1.10 -35.89 16.28
CA LYS E 89 -1.33 -35.78 17.72
C LYS E 89 -0.55 -34.67 18.40
N GLY E 90 0.18 -33.85 17.66
CA GLY E 90 0.97 -32.79 18.24
C GLY E 90 2.43 -33.19 18.33
N ALA E 91 3.21 -32.31 18.95
CA ALA E 91 4.63 -32.56 19.12
C ALA E 91 5.14 -31.80 20.33
N ILE E 92 6.33 -32.18 20.78
CA ILE E 92 7.00 -31.54 21.91
C ILE E 92 8.48 -31.49 21.57
N SER E 93 8.99 -30.29 21.32
CA SER E 93 10.40 -30.11 21.03
C SER E 93 11.15 -29.77 22.30
N PHE E 94 12.47 -29.95 22.26
CA PHE E 94 13.30 -29.53 23.36
C PHE E 94 14.71 -29.23 22.86
N ASP E 95 15.44 -28.50 23.68
CA ASP E 95 16.79 -28.07 23.31
C ASP E 95 17.57 -27.84 24.59
N ASN E 96 18.88 -27.77 24.46
CA ASN E 96 19.78 -27.52 25.58
C ASN E 96 20.21 -26.07 25.54
N LEU E 97 19.63 -25.25 26.41
CA LEU E 97 19.94 -23.83 26.48
C LEU E 97 20.98 -23.58 27.56
N SER E 98 21.99 -22.77 27.23
CA SER E 98 22.96 -22.35 28.23
C SER E 98 22.40 -21.17 29.02
N GLY E 99 22.42 -21.29 30.34
CA GLY E 99 21.87 -20.26 31.20
C GLY E 99 20.54 -20.59 31.82
N ALA E 100 19.87 -21.65 31.36
CA ALA E 100 18.64 -22.08 32.00
C ALA E 100 18.96 -22.78 33.32
N SER E 101 17.93 -23.28 33.99
CA SER E 101 18.06 -23.90 35.30
C SER E 101 18.77 -22.96 36.28
N ALA E 102 18.23 -21.76 36.40
CA ALA E 102 18.76 -20.75 37.31
C ALA E 102 17.80 -20.44 38.45
N SER E 103 16.57 -20.04 38.15
CA SER E 103 15.59 -19.74 39.19
C SER E 103 14.19 -20.19 38.84
N GLN E 104 14.03 -21.10 37.89
CA GLN E 104 12.71 -21.52 37.44
C GLN E 104 12.56 -23.02 37.25
N ARG E 105 13.60 -23.81 37.54
CA ARG E 105 13.60 -25.23 37.22
C ARG E 105 13.67 -26.14 38.43
N LYS E 106 13.98 -25.61 39.62
CA LYS E 106 14.32 -26.45 40.76
C LYS E 106 13.13 -26.61 41.69
N GLY E 107 12.96 -27.83 42.19
CA GLY E 107 12.02 -28.13 43.25
C GLY E 107 10.90 -29.09 42.89
N ASP E 108 10.25 -28.90 41.74
CA ASP E 108 9.22 -29.85 41.31
C ASP E 108 9.56 -30.55 40.00
N LYS E 109 9.67 -29.81 38.89
CA LYS E 109 9.97 -30.37 37.58
C LYS E 109 10.02 -29.28 36.53
N ARG E 110 10.39 -29.65 35.30
CA ARG E 110 10.41 -28.72 34.19
C ARG E 110 8.99 -28.25 33.85
N ILE E 111 8.89 -27.34 32.89
CA ILE E 111 7.62 -26.78 32.47
C ILE E 111 7.51 -26.87 30.95
N LEU E 112 6.37 -27.35 30.47
CA LEU E 112 6.10 -27.41 29.04
C LEU E 112 5.54 -26.06 28.61
N TYR E 113 6.41 -25.20 28.08
CA TYR E 113 5.98 -23.89 27.63
C TYR E 113 5.11 -24.01 26.39
N ALA E 114 4.18 -23.07 26.24
CA ALA E 114 3.20 -23.16 25.16
C ALA E 114 3.81 -22.86 23.80
N SER E 115 4.96 -22.21 23.75
CA SER E 115 5.56 -21.83 22.48
C SER E 115 7.06 -21.87 22.60
N GLU E 116 7.74 -21.71 21.45
CA GLU E 116 9.19 -21.81 21.44
C GLU E 116 9.84 -20.57 22.04
N THR E 117 9.22 -19.41 21.85
CA THR E 117 9.78 -18.18 22.40
C THR E 117 9.78 -18.21 23.92
N ALA E 118 8.65 -18.57 24.52
CA ALA E 118 8.54 -18.58 25.97
C ALA E 118 9.57 -19.50 26.62
N ALA E 119 10.09 -20.48 25.88
CA ALA E 119 11.15 -21.33 26.42
C ALA E 119 12.49 -20.62 26.38
N ARG E 120 12.75 -19.83 25.34
CA ARG E 120 14.00 -19.11 25.22
C ARG E 120 14.11 -17.94 26.19
N ALA E 121 13.02 -17.55 26.84
CA ALA E 121 13.00 -16.38 27.71
C ALA E 121 13.66 -16.70 29.05
N VAL E 122 14.98 -16.83 29.01
CA VAL E 122 15.76 -17.09 30.20
C VAL E 122 16.79 -15.97 30.37
N GLY E 123 17.13 -15.69 31.61
CA GLY E 123 18.10 -14.66 31.93
C GLY E 123 17.60 -13.78 33.04
N GLY E 124 18.28 -12.64 33.22
CA GLY E 124 17.85 -11.71 34.24
C GLY E 124 16.56 -11.01 33.84
N GLN E 125 15.69 -10.83 34.83
CA GLN E 125 14.38 -10.26 34.59
C GLN E 125 14.37 -8.79 34.99
N ILE E 126 13.93 -7.93 34.07
CA ILE E 126 13.77 -6.51 34.33
C ILE E 126 12.28 -6.19 34.30
N THR E 127 11.95 -4.97 34.70
CA THR E 127 10.56 -4.53 34.77
C THR E 127 10.42 -3.20 34.03
N LEU E 128 9.77 -3.24 32.88
CA LEU E 128 9.57 -2.06 32.06
C LEU E 128 8.23 -1.43 32.42
N HIS E 129 8.27 -0.21 32.93
CA HIS E 129 7.05 0.54 33.22
C HIS E 129 6.71 1.42 32.03
N ALA E 130 5.47 1.32 31.56
CA ALA E 130 5.03 2.08 30.40
C ALA E 130 3.68 2.72 30.70
N PHE E 131 3.35 3.74 29.92
CA PHE E 131 2.08 4.43 30.05
C PHE E 131 1.01 3.90 29.11
N ASP E 132 1.38 3.02 28.18
CA ASP E 132 0.45 2.49 27.19
C ASP E 132 1.08 1.25 26.59
N ALA E 133 0.35 0.14 26.61
CA ALA E 133 0.85 -1.12 26.07
C ALA E 133 0.40 -1.36 24.65
N GLY E 134 -0.15 -0.34 23.98
CA GLY E 134 -0.58 -0.52 22.61
C GLY E 134 0.56 -0.88 21.68
N LYS E 135 1.74 -0.37 21.96
CA LYS E 135 2.91 -0.68 21.14
C LYS E 135 3.59 -1.98 21.54
N LEU E 136 3.28 -2.52 22.71
CA LEU E 136 3.96 -3.68 23.26
C LEU E 136 3.19 -4.97 22.97
N ALA E 137 3.90 -6.08 23.07
CA ALA E 137 3.33 -7.40 22.88
C ALA E 137 4.19 -8.41 23.60
N VAL E 138 3.57 -9.51 24.04
CA VAL E 138 4.31 -10.56 24.72
C VAL E 138 5.26 -11.23 23.73
N GLY E 139 6.51 -11.42 24.16
CA GLY E 139 7.51 -12.02 23.31
C GLY E 139 8.17 -11.08 22.34
N MET E 140 7.80 -9.80 22.34
CA MET E 140 8.40 -8.84 21.44
C MET E 140 9.89 -8.71 21.74
N PRO E 141 10.75 -8.69 20.73
CA PRO E 141 12.18 -8.68 20.98
C PRO E 141 12.67 -7.34 21.50
N ILE E 142 13.73 -7.38 22.29
CA ILE E 142 14.43 -6.20 22.77
C ILE E 142 15.81 -6.19 22.11
N ARG E 143 16.07 -5.16 21.32
CA ARG E 143 17.23 -5.18 20.44
C ARG E 143 18.22 -4.08 20.78
N TYR E 144 19.48 -4.34 20.45
CA TYR E 144 20.56 -3.36 20.54
C TYR E 144 21.38 -3.45 19.27
N LEU E 145 21.36 -2.37 18.48
CA LEU E 145 22.04 -2.33 17.19
C LEU E 145 21.49 -3.38 16.22
N GLY E 146 20.30 -3.90 16.49
CA GLY E 146 19.67 -4.87 15.63
C GLY E 146 19.81 -6.31 16.07
N ILE E 147 20.68 -6.59 17.03
CA ILE E 147 20.79 -7.92 17.61
C ILE E 147 19.82 -8.05 18.77
N ASP E 148 19.29 -9.24 18.99
CA ASP E 148 18.32 -9.46 20.06
C ASP E 148 19.02 -9.53 21.40
N ILE E 149 18.59 -8.68 22.33
CA ILE E 149 19.10 -8.70 23.69
C ILE E 149 18.18 -9.46 24.64
N GLY E 150 16.88 -9.37 24.46
CA GLY E 150 15.94 -10.10 25.27
C GLY E 150 14.55 -10.03 24.68
N GLN E 151 13.52 -10.03 25.52
CA GLN E 151 12.16 -10.00 25.03
C GLN E 151 11.22 -9.67 26.19
N ILE E 152 9.99 -9.34 25.85
CA ILE E 152 8.95 -9.06 26.83
C ILE E 152 8.29 -10.37 27.21
N GLN E 153 7.99 -10.54 28.50
CA GLN E 153 7.36 -11.77 28.97
C GLN E 153 5.87 -11.57 29.23
N THR E 154 5.52 -10.58 30.05
CA THR E 154 4.14 -10.37 30.46
C THR E 154 3.74 -8.93 30.21
N LEU E 155 2.44 -8.68 30.26
CA LEU E 155 1.88 -7.33 30.18
C LEU E 155 0.78 -7.23 31.22
N ASP E 156 1.15 -6.74 32.41
CA ASP E 156 0.19 -6.57 33.49
C ASP E 156 -0.32 -5.12 33.51
N LEU E 157 -1.60 -4.97 33.78
CA LEU E 157 -2.22 -3.65 33.88
C LEU E 157 -2.44 -3.35 35.36
N ILE E 158 -1.56 -2.51 35.92
CA ILE E 158 -1.77 -1.99 37.26
C ILE E 158 -2.73 -0.81 37.16
N THR E 159 -3.73 -0.78 38.04
CA THR E 159 -4.74 0.27 38.00
C THR E 159 -4.58 1.31 39.09
N ALA E 160 -4.06 0.93 40.25
CA ALA E 160 -3.70 1.92 41.26
C ALA E 160 -2.74 2.94 40.68
N ARG E 161 -1.57 2.48 40.24
CA ARG E 161 -0.70 3.28 39.40
C ARG E 161 -1.14 3.06 37.95
N ASN E 162 -1.70 4.09 37.32
CA ASN E 162 -2.29 3.91 36.00
C ASN E 162 -1.21 3.71 34.95
N GLU E 163 -0.59 2.52 34.97
CA GLU E 163 0.50 2.21 34.05
C GLU E 163 0.52 0.71 33.83
N VAL E 164 1.23 0.30 32.78
CA VAL E 164 1.37 -1.11 32.43
C VAL E 164 2.78 -1.54 32.81
N GLN E 165 2.88 -2.61 33.59
CA GLN E 165 4.17 -3.17 33.98
C GLN E 165 4.47 -4.37 33.10
N ALA E 166 5.43 -4.22 32.19
CA ALA E 166 5.80 -5.26 31.25
C ALA E 166 7.09 -5.90 31.73
N LYS E 167 6.96 -7.08 32.34
CA LYS E 167 8.13 -7.81 32.80
C LYS E 167 8.86 -8.38 31.59
N ALA E 168 10.10 -7.94 31.40
CA ALA E 168 10.93 -8.40 30.30
C ALA E 168 12.05 -9.28 30.84
N VAL E 169 12.93 -9.70 29.95
CA VAL E 169 14.07 -10.52 30.33
C VAL E 169 15.22 -10.21 29.38
N LEU E 170 16.43 -10.17 29.92
CA LEU E 170 17.64 -9.99 29.14
C LEU E 170 18.43 -11.29 29.17
N TYR E 171 18.92 -11.71 28.01
CA TYR E 171 19.68 -12.95 27.95
C TYR E 171 20.92 -12.83 28.82
N PRO E 172 21.35 -13.93 29.47
CA PRO E 172 22.34 -13.81 30.55
C PRO E 172 23.67 -13.17 30.14
N GLU E 173 24.00 -13.13 28.86
CA GLU E 173 25.25 -12.51 28.43
C GLU E 173 25.13 -11.00 28.24
N TYR E 174 23.93 -10.43 28.38
CA TYR E 174 23.73 -9.00 28.27
C TYR E 174 23.09 -8.40 29.51
N VAL E 175 22.77 -9.21 30.52
CA VAL E 175 22.12 -8.70 31.71
C VAL E 175 23.08 -7.85 32.53
N GLN E 176 24.38 -7.93 32.25
CA GLN E 176 25.36 -7.13 32.98
C GLN E 176 25.69 -5.84 32.24
N THR E 177 25.79 -5.89 30.92
CA THR E 177 26.06 -4.68 30.15
C THR E 177 24.89 -3.71 30.24
N PHE E 178 23.70 -4.17 29.91
CA PHE E 178 22.49 -3.40 30.09
C PHE E 178 22.03 -3.57 31.53
N ALA E 179 20.81 -3.15 31.83
CA ALA E 179 20.26 -3.24 33.18
C ALA E 179 21.09 -2.40 34.15
N ARG E 180 21.60 -1.27 33.65
CA ARG E 180 22.39 -0.33 34.44
C ARG E 180 21.56 0.91 34.69
N GLY E 181 22.20 1.92 35.28
CA GLY E 181 21.47 3.11 35.70
C GLY E 181 20.85 3.88 34.55
N GLY E 182 21.60 4.07 33.47
CA GLY E 182 21.20 5.00 32.43
C GLY E 182 20.69 4.41 31.13
N THR E 183 20.30 3.14 31.11
CA THR E 183 19.79 2.56 29.88
C THR E 183 18.33 2.96 29.67
N ARG E 184 17.95 3.09 28.41
CA ARG E 184 16.62 3.55 28.04
C ARG E 184 16.04 2.63 26.98
N PHE E 185 14.73 2.37 27.08
CA PHE E 185 14.01 1.53 26.14
C PHE E 185 12.94 2.35 25.45
N SER E 186 12.56 1.91 24.26
CA SER E 186 11.49 2.56 23.51
C SER E 186 11.07 1.66 22.36
N VAL E 187 9.76 1.56 22.14
CA VAL E 187 9.23 0.76 21.04
C VAL E 187 9.50 1.48 19.74
N VAL E 188 10.07 0.77 18.77
CA VAL E 188 10.31 1.32 17.45
C VAL E 188 9.06 1.10 16.60
N THR E 189 8.50 2.18 16.08
CA THR E 189 7.27 2.17 15.30
C THR E 189 7.57 2.56 13.86
N PRO E 190 6.75 2.11 12.91
CA PRO E 190 6.97 2.52 11.52
C PRO E 190 6.69 3.99 11.32
N GLN E 191 7.51 4.62 10.47
CA GLN E 191 7.42 6.06 10.23
C GLN E 191 7.23 6.29 8.74
N ILE E 192 5.97 6.29 8.31
CA ILE E 192 5.61 6.53 6.92
C ILE E 192 5.07 7.94 6.82
N SER E 193 5.76 8.78 6.04
CA SER E 193 5.39 10.18 5.89
C SER E 193 5.61 10.60 4.45
N ALA E 194 5.26 11.83 4.14
CA ALA E 194 5.55 12.39 2.83
C ALA E 194 7.04 12.61 2.63
N ALA E 195 7.80 12.74 3.73
CA ALA E 195 9.22 12.99 3.67
C ALA E 195 10.05 11.71 3.72
N GLY E 196 9.46 10.57 3.38
CA GLY E 196 10.16 9.32 3.35
C GLY E 196 9.65 8.35 4.40
N VAL E 197 10.03 7.09 4.22
CA VAL E 197 9.62 6.01 5.11
C VAL E 197 10.86 5.43 5.78
N GLU E 198 10.66 4.84 6.95
CA GLU E 198 11.72 4.14 7.65
C GLU E 198 11.10 3.19 8.66
N HIS E 199 11.86 2.18 9.05
CA HIS E 199 11.41 1.15 9.98
C HIS E 199 10.19 0.41 9.44
N LEU E 200 10.17 0.17 8.13
CA LEU E 200 9.08 -0.57 7.52
C LEU E 200 9.00 -2.01 8.03
N ASP E 201 10.12 -2.56 8.52
CA ASP E 201 10.08 -3.89 9.09
C ASP E 201 9.27 -3.93 10.38
N THR E 202 9.13 -2.80 11.06
CA THR E 202 8.33 -2.71 12.27
C THR E 202 6.84 -2.64 11.99
N ILE E 203 6.42 -2.76 10.73
CA ILE E 203 5.00 -2.88 10.43
C ILE E 203 4.45 -4.19 10.96
N LEU E 204 5.21 -5.26 10.78
CA LEU E 204 4.80 -6.59 11.20
C LEU E 204 5.60 -7.16 12.36
N GLN E 205 6.79 -6.63 12.63
CA GLN E 205 7.65 -7.10 13.72
C GLN E 205 8.20 -5.89 14.47
N PRO E 206 7.40 -5.26 15.32
CA PRO E 206 7.92 -4.15 16.13
C PRO E 206 8.76 -4.65 17.28
N TYR E 207 9.87 -3.98 17.51
CA TYR E 207 10.80 -4.35 18.57
C TYR E 207 10.99 -3.19 19.53
N ILE E 208 11.78 -3.43 20.56
CA ILE E 208 12.13 -2.43 21.56
C ILE E 208 13.61 -2.11 21.41
N ASN E 209 13.93 -0.83 21.26
CA ASN E 209 15.30 -0.40 21.07
C ASN E 209 15.90 0.01 22.41
N VAL E 210 17.18 -0.30 22.58
CA VAL E 210 17.89 -0.08 23.82
C VAL E 210 19.09 0.80 23.57
N GLU E 211 19.39 1.69 24.51
CA GLU E 211 20.60 2.49 24.51
C GLU E 211 21.29 2.29 25.84
N PRO E 212 22.48 1.70 25.88
CA PRO E 212 23.10 1.36 27.17
C PRO E 212 23.51 2.59 27.97
N GLY E 213 23.92 2.38 29.20
CA GLY E 213 24.36 3.47 30.04
C GLY E 213 25.28 2.97 31.12
N ARG E 214 25.94 3.91 31.77
CA ARG E 214 26.79 3.62 32.92
C ARG E 214 26.08 4.00 34.20
N GLY E 215 26.17 3.16 35.20
CA GLY E 215 25.51 3.41 36.46
C GLY E 215 25.32 2.13 37.24
N ASN E 216 24.60 2.27 38.35
CA ASN E 216 24.33 1.12 39.20
C ASN E 216 23.26 0.24 38.58
N PRO E 217 23.28 -1.06 38.87
CA PRO E 217 22.24 -1.95 38.33
C PRO E 217 20.86 -1.52 38.79
N ARG E 218 19.95 -1.38 37.83
CA ARG E 218 18.64 -0.80 38.07
C ARG E 218 17.52 -1.84 38.09
N ARG E 219 17.37 -2.61 37.01
CA ARG E 219 16.36 -3.66 36.89
C ARG E 219 14.93 -3.12 36.86
N ASP E 220 14.75 -1.80 36.95
CA ASP E 220 13.43 -1.18 36.96
C ASP E 220 13.49 0.06 36.09
N PHE E 221 13.01 -0.03 34.86
CA PHE E 221 13.14 1.07 33.91
C PHE E 221 11.76 1.58 33.52
N GLU E 222 11.76 2.63 32.70
CA GLU E 222 10.53 3.24 32.20
C GLU E 222 10.63 3.34 30.68
N LEU E 223 9.60 2.85 30.01
CA LEU E 223 9.57 2.91 28.55
C LEU E 223 9.42 4.35 28.08
N GLN E 224 10.22 4.74 27.10
CA GLN E 224 10.26 6.10 26.61
C GLN E 224 9.65 6.17 25.21
N GLU E 225 9.60 7.39 24.66
CA GLU E 225 9.01 7.63 23.36
C GLU E 225 10.02 7.56 22.21
N ALA E 226 11.23 8.04 22.43
CA ALA E 226 12.27 8.01 21.41
C ALA E 226 13.59 7.58 22.04
N THR E 227 14.53 7.18 21.18
CA THR E 227 15.82 6.70 21.62
C THR E 227 16.77 6.76 20.43
N ILE E 228 18.04 7.06 20.70
CA ILE E 228 19.04 7.01 19.64
C ILE E 228 19.19 5.57 19.17
N THR E 229 19.08 5.38 17.85
CA THR E 229 19.04 4.03 17.30
C THR E 229 20.43 3.41 17.23
N ASP E 230 21.31 4.02 16.45
CA ASP E 230 22.67 3.52 16.28
C ASP E 230 23.61 4.10 17.33
N SER E 231 24.72 3.38 17.55
CA SER E 231 25.70 3.78 18.55
C SER E 231 26.86 4.56 17.94
N ARG E 232 26.60 5.32 16.87
CA ARG E 232 27.66 6.12 16.27
C ARG E 232 28.21 7.15 17.23
N TYR E 233 27.38 7.66 18.13
CA TYR E 233 27.78 8.70 19.08
C TYR E 233 27.64 8.25 20.53
N LEU E 234 27.60 6.93 20.78
CA LEU E 234 27.47 6.46 22.16
C LEU E 234 28.64 6.94 22.99
N ASP E 235 29.86 6.52 22.64
CA ASP E 235 31.02 7.21 23.16
C ASP E 235 31.15 8.57 22.47
N GLY E 236 31.93 9.45 23.07
CA GLY E 236 32.09 10.76 22.50
C GLY E 236 31.75 11.89 23.45
N LEU E 237 32.09 13.11 23.07
CA LEU E 237 31.91 14.24 23.96
C LEU E 237 30.43 14.54 24.16
N SER E 238 29.99 14.49 25.41
CA SER E 238 28.65 14.91 25.79
C SER E 238 28.69 16.34 26.31
N ILE E 239 27.80 17.18 25.78
CA ILE E 239 27.73 18.58 26.14
C ILE E 239 26.27 18.97 26.27
N ILE E 240 26.02 20.16 26.80
CA ILE E 240 24.67 20.62 27.10
C ILE E 240 24.55 22.07 26.67
N VAL E 241 23.70 22.35 25.70
CA VAL E 241 23.41 23.72 25.29
C VAL E 241 22.11 24.14 25.95
N GLU E 242 22.09 25.34 26.50
CA GLU E 242 20.94 25.88 27.20
C GLU E 242 20.18 26.82 26.27
N ALA E 243 18.86 26.66 26.22
CA ALA E 243 18.02 27.45 25.34
C ALA E 243 16.80 27.93 26.11
N PRO E 244 16.30 29.13 25.80
CA PRO E 244 15.06 29.60 26.44
C PRO E 244 13.83 28.86 25.96
N GLU E 245 13.95 27.94 25.01
CA GLU E 245 12.82 27.17 24.50
C GLU E 245 13.36 26.03 23.65
N ALA E 246 12.71 24.87 23.74
CA ALA E 246 13.06 23.75 22.89
C ALA E 246 12.43 23.91 21.51
N GLY E 247 11.11 23.95 21.45
CA GLY E 247 10.42 24.17 20.19
C GLY E 247 10.59 23.06 19.19
N SER E 248 11.37 23.32 18.15
CA SER E 248 11.50 22.40 17.03
C SER E 248 12.51 21.28 17.28
N LEU E 249 13.25 21.34 18.37
CA LEU E 249 14.26 20.33 18.64
C LEU E 249 13.63 19.08 19.24
N GLY E 250 14.23 17.93 18.93
CA GLY E 250 13.77 16.67 19.48
C GLY E 250 14.95 15.73 19.63
N ILE E 251 14.66 14.56 20.19
CA ILE E 251 15.69 13.53 20.33
C ILE E 251 16.04 12.99 18.95
N GLY E 252 17.33 12.95 18.64
CA GLY E 252 17.81 12.44 17.38
C GLY E 252 18.09 13.49 16.33
N THR E 253 17.72 14.75 16.58
CA THR E 253 18.02 15.79 15.62
C THR E 253 19.53 15.97 15.50
N PRO E 254 20.05 16.16 14.28
CA PRO E 254 21.49 16.19 14.11
C PRO E 254 22.10 17.49 14.62
N VAL E 255 23.35 17.37 15.06
CA VAL E 255 24.18 18.51 15.41
C VAL E 255 25.17 18.70 14.27
N LEU E 256 25.15 19.85 13.63
CA LEU E 256 25.86 20.07 12.39
C LEU E 256 27.06 20.99 12.60
N PHE E 257 28.16 20.67 11.91
CA PHE E 257 29.31 21.55 11.80
C PHE E 257 29.63 21.72 10.32
N ARG E 258 29.50 22.94 9.81
CA ARG E 258 29.66 23.23 8.39
C ARG E 258 28.66 22.48 7.54
N GLY E 259 27.56 22.01 8.13
CA GLY E 259 26.55 21.29 7.41
C GLY E 259 26.65 19.79 7.49
N LEU E 260 27.80 19.25 7.92
CA LEU E 260 27.94 17.81 8.10
C LEU E 260 27.40 17.40 9.46
N GLU E 261 26.83 16.20 9.52
CA GLU E 261 26.33 15.68 10.78
C GLU E 261 27.48 15.24 11.65
N VAL E 262 27.55 15.80 12.87
CA VAL E 262 28.65 15.57 13.78
C VAL E 262 28.18 14.88 15.06
N GLY E 263 27.03 15.28 15.58
CA GLY E 263 26.46 14.64 16.75
C GLY E 263 24.95 14.74 16.68
N THR E 264 24.30 14.16 17.68
CA THR E 264 22.85 14.19 17.78
C THR E 264 22.44 14.66 19.17
N VAL E 265 21.20 15.13 19.26
CA VAL E 265 20.60 15.51 20.54
C VAL E 265 20.08 14.24 21.20
N THR E 266 20.36 14.09 22.49
CA THR E 266 19.95 12.89 23.22
C THR E 266 18.84 13.14 24.22
N GLY E 267 18.76 14.32 24.81
CA GLY E 267 17.74 14.60 25.79
C GLY E 267 17.44 16.07 25.89
N MET E 268 16.18 16.39 26.20
CA MET E 268 15.73 17.76 26.39
C MET E 268 15.06 17.84 27.76
N THR E 269 15.86 18.09 28.79
CA THR E 269 15.35 18.22 30.15
C THR E 269 14.86 19.65 30.35
N LEU E 270 14.59 20.03 31.60
CA LEU E 270 14.07 21.35 31.91
C LEU E 270 14.90 22.12 32.92
N GLY E 271 15.95 21.53 33.46
CA GLY E 271 16.76 22.21 34.45
C GLY E 271 16.10 22.26 35.81
N THR E 272 16.92 22.48 36.84
CA THR E 272 16.43 22.52 38.21
C THR E 272 15.40 23.64 38.37
N LEU E 273 15.84 24.88 38.23
CA LEU E 273 14.92 25.99 38.08
C LEU E 273 14.34 25.96 36.68
N SER E 274 13.03 25.82 36.57
CA SER E 274 12.42 25.61 35.26
C SER E 274 12.41 26.89 34.45
N ASP E 275 13.58 27.30 33.94
CA ASP E 275 13.69 28.49 33.12
C ASP E 275 14.55 28.30 31.88
N ARG E 276 15.27 27.18 31.77
CA ARG E 276 16.13 26.92 30.62
C ARG E 276 16.02 25.45 30.25
N VAL E 277 15.80 25.18 28.97
CA VAL E 277 15.77 23.81 28.49
C VAL E 277 17.20 23.34 28.25
N MET E 278 17.61 22.32 28.98
CA MET E 278 18.98 21.80 28.91
C MET E 278 19.01 20.72 27.83
N ILE E 279 19.50 21.08 26.66
CA ILE E 279 19.56 20.17 25.52
C ILE E 279 20.86 19.39 25.60
N ALA E 280 20.76 18.08 25.84
CA ALA E 280 21.93 17.23 25.97
C ALA E 280 22.28 16.64 24.61
N MET E 281 23.51 16.87 24.17
CA MET E 281 23.99 16.37 22.89
C MET E 281 25.21 15.48 23.11
N ARG E 282 25.50 14.65 22.10
CA ARG E 282 26.69 13.82 22.09
C ARG E 282 27.42 14.06 20.78
N ILE E 283 28.58 14.70 20.86
CA ILE E 283 29.42 14.90 19.69
C ILE E 283 30.26 13.65 19.47
N SER E 284 30.36 13.23 18.21
CA SER E 284 31.12 12.03 17.89
C SER E 284 32.57 12.18 18.34
N LYS E 285 33.14 11.07 18.82
CA LYS E 285 34.53 11.10 19.26
C LYS E 285 35.49 11.38 18.13
N ARG E 286 35.03 11.30 16.88
CA ARG E 286 35.87 11.66 15.76
C ARG E 286 35.97 13.17 15.59
N TYR E 287 34.87 13.89 15.84
CA TYR E 287 34.85 15.34 15.79
C TYR E 287 34.83 15.96 17.17
N GLN E 288 35.30 15.22 18.18
CA GLN E 288 35.36 15.75 19.53
C GLN E 288 36.31 16.93 19.62
N HIS E 289 37.29 17.01 18.71
CA HIS E 289 38.28 18.07 18.76
C HIS E 289 37.75 19.41 18.26
N LEU E 290 36.51 19.46 17.76
CA LEU E 290 35.96 20.70 17.24
C LEU E 290 35.20 21.50 18.27
N VAL E 291 34.77 20.88 19.37
CA VAL E 291 33.94 21.56 20.36
C VAL E 291 34.91 22.29 21.29
N ARG E 292 35.26 23.51 20.91
CA ARG E 292 36.19 24.29 21.70
C ARG E 292 35.46 25.00 22.84
N ASN E 293 36.24 25.49 23.79
CA ASN E 293 35.66 26.08 24.99
C ASN E 293 34.94 27.38 24.71
N ASN E 294 35.09 27.94 23.52
CA ASN E 294 34.43 29.20 23.16
C ASN E 294 33.55 29.06 21.93
N SER E 295 33.21 27.84 21.55
CA SER E 295 32.36 27.63 20.39
C SER E 295 30.97 28.17 20.66
N VAL E 296 30.34 28.72 19.63
CA VAL E 296 29.00 29.28 19.72
C VAL E 296 28.04 28.33 19.01
N PHE E 297 26.94 27.99 19.68
CA PHE E 297 25.92 27.13 19.14
C PHE E 297 24.71 27.96 18.74
N TRP E 298 24.07 27.59 17.64
CA TRP E 298 22.90 28.32 17.18
C TRP E 298 21.92 27.33 16.56
N LEU E 299 20.71 27.82 16.32
CA LEU E 299 19.58 26.97 15.96
C LEU E 299 19.41 26.99 14.44
N ALA E 300 19.97 25.98 13.77
CA ALA E 300 19.74 25.79 12.35
C ALA E 300 18.57 24.84 12.16
N SER E 301 17.40 25.33 12.57
CA SER E 301 16.17 24.54 12.56
C SER E 301 15.16 25.19 11.62
N GLY E 302 14.84 24.50 10.54
CA GLY E 302 13.91 25.04 9.56
C GLY E 302 14.59 26.07 8.68
N TYR E 303 13.79 26.65 7.79
CA TYR E 303 14.27 27.68 6.89
C TYR E 303 14.19 29.04 7.55
N SER E 304 15.09 29.94 7.12
CA SER E 304 15.10 31.33 7.56
C SER E 304 15.23 32.19 6.31
N LEU E 305 14.11 32.52 5.70
CA LEU E 305 14.11 33.25 4.44
C LEU E 305 14.49 34.71 4.68
N ASP E 306 15.16 35.29 3.68
CA ASP E 306 15.74 36.61 3.80
C ASP E 306 14.73 37.69 3.46
N PHE E 307 15.19 38.94 3.50
CA PHE E 307 14.33 40.10 3.23
C PHE E 307 15.19 41.28 2.83
N GLY E 308 14.75 41.99 1.80
CA GLY E 308 15.47 43.16 1.33
C GLY E 308 14.51 44.16 0.73
N LEU E 309 14.75 45.44 1.02
CA LEU E 309 13.87 46.50 0.54
C LEU E 309 14.05 46.73 -0.96
N THR E 310 15.24 47.14 -1.37
CA THR E 310 15.51 47.28 -2.80
C THR E 310 15.61 45.91 -3.48
N GLY E 311 16.21 44.93 -2.82
CA GLY E 311 16.23 43.58 -3.34
C GLY E 311 16.76 42.59 -2.33
N GLY E 312 16.02 41.51 -2.09
CA GLY E 312 16.46 40.49 -1.16
C GLY E 312 16.36 39.11 -1.76
N VAL E 313 17.51 38.46 -1.96
CA VAL E 313 17.51 37.10 -2.47
C VAL E 313 17.06 36.16 -1.36
N VAL E 314 16.26 35.16 -1.73
CA VAL E 314 15.72 34.20 -0.78
C VAL E 314 16.36 32.85 -1.03
N LYS E 315 16.52 32.07 0.05
CA LYS E 315 17.19 30.78 0.00
C LYS E 315 16.21 29.70 0.45
N THR E 316 16.24 28.56 -0.22
CA THR E 316 15.35 27.46 0.13
C THR E 316 16.09 26.23 0.63
N GLY E 317 17.00 25.67 -0.16
CA GLY E 317 17.59 24.41 0.22
C GLY E 317 16.53 23.31 0.31
N THR E 318 16.95 22.18 0.87
CA THR E 318 16.03 21.07 1.12
C THR E 318 16.34 20.37 2.44
N PHE E 319 16.80 21.14 3.43
CA PHE E 319 17.41 20.57 4.62
C PHE E 319 16.46 19.64 5.36
N ASN E 320 17.04 18.58 5.93
CA ASN E 320 16.36 17.76 6.92
C ASN E 320 16.12 18.48 8.23
N GLN E 321 16.68 19.69 8.38
CA GLN E 321 16.38 20.52 9.53
C GLN E 321 14.92 20.94 9.58
N PHE E 322 14.26 21.07 8.42
CA PHE E 322 12.83 21.30 8.43
C PHE E 322 12.07 20.04 8.82
N ILE E 323 12.69 18.88 8.74
CA ILE E 323 12.10 17.63 9.23
C ILE E 323 12.55 17.34 10.65
N ARG E 324 13.83 17.54 10.94
CA ARG E 324 14.39 17.39 12.29
C ARG E 324 15.30 18.58 12.54
N GLY E 325 14.83 19.54 13.33
CA GLY E 325 15.56 20.78 13.56
C GLY E 325 16.96 20.59 14.07
N GLY E 326 17.95 20.99 13.28
CA GLY E 326 19.33 20.80 13.66
C GLY E 326 19.87 21.89 14.57
N ILE E 327 21.06 21.63 15.12
CA ILE E 327 21.85 22.61 15.84
C ILE E 327 23.21 22.69 15.19
N ALA E 328 23.74 23.91 15.07
CA ALA E 328 24.97 24.11 14.33
C ALA E 328 26.10 24.59 15.24
N PHE E 329 27.32 24.34 14.78
CA PHE E 329 28.55 24.79 15.43
C PHE E 329 29.04 26.09 14.85
N ALA E 330 30.06 26.62 15.50
CA ALA E 330 31.01 27.59 14.96
C ALA E 330 32.08 27.81 16.01
N THR E 331 33.31 28.01 15.56
CA THR E 331 34.39 28.34 16.46
C THR E 331 34.96 29.68 16.03
N PRO E 332 34.88 30.71 16.86
CA PRO E 332 35.34 32.04 16.45
C PRO E 332 36.85 32.05 16.27
N PRO E 333 37.37 32.98 15.49
CA PRO E 333 38.82 32.97 15.21
C PRO E 333 39.63 33.41 16.42
N GLY E 334 40.89 33.02 16.40
CA GLY E 334 41.82 33.35 17.47
C GLY E 334 43.03 32.45 17.41
N THR E 335 44.22 33.03 17.62
CA THR E 335 45.43 32.24 17.52
C THR E 335 45.62 31.35 18.75
N PRO E 336 45.40 31.84 20.00
CA PRO E 336 45.49 30.88 21.11
C PRO E 336 44.17 30.12 21.28
N LEU E 337 44.02 29.06 20.50
CA LEU E 337 42.80 28.26 20.51
C LEU E 337 42.38 27.91 21.93
N ALA E 338 41.11 28.16 22.24
CA ALA E 338 40.57 27.80 23.54
C ALA E 338 40.66 26.29 23.74
N PRO E 339 40.80 25.83 24.98
CA PRO E 339 40.92 24.39 25.22
C PRO E 339 39.67 23.65 24.79
N LYS E 340 39.80 22.33 24.68
CA LYS E 340 38.67 21.51 24.29
C LYS E 340 37.63 21.47 25.40
N ALA E 341 36.37 21.36 24.99
CA ALA E 341 35.29 21.32 25.96
C ALA E 341 35.29 20.01 26.72
N GLN E 342 35.16 20.10 28.04
CA GLN E 342 35.11 18.93 28.89
C GLN E 342 33.72 18.30 28.81
N GLU E 343 33.53 17.22 29.56
CA GLU E 343 32.22 16.55 29.57
C GLU E 343 31.13 17.47 30.11
N GLY E 344 31.26 17.89 31.35
CA GLY E 344 30.26 18.77 31.92
C GLY E 344 30.42 20.21 31.45
N LYS E 345 30.14 20.45 30.18
CA LYS E 345 30.27 21.78 29.59
C LYS E 345 28.89 22.29 29.19
N HIS E 346 28.60 23.53 29.55
CA HIS E 346 27.30 24.14 29.30
C HIS E 346 27.48 25.36 28.40
N PHE E 347 26.96 25.27 27.18
CA PHE E 347 26.99 26.38 26.24
C PHE E 347 25.65 27.12 26.32
N LEU E 348 25.44 28.05 25.39
CA LEU E 348 24.21 28.84 25.35
C LEU E 348 23.80 29.03 23.90
N LEU E 349 22.57 28.68 23.57
CA LEU E 349 22.09 28.82 22.21
C LEU E 349 22.01 30.29 21.82
N GLN E 350 22.90 30.72 20.94
CA GLN E 350 22.85 32.07 20.39
C GLN E 350 21.88 32.07 19.23
N GLU E 351 20.70 32.65 19.44
CA GLU E 351 19.63 32.62 18.45
C GLU E 351 19.94 33.45 17.20
N SER E 352 21.13 34.02 17.07
CA SER E 352 21.38 35.02 16.04
C SER E 352 22.04 34.47 14.80
N GLU E 353 22.64 33.27 14.84
CA GLU E 353 23.42 32.76 13.72
C GLU E 353 24.48 33.77 13.30
N PRO E 354 25.60 33.87 14.02
CA PRO E 354 26.61 34.90 13.74
C PRO E 354 26.85 35.12 12.25
N LYS E 355 26.62 36.36 11.79
CA LYS E 355 26.57 36.62 10.36
C LYS E 355 27.92 36.42 9.69
N GLU E 356 29.02 36.64 10.41
CA GLU E 356 30.36 36.48 9.88
C GLU E 356 30.88 35.06 10.04
N TRP E 357 30.00 34.08 10.24
CA TRP E 357 30.43 32.71 10.51
C TRP E 357 31.22 32.14 9.34
N ARG E 358 30.68 32.24 8.12
CA ARG E 358 31.30 31.55 6.99
C ARG E 358 32.68 32.09 6.65
N GLU E 359 33.03 33.29 7.12
CA GLU E 359 34.33 33.88 6.83
C GLU E 359 35.31 33.73 7.99
N TRP E 360 35.11 32.74 8.85
CA TRP E 360 35.98 32.56 10.00
C TRP E 360 37.19 31.70 9.65
N GLY E 361 36.95 30.48 9.18
CA GLY E 361 38.05 29.61 8.80
C GLY E 361 39.00 29.30 9.92
N THR E 362 38.48 29.09 11.13
CA THR E 362 39.33 28.78 12.27
C THR E 362 40.01 27.43 12.06
N ALA E 363 41.33 27.43 12.19
CA ALA E 363 42.09 26.18 12.07
C ALA E 363 41.89 25.35 13.33
N LEU E 364 41.49 24.09 13.16
CA LEU E 364 41.17 23.19 14.27
C LEU E 364 41.93 21.88 14.08
N PRO E 365 43.18 21.81 14.52
CA PRO E 365 43.95 20.57 14.33
C PRO E 365 43.44 19.46 15.22
N LYS E 366 43.69 18.23 14.81
CA LYS E 366 43.25 17.06 15.55
C LYS E 366 44.13 16.83 16.78
N LEU F 1 -25.12 -46.25 24.60
CA LEU F 1 -25.45 -44.83 24.63
C LEU F 1 -25.21 -44.24 26.01
N PRO F 2 -24.19 -43.39 26.13
CA PRO F 2 -23.87 -42.80 27.43
C PRO F 2 -24.98 -41.89 27.92
N THR F 3 -24.88 -41.50 29.18
CA THR F 3 -25.86 -40.62 29.78
C THR F 3 -25.50 -39.17 29.51
N THR F 4 -26.52 -38.32 29.39
CA THR F 4 -26.32 -36.90 29.13
C THR F 4 -25.98 -36.20 30.43
N THR F 5 -24.75 -35.72 30.57
CA THR F 5 -24.36 -34.98 31.76
C THR F 5 -24.88 -33.56 31.72
N VAL F 6 -24.56 -32.83 30.66
CA VAL F 6 -24.96 -31.45 30.51
C VAL F 6 -25.56 -31.25 29.12
N SER F 7 -26.61 -30.45 29.04
CA SER F 7 -27.25 -30.11 27.78
C SER F 7 -26.88 -28.69 27.39
N LEU F 8 -26.52 -28.52 26.13
CA LEU F 8 -26.10 -27.23 25.62
C LEU F 8 -27.16 -26.68 24.66
N SER F 9 -26.86 -25.53 24.08
CA SER F 9 -27.74 -24.89 23.11
C SER F 9 -26.92 -23.86 22.35
N ALA F 10 -27.10 -23.79 21.03
CA ALA F 10 -26.30 -22.90 20.22
C ALA F 10 -26.94 -22.72 18.86
N GLU F 11 -26.78 -21.54 18.28
CA GLU F 11 -27.17 -21.30 16.92
C GLU F 11 -25.96 -21.43 16.00
N THR F 12 -26.23 -21.69 14.72
CA THR F 12 -25.18 -21.84 13.70
C THR F 12 -24.17 -22.90 14.13
N LEU F 13 -24.66 -24.13 14.16
CA LEU F 13 -23.95 -25.32 14.63
C LEU F 13 -22.50 -25.33 14.15
N PRO F 14 -21.57 -25.08 15.03
CA PRO F 14 -20.15 -24.92 14.65
C PRO F 14 -19.39 -26.23 14.52
N ASP F 15 -19.57 -26.89 13.39
CA ASP F 15 -18.84 -28.08 12.94
C ASP F 15 -18.51 -29.06 14.06
N VAL F 16 -19.48 -29.30 14.96
CA VAL F 16 -19.37 -30.37 15.94
C VAL F 16 -20.49 -31.36 15.66
N GLN F 17 -20.26 -32.60 16.08
CA GLN F 17 -21.17 -33.69 15.76
C GLN F 17 -21.02 -34.77 16.82
N ALA F 18 -21.84 -35.81 16.71
CA ALA F 18 -21.68 -36.97 17.56
C ALA F 18 -20.28 -37.55 17.38
N GLY F 19 -19.58 -37.74 18.50
CA GLY F 19 -18.22 -38.26 18.47
C GLY F 19 -17.16 -37.23 18.77
N SER F 20 -17.49 -35.94 18.66
CA SER F 20 -16.52 -34.90 19.00
C SER F 20 -16.16 -34.98 20.48
N VAL F 21 -14.94 -34.62 20.79
CA VAL F 21 -14.42 -34.75 22.15
C VAL F 21 -14.71 -33.47 22.91
N VAL F 22 -15.06 -33.62 24.19
CA VAL F 22 -15.21 -32.50 25.10
C VAL F 22 -13.99 -32.49 26.00
N LEU F 23 -13.10 -31.55 25.79
CA LEU F 23 -11.81 -31.53 26.45
C LEU F 23 -11.71 -30.41 27.47
N TYR F 24 -11.23 -30.75 28.68
CA TYR F 24 -11.14 -29.79 29.76
C TYR F 24 -9.99 -28.82 29.53
N ARG F 25 -10.24 -27.85 28.67
CA ARG F 25 -9.42 -26.67 28.46
C ARG F 25 -8.12 -26.98 27.72
N LYS F 26 -7.66 -28.24 27.73
CA LYS F 26 -7.11 -28.89 26.55
C LYS F 26 -7.18 -30.41 26.62
N PHE F 27 -7.75 -30.99 27.67
CA PHE F 27 -7.56 -32.40 28.01
C PHE F 27 -8.91 -33.10 27.94
N GLU F 28 -8.97 -34.19 27.19
CA GLU F 28 -10.25 -34.83 26.86
C GLU F 28 -10.88 -35.45 28.09
N VAL F 29 -12.11 -35.03 28.41
CA VAL F 29 -12.81 -35.51 29.59
C VAL F 29 -14.22 -35.96 29.23
N GLY F 30 -14.49 -36.15 27.93
CA GLY F 30 -15.81 -36.59 27.53
C GLY F 30 -16.00 -36.65 26.04
N GLU F 31 -17.25 -36.51 25.59
CA GLU F 31 -17.56 -36.61 24.17
C GLU F 31 -18.99 -36.13 23.95
N VAL F 32 -19.26 -35.70 22.73
CA VAL F 32 -20.60 -35.23 22.36
C VAL F 32 -21.45 -36.44 22.00
N ILE F 33 -22.67 -36.48 22.54
CA ILE F 33 -23.56 -37.62 22.35
C ILE F 33 -24.34 -37.45 21.07
N THR F 34 -25.13 -36.39 20.98
CA THR F 34 -26.00 -36.17 19.82
C THR F 34 -26.24 -34.69 19.67
N VAL F 35 -26.53 -34.28 18.44
CA VAL F 35 -26.80 -32.89 18.10
C VAL F 35 -28.14 -32.85 17.41
N ARG F 36 -29.14 -32.27 18.06
CA ARG F 36 -30.50 -32.26 17.56
C ARG F 36 -31.10 -30.87 17.66
N PRO F 37 -31.87 -30.45 16.67
CA PRO F 37 -32.76 -29.30 16.84
C PRO F 37 -33.95 -29.65 17.72
N ARG F 38 -34.49 -28.62 18.39
CA ARG F 38 -35.74 -28.77 19.12
C ARG F 38 -36.84 -27.92 18.52
N ALA F 39 -36.70 -26.59 18.50
CA ALA F 39 -37.53 -25.74 17.65
C ALA F 39 -36.69 -24.91 16.68
N ASN F 40 -35.79 -24.07 17.20
CA ASN F 40 -34.82 -23.37 16.38
C ASN F 40 -33.48 -23.37 17.12
N ALA F 41 -33.52 -23.68 18.41
CA ALA F 41 -32.32 -23.80 19.22
C ALA F 41 -31.85 -25.24 19.21
N PHE F 42 -30.67 -25.47 18.65
CA PHE F 42 -30.18 -26.83 18.43
C PHE F 42 -29.48 -27.32 19.70
N ASP F 43 -30.13 -28.24 20.41
CA ASP F 43 -29.54 -28.80 21.61
C ASP F 43 -28.33 -29.67 21.27
N ILE F 44 -27.37 -29.72 22.19
CA ILE F 44 -26.16 -30.50 22.05
C ILE F 44 -25.90 -31.17 23.39
N ASP F 45 -25.95 -32.49 23.40
CA ASP F 45 -25.83 -33.24 24.65
C ASP F 45 -24.42 -33.78 24.81
N LEU F 46 -23.84 -33.61 26.00
CA LEU F 46 -22.49 -34.04 26.29
C LEU F 46 -22.52 -35.20 27.28
N HIS F 47 -21.37 -35.85 27.41
CA HIS F 47 -21.19 -36.90 28.41
C HIS F 47 -19.80 -36.74 29.01
N ILE F 48 -19.73 -36.13 30.18
CA ILE F 48 -18.48 -35.99 30.91
C ILE F 48 -18.25 -37.27 31.69
N LYS F 49 -17.02 -37.78 31.64
CA LYS F 49 -16.68 -39.00 32.36
C LYS F 49 -16.89 -38.79 33.86
N PRO F 50 -17.27 -39.85 34.59
CA PRO F 50 -17.63 -39.66 36.00
C PRO F 50 -16.49 -39.18 36.88
N GLU F 51 -15.24 -39.46 36.53
CA GLU F 51 -14.13 -38.97 37.34
C GLU F 51 -13.78 -37.52 37.05
N TYR F 52 -14.50 -36.86 36.14
CA TYR F 52 -14.27 -35.46 35.85
C TYR F 52 -15.53 -34.62 36.03
N ARG F 53 -16.65 -35.22 36.42
CA ARG F 53 -17.89 -34.48 36.59
C ARG F 53 -17.80 -33.38 37.63
N ASN F 54 -16.75 -33.37 38.46
CA ASN F 54 -16.54 -32.27 39.39
C ASN F 54 -15.96 -31.05 38.71
N LEU F 55 -15.32 -31.24 37.56
CA LEU F 55 -14.77 -30.13 36.78
C LEU F 55 -15.85 -29.34 36.06
N LEU F 56 -17.09 -29.81 36.08
CA LEU F 56 -18.21 -29.14 35.42
C LEU F 56 -19.06 -28.50 36.50
N THR F 57 -18.79 -27.24 36.79
CA THR F 57 -19.45 -26.50 37.85
C THR F 57 -20.44 -25.51 37.25
N SER F 58 -21.06 -24.71 38.13
CA SER F 58 -22.10 -23.78 37.70
C SER F 58 -21.54 -22.74 36.75
N ASN F 59 -20.43 -22.10 37.12
CA ASN F 59 -19.84 -21.06 36.28
C ASN F 59 -18.81 -21.67 35.33
N SER F 60 -19.32 -22.53 34.46
CA SER F 60 -18.53 -23.15 33.39
C SER F 60 -19.11 -22.72 32.06
N VAL F 61 -18.25 -22.26 31.16
CA VAL F 61 -18.67 -21.79 29.85
C VAL F 61 -18.09 -22.70 28.78
N PHE F 62 -18.89 -23.00 27.78
CA PHE F 62 -18.53 -23.91 26.71
C PHE F 62 -18.38 -23.15 25.41
N TRP F 63 -17.48 -23.62 24.55
CA TRP F 63 -17.26 -22.96 23.28
C TRP F 63 -16.66 -23.96 22.29
N ALA F 64 -16.99 -23.79 21.02
CA ALA F 64 -16.54 -24.69 19.98
C ALA F 64 -15.12 -24.33 19.53
N GLU F 65 -14.22 -25.30 19.54
CA GLU F 65 -12.90 -25.09 18.99
C GLU F 65 -12.95 -25.39 17.49
N GLY F 66 -11.79 -25.49 16.87
CA GLY F 66 -11.73 -25.84 15.46
C GLY F 66 -11.23 -24.67 14.61
N GLY F 67 -10.86 -25.00 13.39
CA GLY F 67 -10.33 -24.00 12.49
C GLY F 67 -8.84 -23.84 12.64
N ALA F 68 -8.17 -23.49 11.54
CA ALA F 68 -6.75 -23.25 11.57
C ALA F 68 -6.46 -21.95 12.31
N LYS F 69 -5.18 -21.70 12.56
CA LYS F 69 -4.72 -20.53 13.31
C LYS F 69 -3.73 -19.75 12.46
N VAL F 70 -4.25 -18.84 11.63
CA VAL F 70 -3.38 -17.96 10.86
C VAL F 70 -2.71 -16.97 11.82
N GLN F 71 -1.49 -16.57 11.48
CA GLN F 71 -0.71 -15.70 12.35
C GLN F 71 0.25 -14.90 11.48
N LEU F 72 -0.14 -13.68 11.13
CA LEU F 72 0.64 -12.84 10.22
C LEU F 72 1.59 -11.99 11.05
N ASN F 73 2.82 -12.47 11.19
CA ASN F 73 3.86 -11.80 11.95
C ASN F 73 5.06 -11.53 11.04
N GLY F 74 6.16 -11.10 11.63
CA GLY F 74 7.35 -10.77 10.89
C GLY F 74 8.08 -11.95 10.28
N SER F 75 7.51 -13.15 10.34
CA SER F 75 8.12 -14.33 9.76
C SER F 75 7.24 -15.00 8.72
N GLY F 76 6.22 -14.32 8.22
CA GLY F 76 5.40 -14.87 7.16
C GLY F 76 3.92 -14.95 7.46
N LEU F 77 3.22 -15.89 6.82
CA LEU F 77 1.79 -16.04 7.01
C LEU F 77 1.47 -17.07 8.08
N THR F 78 2.11 -18.23 8.04
CA THR F 78 2.18 -19.17 9.17
C THR F 78 0.78 -19.59 9.63
N VAL F 79 0.11 -20.34 8.77
CA VAL F 79 -1.14 -20.98 9.16
C VAL F 79 -0.84 -22.25 9.94
N GLN F 80 -1.56 -22.45 11.04
CA GLN F 80 -1.34 -23.55 11.97
C GLN F 80 -2.59 -24.41 12.04
N ALA F 81 -2.39 -25.73 12.16
CA ALA F 81 -3.49 -26.68 12.22
C ALA F 81 -3.28 -27.63 13.39
N SER F 82 -3.01 -27.06 14.56
CA SER F 82 -2.46 -27.79 15.72
C SER F 82 -3.02 -29.19 15.95
N PRO F 83 -4.33 -29.42 15.97
CA PRO F 83 -4.80 -30.80 16.09
C PRO F 83 -5.09 -31.41 14.74
N LEU F 84 -5.06 -32.74 14.63
CA LEU F 84 -5.68 -33.36 13.46
C LEU F 84 -6.48 -34.59 13.88
N SER F 85 -6.09 -35.21 14.98
CA SER F 85 -6.88 -36.31 15.52
C SER F 85 -8.20 -35.80 16.09
N ARG F 86 -8.26 -34.53 16.44
CA ARG F 86 -9.50 -33.89 16.88
C ARG F 86 -10.02 -32.87 15.88
N ALA F 87 -9.17 -32.38 14.98
CA ALA F 87 -9.64 -31.43 13.97
C ALA F 87 -10.69 -32.05 13.07
N LEU F 88 -10.46 -33.29 12.63
CA LEU F 88 -11.45 -33.99 11.83
C LEU F 88 -12.49 -34.69 12.68
N LYS F 89 -12.34 -34.63 14.01
CA LYS F 89 -13.32 -35.18 14.92
C LYS F 89 -14.22 -34.14 15.55
N GLY F 90 -13.81 -32.87 15.57
CA GLY F 90 -14.55 -31.84 16.26
C GLY F 90 -14.27 -31.84 17.74
N ALA F 91 -14.29 -30.68 18.37
CA ALA F 91 -14.00 -30.57 19.78
C ALA F 91 -14.59 -29.29 20.33
N ILE F 92 -15.38 -29.39 21.38
CA ILE F 92 -15.81 -28.23 22.15
C ILE F 92 -15.04 -28.25 23.46
N SER F 93 -14.63 -27.08 23.92
CA SER F 93 -13.87 -26.97 25.15
C SER F 93 -14.70 -26.23 26.19
N PHE F 94 -14.20 -26.22 27.42
CA PHE F 94 -14.87 -25.51 28.49
C PHE F 94 -13.88 -25.24 29.62
N ASP F 95 -14.26 -24.30 30.47
CA ASP F 95 -13.42 -23.88 31.58
C ASP F 95 -14.31 -23.19 32.60
N ASN F 96 -13.80 -23.06 33.82
CA ASN F 96 -14.51 -22.43 34.91
C ASN F 96 -14.07 -20.97 34.99
N LEU F 97 -14.97 -20.04 34.70
CA LEU F 97 -14.66 -18.62 34.74
C LEU F 97 -15.10 -18.02 36.06
N SER F 98 -14.20 -17.25 36.68
CA SER F 98 -14.54 -16.52 37.89
C SER F 98 -15.39 -15.31 37.52
N GLY F 99 -16.66 -15.33 37.92
CA GLY F 99 -17.58 -14.26 37.59
C GLY F 99 -18.56 -14.58 36.48
N ALA F 100 -18.54 -15.79 35.95
CA ALA F 100 -19.49 -16.19 34.92
C ALA F 100 -20.82 -16.55 35.58
N SER F 101 -21.80 -16.95 34.77
CA SER F 101 -23.13 -17.32 35.25
C SER F 101 -23.74 -16.19 36.08
N ALA F 102 -23.94 -15.05 35.42
CA ALA F 102 -24.50 -13.88 36.10
C ALA F 102 -26.00 -13.83 35.97
N SER F 103 -26.51 -13.68 34.75
CA SER F 103 -27.96 -13.68 34.54
C SER F 103 -28.35 -14.40 33.25
N GLN F 104 -27.47 -15.21 32.66
CA GLN F 104 -27.69 -15.77 31.34
C GLN F 104 -27.41 -17.25 31.22
N ARG F 105 -26.56 -17.82 32.08
CA ARG F 105 -26.27 -19.25 32.02
C ARG F 105 -27.21 -20.09 32.86
N LYS F 106 -28.10 -19.46 33.63
CA LYS F 106 -29.02 -20.18 34.50
C LYS F 106 -30.46 -19.92 34.05
N GLY F 107 -31.32 -20.91 34.32
CA GLY F 107 -32.74 -20.79 34.06
C GLY F 107 -33.26 -21.76 33.02
N ASP F 108 -32.54 -21.91 31.91
CA ASP F 108 -32.83 -22.98 30.95
C ASP F 108 -31.65 -23.94 30.80
N LYS F 109 -30.49 -23.42 30.40
CA LYS F 109 -29.28 -24.22 30.16
C LYS F 109 -28.19 -23.25 29.72
N ARG F 110 -26.98 -23.78 29.59
CA ARG F 110 -25.85 -22.98 29.13
C ARG F 110 -25.95 -22.76 27.62
N ILE F 111 -24.92 -22.14 27.06
CA ILE F 111 -24.86 -21.86 25.64
C ILE F 111 -23.47 -22.22 25.13
N LEU F 112 -23.43 -22.86 23.96
CA LEU F 112 -22.17 -23.17 23.29
C LEU F 112 -21.79 -21.98 22.42
N TYR F 113 -20.76 -21.25 22.82
CA TYR F 113 -20.34 -20.07 22.09
C TYR F 113 -19.51 -20.47 20.88
N ALA F 114 -19.64 -19.69 19.80
CA ALA F 114 -19.02 -20.03 18.54
C ALA F 114 -17.50 -19.96 18.58
N SER F 115 -16.91 -19.34 19.60
CA SER F 115 -15.47 -19.20 19.66
C SER F 115 -15.03 -19.06 21.11
N GLU F 116 -13.71 -19.13 21.31
CA GLU F 116 -13.15 -19.07 22.65
C GLU F 116 -13.37 -17.70 23.29
N THR F 117 -13.21 -16.63 22.51
CA THR F 117 -13.30 -15.29 23.06
C THR F 117 -14.71 -14.95 23.50
N ALA F 118 -15.70 -15.26 22.64
CA ALA F 118 -17.08 -14.94 22.97
C ALA F 118 -17.53 -15.64 24.25
N ALA F 119 -16.90 -16.75 24.61
CA ALA F 119 -17.22 -17.41 25.87
C ALA F 119 -16.71 -16.60 27.05
N ARG F 120 -15.49 -16.08 26.95
CA ARG F 120 -14.88 -15.31 28.02
C ARG F 120 -15.58 -13.97 28.27
N ALA F 121 -16.51 -13.58 27.40
CA ALA F 121 -17.15 -12.27 27.50
C ALA F 121 -18.15 -12.27 28.64
N VAL F 122 -17.62 -12.28 29.86
CA VAL F 122 -18.43 -12.28 31.07
C VAL F 122 -18.05 -11.07 31.90
N GLY F 123 -19.00 -10.56 32.66
CA GLY F 123 -18.77 -9.44 33.54
C GLY F 123 -19.91 -8.46 33.49
N GLY F 124 -19.65 -7.26 34.00
CA GLY F 124 -20.67 -6.23 34.01
C GLY F 124 -20.97 -5.73 32.61
N GLN F 125 -22.25 -5.53 32.33
CA GLN F 125 -22.72 -5.17 31.00
C GLN F 125 -23.05 -3.69 30.95
N ILE F 126 -22.52 -3.01 29.95
CA ILE F 126 -22.74 -1.59 29.74
C ILE F 126 -23.39 -1.40 28.37
N THR F 127 -23.75 -0.16 28.06
CA THR F 127 -24.44 0.17 26.82
C THR F 127 -23.79 1.40 26.22
N LEU F 128 -23.22 1.25 25.03
CA LEU F 128 -22.62 2.36 24.30
C LEU F 128 -23.62 2.86 23.28
N HIS F 129 -23.99 4.13 23.37
CA HIS F 129 -24.86 4.77 22.39
C HIS F 129 -24.00 5.44 21.34
N ALA F 130 -24.15 5.03 20.09
CA ALA F 130 -23.33 5.55 19.01
C ALA F 130 -24.20 6.23 17.98
N PHE F 131 -23.56 7.03 17.13
CA PHE F 131 -24.24 7.68 16.03
C PHE F 131 -23.99 6.99 14.69
N ASP F 132 -23.04 6.06 14.64
CA ASP F 132 -22.71 5.36 13.41
C ASP F 132 -21.94 4.10 13.80
N ALA F 133 -22.50 2.94 13.49
CA ALA F 133 -21.90 1.67 13.86
C ALA F 133 -20.92 1.15 12.82
N GLY F 134 -20.64 1.93 11.77
CA GLY F 134 -19.71 1.47 10.76
C GLY F 134 -18.31 1.24 11.26
N LYS F 135 -17.94 1.88 12.38
CA LYS F 135 -16.64 1.67 12.98
C LYS F 135 -16.62 0.50 13.97
N LEU F 136 -17.78 0.07 14.45
CA LEU F 136 -17.86 -0.98 15.45
C LEU F 136 -18.13 -2.33 14.81
N ALA F 137 -18.01 -3.37 15.63
CA ALA F 137 -18.24 -4.73 15.20
C ALA F 137 -18.45 -5.59 16.45
N VAL F 138 -19.27 -6.62 16.32
CA VAL F 138 -19.54 -7.51 17.45
C VAL F 138 -18.25 -8.22 17.83
N GLY F 139 -17.96 -8.26 19.13
CA GLY F 139 -16.74 -8.87 19.61
C GLY F 139 -15.51 -8.01 19.55
N MET F 140 -15.66 -6.73 19.24
CA MET F 140 -14.51 -5.84 19.14
C MET F 140 -14.00 -5.49 20.54
N PRO F 141 -12.70 -5.52 20.78
CA PRO F 141 -12.21 -5.32 22.14
C PRO F 141 -12.33 -3.89 22.63
N ILE F 142 -12.39 -3.76 23.95
CA ILE F 142 -12.39 -2.49 24.65
C ILE F 142 -11.13 -2.44 25.49
N ARG F 143 -10.26 -1.47 25.23
CA ARG F 143 -8.93 -1.46 25.81
C ARG F 143 -8.68 -0.19 26.63
N TYR F 144 -7.84 -0.34 27.65
CA TYR F 144 -7.38 0.77 28.46
C TYR F 144 -5.87 0.61 28.63
N LEU F 145 -5.12 1.58 28.14
CA LEU F 145 -3.66 1.54 28.13
C LEU F 145 -3.12 0.39 27.30
N GLY F 146 -3.95 -0.24 26.48
CA GLY F 146 -3.54 -1.32 25.62
C GLY F 146 -3.92 -2.70 26.14
N ILE F 147 -4.51 -2.80 27.31
CA ILE F 147 -4.94 -4.06 27.87
C ILE F 147 -6.45 -4.17 27.71
N ASP F 148 -6.94 -5.35 27.35
CA ASP F 148 -8.36 -5.53 27.09
C ASP F 148 -9.15 -5.46 28.39
N ILE F 149 -10.19 -4.63 28.39
CA ILE F 149 -11.01 -4.38 29.57
C ILE F 149 -12.36 -5.05 29.36
N GLY F 150 -12.77 -5.18 28.12
CA GLY F 150 -14.01 -5.86 27.78
C GLY F 150 -14.15 -6.03 26.29
N GLN F 151 -15.38 -6.00 25.79
CA GLN F 151 -15.62 -6.11 24.36
C GLN F 151 -17.08 -5.80 24.08
N ILE F 152 -17.38 -5.63 22.80
CA ILE F 152 -18.73 -5.37 22.32
C ILE F 152 -19.45 -6.70 22.17
N GLN F 153 -20.75 -6.70 22.44
CA GLN F 153 -21.56 -7.91 22.34
C GLN F 153 -22.57 -7.87 21.20
N THR F 154 -23.41 -6.83 21.16
CA THR F 154 -24.43 -6.72 20.13
C THR F 154 -24.29 -5.37 19.43
N LEU F 155 -25.09 -5.19 18.38
CA LEU F 155 -25.15 -3.93 17.63
C LEU F 155 -26.58 -3.79 17.13
N ASP F 156 -27.39 -3.00 17.82
CA ASP F 156 -28.80 -2.84 17.49
C ASP F 156 -29.04 -1.47 16.86
N LEU F 157 -29.95 -1.44 15.90
CA LEU F 157 -30.30 -0.21 15.20
C LEU F 157 -31.64 0.27 15.75
N ILE F 158 -31.59 1.14 16.74
CA ILE F 158 -32.79 1.78 17.26
C ILE F 158 -33.18 2.86 16.26
N THR F 159 -34.30 2.67 15.57
CA THR F 159 -34.73 3.63 14.57
C THR F 159 -35.57 4.76 15.17
N ALA F 160 -36.25 4.51 16.29
CA ALA F 160 -36.98 5.56 16.98
C ALA F 160 -36.04 6.70 17.36
N ARG F 161 -35.09 6.41 18.24
CA ARG F 161 -33.99 7.32 18.52
C ARG F 161 -32.89 7.02 17.52
N ASN F 162 -32.64 7.93 16.58
CA ASN F 162 -31.84 7.62 15.40
C ASN F 162 -30.39 7.42 15.83
N GLU F 163 -30.14 6.28 16.46
CA GLU F 163 -28.82 5.94 16.98
C GLU F 163 -28.67 4.44 16.94
N VAL F 164 -27.48 3.97 17.33
CA VAL F 164 -27.15 2.56 17.39
C VAL F 164 -26.73 2.23 18.80
N GLN F 165 -27.42 1.29 19.44
CA GLN F 165 -27.09 0.83 20.78
C GLN F 165 -26.19 -0.39 20.66
N ALA F 166 -24.99 -0.29 21.20
CA ALA F 166 -24.01 -1.37 21.16
C ALA F 166 -23.79 -1.86 22.59
N LYS F 167 -24.44 -2.95 22.95
CA LYS F 167 -24.25 -3.51 24.29
C LYS F 167 -22.85 -4.09 24.40
N ALA F 168 -22.10 -3.61 25.37
CA ALA F 168 -20.76 -4.10 25.63
C ALA F 168 -20.73 -4.83 26.96
N VAL F 169 -19.55 -5.29 27.34
CA VAL F 169 -19.37 -5.96 28.62
C VAL F 169 -17.97 -5.66 29.10
N LEU F 170 -17.84 -5.43 30.40
CA LEU F 170 -16.55 -5.21 31.05
C LEU F 170 -16.22 -6.42 31.91
N TYR F 171 -15.00 -6.92 31.80
CA TYR F 171 -14.61 -8.07 32.60
C TYR F 171 -14.74 -7.72 34.08
N PRO F 172 -15.12 -8.69 34.92
CA PRO F 172 -15.60 -8.34 36.27
C PRO F 172 -14.58 -7.65 37.15
N GLU F 173 -13.30 -7.65 36.77
CA GLU F 173 -12.30 -6.96 37.57
C GLU F 173 -12.17 -5.49 37.24
N TYR F 174 -12.91 -5.01 36.24
CA TYR F 174 -12.84 -3.61 35.82
C TYR F 174 -14.17 -2.89 35.86
N VAL F 175 -15.24 -3.54 36.34
CA VAL F 175 -16.55 -2.90 36.34
C VAL F 175 -16.61 -1.73 37.30
N GLN F 176 -15.79 -1.73 38.34
CA GLN F 176 -15.80 -0.64 39.30
C GLN F 176 -14.90 0.52 38.88
N THR F 177 -13.71 0.22 38.36
CA THR F 177 -12.83 1.27 37.87
C THR F 177 -13.49 2.07 36.77
N PHE F 178 -13.99 1.40 35.74
CA PHE F 178 -14.76 2.03 34.68
C PHE F 178 -16.23 1.98 35.07
N ALA F 179 -17.12 2.25 34.12
CA ALA F 179 -18.57 2.27 34.39
C ALA F 179 -18.91 3.32 35.43
N ARG F 180 -18.18 4.43 35.40
CA ARG F 180 -18.36 5.55 36.31
C ARG F 180 -18.88 6.75 35.52
N GLY F 181 -18.98 7.89 36.19
CA GLY F 181 -19.57 9.06 35.54
C GLY F 181 -18.75 9.60 34.40
N GLY F 182 -17.45 9.76 34.59
CA GLY F 182 -16.60 10.41 33.61
C GLY F 182 -15.92 9.50 32.62
N THR F 183 -16.39 8.28 32.40
CA THR F 183 -15.76 7.38 31.47
C THR F 183 -16.16 7.71 30.04
N ARG F 184 -15.19 7.66 29.14
CA ARG F 184 -15.40 8.00 27.74
C ARG F 184 -14.82 6.92 26.85
N PHE F 185 -15.57 6.54 25.82
CA PHE F 185 -15.15 5.52 24.86
C PHE F 185 -15.07 6.14 23.48
N SER F 186 -14.23 5.56 22.62
CA SER F 186 -14.11 6.01 21.25
C SER F 186 -13.41 4.94 20.42
N VAL F 187 -13.96 4.66 19.24
CA VAL F 187 -13.33 3.71 18.34
C VAL F 187 -12.04 4.31 17.79
N VAL F 188 -10.95 3.60 17.96
CA VAL F 188 -9.65 4.03 17.46
C VAL F 188 -9.53 3.62 16.00
N THR F 189 -9.22 4.57 15.14
CA THR F 189 -9.16 4.37 13.69
C THR F 189 -7.74 4.57 13.20
N PRO F 190 -7.38 3.98 12.06
CA PRO F 190 -6.06 4.25 11.49
C PRO F 190 -5.98 5.67 10.94
N GLN F 191 -4.84 6.30 11.18
CA GLN F 191 -4.61 7.69 10.76
C GLN F 191 -3.41 7.69 9.83
N ILE F 192 -3.69 7.79 8.54
CA ILE F 192 -2.67 7.77 7.49
C ILE F 192 -2.80 9.06 6.71
N SER F 193 -1.81 9.93 6.83
CA SER F 193 -1.82 11.21 6.13
C SER F 193 -0.39 11.54 5.70
N ALA F 194 -0.24 12.67 5.01
CA ALA F 194 1.08 13.11 4.60
C ALA F 194 1.96 13.47 5.79
N ALA F 195 1.36 13.79 6.93
CA ALA F 195 2.09 14.18 8.12
C ALA F 195 2.47 13.00 8.99
N GLY F 196 2.37 11.77 8.46
CA GLY F 196 2.72 10.60 9.23
C GLY F 196 1.59 9.62 9.39
N VAL F 197 1.91 8.41 9.83
CA VAL F 197 0.91 7.38 10.08
C VAL F 197 0.95 7.00 11.56
N GLU F 198 -0.15 6.47 12.05
CA GLU F 198 -0.20 5.88 13.38
C GLU F 198 -1.45 5.05 13.50
N HIS F 199 -1.45 4.14 14.49
CA HIS F 199 -2.54 3.18 14.69
C HIS F 199 -2.72 2.29 13.46
N LEU F 200 -1.60 1.87 12.86
CA LEU F 200 -1.68 1.00 11.70
C LEU F 200 -2.09 -0.41 12.07
N ASP F 201 -2.00 -0.77 13.35
CA ASP F 201 -2.49 -2.08 13.79
C ASP F 201 -4.02 -2.12 13.83
N THR F 202 -4.68 -0.96 13.78
CA THR F 202 -6.13 -0.89 13.74
C THR F 202 -6.69 -1.04 12.33
N ILE F 203 -5.85 -1.35 11.36
CA ILE F 203 -6.35 -1.62 10.01
C ILE F 203 -7.08 -2.97 9.98
N LEU F 204 -6.46 -3.99 10.56
CA LEU F 204 -7.03 -5.33 10.61
C LEU F 204 -7.66 -5.65 11.96
N GLN F 205 -7.37 -4.87 13.00
CA GLN F 205 -7.79 -5.19 14.36
C GLN F 205 -8.12 -3.91 15.10
N PRO F 206 -9.23 -3.26 14.76
CA PRO F 206 -9.62 -2.03 15.45
C PRO F 206 -10.19 -2.33 16.83
N TYR F 207 -10.24 -1.30 17.66
CA TYR F 207 -10.68 -1.43 19.04
C TYR F 207 -11.23 -0.12 19.55
N ILE F 208 -11.78 -0.16 20.75
CA ILE F 208 -12.33 1.00 21.43
C ILE F 208 -11.40 1.36 22.59
N ASN F 209 -11.07 2.64 22.70
CA ASN F 209 -10.21 3.13 23.76
C ASN F 209 -11.05 3.77 24.85
N VAL F 210 -10.55 3.69 26.09
CA VAL F 210 -11.30 4.11 27.27
C VAL F 210 -10.45 5.06 28.09
N GLU F 211 -11.11 6.02 28.74
CA GLU F 211 -10.48 6.91 29.69
C GLU F 211 -11.30 6.86 30.97
N PRO F 212 -10.73 6.43 32.09
CA PRO F 212 -11.51 6.30 33.32
C PRO F 212 -11.96 7.66 33.82
N GLY F 213 -12.99 7.63 34.67
CA GLY F 213 -13.52 8.86 35.22
C GLY F 213 -13.96 8.67 36.65
N ARG F 214 -13.94 9.76 37.40
CA ARG F 214 -14.44 9.77 38.77
C ARG F 214 -15.89 10.20 38.76
N GLY F 215 -16.76 9.36 39.33
CA GLY F 215 -18.17 9.65 39.33
C GLY F 215 -18.97 8.46 39.80
N ASN F 216 -20.29 8.60 39.72
CA ASN F 216 -21.19 7.56 40.15
C ASN F 216 -21.30 6.47 39.10
N PRO F 217 -21.70 5.26 39.50
CA PRO F 217 -21.92 4.19 38.52
C PRO F 217 -22.95 4.61 37.47
N ARG F 218 -22.55 4.47 36.20
CA ARG F 218 -23.36 4.96 35.09
C ARG F 218 -23.96 3.83 34.26
N ARG F 219 -23.12 2.93 33.74
CA ARG F 219 -23.52 1.76 32.97
C ARG F 219 -24.24 2.09 31.67
N ASP F 220 -24.17 3.34 31.20
CA ASP F 220 -24.84 3.73 29.97
C ASP F 220 -24.14 4.97 29.44
N PHE F 221 -23.32 4.78 28.42
CA PHE F 221 -22.45 5.84 27.92
C PHE F 221 -22.76 6.15 26.46
N GLU F 222 -21.91 7.00 25.88
CA GLU F 222 -22.04 7.42 24.50
C GLU F 222 -20.68 7.39 23.84
N LEU F 223 -20.62 6.85 22.63
CA LEU F 223 -19.36 6.78 21.90
C LEU F 223 -18.96 8.17 21.42
N GLN F 224 -17.65 8.41 21.36
CA GLN F 224 -17.12 9.71 21.01
C GLN F 224 -16.15 9.58 19.85
N GLU F 225 -15.58 10.72 19.45
CA GLU F 225 -14.68 10.79 18.30
C GLU F 225 -13.21 10.71 18.69
N ALA F 226 -12.83 11.29 19.83
CA ALA F 226 -11.44 11.27 20.25
C ALA F 226 -11.36 11.06 21.74
N THR F 227 -10.20 10.56 22.19
CA THR F 227 -9.96 10.28 23.59
C THR F 227 -8.46 10.31 23.82
N ILE F 228 -8.06 10.66 25.04
CA ILE F 228 -6.65 10.64 25.39
C ILE F 228 -6.20 9.17 25.45
N THR F 229 -5.19 8.83 24.66
CA THR F 229 -4.79 7.44 24.53
C THR F 229 -4.13 6.93 25.80
N ASP F 230 -3.07 7.58 26.23
CA ASP F 230 -2.29 7.15 27.38
C ASP F 230 -2.70 7.91 28.63
N SER F 231 -2.41 7.31 29.78
CA SER F 231 -2.74 7.90 31.08
C SER F 231 -1.59 8.71 31.66
N ARG F 232 -0.74 9.29 30.80
CA ARG F 232 0.39 10.07 31.29
C ARG F 232 -0.07 11.28 32.07
N TYR F 233 -1.21 11.85 31.69
CA TYR F 233 -1.70 13.09 32.30
C TYR F 233 -3.02 12.90 33.04
N LEU F 234 -3.48 11.67 33.21
CA LEU F 234 -4.73 11.44 33.93
C LEU F 234 -4.67 12.02 35.33
N ASP F 235 -3.79 11.47 36.16
CA ASP F 235 -3.48 12.12 37.42
C ASP F 235 -2.68 13.39 37.16
N GLY F 236 -3.13 14.49 37.75
CA GLY F 236 -2.46 15.76 37.52
C GLY F 236 -3.39 16.94 37.56
N LEU F 237 -2.81 18.13 37.47
CA LEU F 237 -3.60 19.36 37.58
C LEU F 237 -4.47 19.53 36.35
N SER F 238 -5.77 19.68 36.57
CA SER F 238 -6.75 19.82 35.51
C SER F 238 -7.34 21.22 35.53
N ILE F 239 -6.77 22.12 34.72
CA ILE F 239 -7.15 23.51 34.68
C ILE F 239 -7.99 23.76 33.44
N ILE F 240 -8.58 24.95 33.37
CA ILE F 240 -9.47 25.33 32.29
C ILE F 240 -9.03 26.67 31.73
N VAL F 241 -8.88 26.75 30.42
CA VAL F 241 -8.53 27.98 29.73
C VAL F 241 -9.75 28.45 28.96
N GLU F 242 -10.12 29.72 29.14
CA GLU F 242 -11.25 30.32 28.46
C GLU F 242 -10.75 31.03 27.21
N ALA F 243 -11.42 30.80 26.09
CA ALA F 243 -11.04 31.40 24.83
C ALA F 243 -12.28 31.89 24.09
N PRO F 244 -12.15 32.92 23.27
CA PRO F 244 -13.29 33.37 22.45
C PRO F 244 -13.53 32.50 21.23
N GLU F 245 -12.65 31.54 20.94
CA GLU F 245 -12.79 30.70 19.76
C GLU F 245 -11.83 29.52 19.90
N ALA F 246 -12.33 28.32 19.61
CA ALA F 246 -11.48 27.14 19.68
C ALA F 246 -10.64 26.99 18.42
N GLY F 247 -11.29 26.85 17.27
CA GLY F 247 -10.56 26.81 16.02
C GLY F 247 -9.68 25.59 15.87
N SER F 248 -8.37 25.80 15.96
CA SER F 248 -7.38 24.77 15.71
C SER F 248 -7.18 23.82 16.89
N LEU F 249 -7.80 24.08 18.03
CA LEU F 249 -7.64 23.21 19.18
C LEU F 249 -8.56 22.00 19.06
N GLY F 250 -8.15 20.91 19.71
CA GLY F 250 -8.94 19.70 19.76
C GLY F 250 -8.46 18.83 20.90
N ILE F 251 -9.20 17.75 21.15
CA ILE F 251 -8.82 16.82 22.19
C ILE F 251 -7.49 16.16 21.83
N GLY F 252 -6.49 16.31 22.69
CA GLY F 252 -5.20 15.71 22.47
C GLY F 252 -4.11 16.69 22.06
N THR F 253 -4.46 17.93 21.73
CA THR F 253 -3.43 18.90 21.39
C THR F 253 -2.52 19.15 22.60
N PRO F 254 -1.21 19.21 22.39
CA PRO F 254 -0.31 19.31 23.53
C PRO F 254 -0.35 20.67 24.19
N VAL F 255 0.09 20.70 25.44
CA VAL F 255 0.29 21.93 26.19
C VAL F 255 1.78 22.07 26.43
N LEU F 256 2.34 23.20 26.02
CA LEU F 256 3.78 23.37 25.93
C LEU F 256 4.28 24.36 26.97
N PHE F 257 5.44 24.06 27.55
CA PHE F 257 6.18 24.99 28.39
C PHE F 257 7.61 25.02 27.89
N ARG F 258 8.02 26.16 27.34
CA ARG F 258 9.31 26.31 26.66
C ARG F 258 9.44 25.35 25.48
N GLY F 259 8.32 24.86 24.94
CA GLY F 259 8.35 23.96 23.80
C GLY F 259 8.24 22.50 24.14
N LEU F 260 8.32 22.13 25.41
CA LEU F 260 8.19 20.75 25.84
C LEU F 260 6.74 20.43 26.16
N GLU F 261 6.27 19.28 25.69
CA GLU F 261 4.91 18.87 26.00
C GLU F 261 4.78 18.61 27.49
N VAL F 262 3.79 19.22 28.11
CA VAL F 262 3.63 19.18 29.56
C VAL F 262 2.23 18.66 29.89
N GLY F 263 1.30 18.85 28.97
CA GLY F 263 -0.05 18.38 29.17
C GLY F 263 -0.79 18.35 27.84
N THR F 264 -2.04 17.94 27.90
CA THR F 264 -2.88 17.88 26.71
C THR F 264 -4.20 18.57 26.96
N VAL F 265 -4.92 18.84 25.87
CA VAL F 265 -6.27 19.37 25.92
C VAL F 265 -7.23 18.19 25.97
N THR F 266 -8.03 18.11 27.02
CA THR F 266 -8.89 16.95 27.23
C THR F 266 -10.33 17.15 26.78
N GLY F 267 -10.77 18.39 26.61
CA GLY F 267 -12.14 18.63 26.21
C GLY F 267 -12.37 20.09 25.92
N MET F 268 -13.32 20.34 25.01
CA MET F 268 -13.67 21.69 24.60
C MET F 268 -15.18 21.82 24.70
N THR F 269 -15.65 22.36 25.81
CA THR F 269 -17.07 22.60 26.03
C THR F 269 -17.40 24.01 25.54
N LEU F 270 -18.59 24.51 25.88
CA LEU F 270 -19.01 25.83 25.47
C LEU F 270 -19.46 26.73 26.62
N GLY F 271 -19.48 26.22 27.84
CA GLY F 271 -19.85 27.03 28.98
C GLY F 271 -21.35 27.21 29.09
N THR F 272 -21.79 27.63 30.29
CA THR F 272 -23.21 27.87 30.53
C THR F 272 -23.74 28.94 29.59
N LEU F 273 -23.25 30.17 29.74
CA LEU F 273 -23.50 31.21 28.76
C LEU F 273 -22.64 30.92 27.54
N SER F 274 -23.28 30.65 26.41
CA SER F 274 -22.54 30.22 25.22
C SER F 274 -21.80 31.39 24.60
N ASP F 275 -20.78 31.91 25.29
CA ASP F 275 -19.98 32.99 24.76
C ASP F 275 -18.48 32.76 24.92
N ARG F 276 -18.06 31.63 25.48
CA ARG F 276 -16.65 31.35 25.70
C ARG F 276 -16.43 29.85 25.59
N VAL F 277 -15.51 29.43 24.72
CA VAL F 277 -15.11 28.04 24.69
C VAL F 277 -14.25 27.75 25.91
N MET F 278 -14.58 26.69 26.64
CA MET F 278 -13.87 26.33 27.85
C MET F 278 -12.97 25.13 27.55
N ILE F 279 -11.71 25.41 27.25
CA ILE F 279 -10.73 24.37 26.94
C ILE F 279 -10.29 23.75 28.26
N ALA F 280 -10.55 22.45 28.41
CA ALA F 280 -10.11 21.71 29.58
C ALA F 280 -8.76 21.07 29.28
N MET F 281 -7.81 21.24 30.20
CA MET F 281 -6.47 20.72 30.04
C MET F 281 -6.07 19.89 31.25
N ARG F 282 -5.01 19.11 31.08
CA ARG F 282 -4.45 18.30 32.16
C ARG F 282 -2.93 18.45 32.15
N ILE F 283 -2.41 19.18 33.11
CA ILE F 283 -0.97 19.31 33.26
C ILE F 283 -0.45 18.09 33.99
N SER F 284 0.68 17.55 33.55
CA SER F 284 1.25 16.36 34.16
C SER F 284 1.56 16.63 35.64
N LYS F 285 1.49 15.57 36.44
CA LYS F 285 1.89 15.67 37.83
C LYS F 285 3.38 15.92 37.98
N ARG F 286 4.16 15.72 36.92
CA ARG F 286 5.59 15.98 36.98
C ARG F 286 5.92 17.45 36.79
N TYR F 287 5.06 18.18 36.06
CA TYR F 287 5.25 19.61 35.83
C TYR F 287 4.11 20.42 36.43
N GLN F 288 3.43 19.86 37.44
CA GLN F 288 2.30 20.55 38.05
C GLN F 288 2.73 21.85 38.72
N HIS F 289 3.95 21.91 39.22
CA HIS F 289 4.44 23.09 39.94
C HIS F 289 4.68 24.29 39.04
N LEU F 290 4.44 24.17 37.74
CA LEU F 290 4.69 25.28 36.82
C LEU F 290 3.47 26.16 36.62
N VAL F 291 2.27 25.67 36.93
CA VAL F 291 1.03 26.41 36.67
C VAL F 291 0.81 27.30 37.89
N ARG F 292 1.45 28.46 37.89
CA ARG F 292 1.24 29.41 38.97
C ARG F 292 -0.05 30.19 38.75
N ASN F 293 -0.53 30.81 39.82
CA ASN F 293 -1.81 31.49 39.77
C ASN F 293 -1.81 32.70 38.86
N ASN F 294 -0.63 33.19 38.46
CA ASN F 294 -0.53 34.33 37.55
C ASN F 294 0.02 33.91 36.19
N SER F 295 -0.12 32.64 35.83
CA SER F 295 0.38 32.17 34.55
C SER F 295 -0.52 32.63 33.41
N VAL F 296 0.10 32.99 32.30
CA VAL F 296 -0.62 33.45 31.11
C VAL F 296 -0.46 32.41 30.01
N PHE F 297 -1.58 32.03 29.40
CA PHE F 297 -1.58 31.04 28.33
C PHE F 297 -1.82 31.74 27.01
N TRP F 298 -1.25 31.18 25.95
CA TRP F 298 -1.46 31.72 24.61
C TRP F 298 -1.54 30.58 23.61
N LEU F 299 -1.89 30.94 22.38
CA LEU F 299 -2.20 29.96 21.34
C LEU F 299 -0.99 29.82 20.42
N ALA F 300 -0.20 28.77 20.63
CA ALA F 300 0.91 28.44 19.74
C ALA F 300 0.39 27.40 18.74
N SER F 301 -0.44 27.87 17.82
CA SER F 301 -1.09 27.02 16.83
C SER F 301 -0.65 27.45 15.43
N GLY F 302 -0.14 26.49 14.67
CA GLY F 302 0.33 26.82 13.33
C GLY F 302 1.59 27.68 13.38
N TYR F 303 1.86 28.33 12.26
CA TYR F 303 2.99 29.23 12.13
C TYR F 303 2.49 30.67 12.15
N SER F 304 3.35 31.57 12.63
CA SER F 304 3.04 33.00 12.74
C SER F 304 4.26 33.79 12.27
N LEU F 305 4.24 34.20 11.00
CA LEU F 305 5.40 34.81 10.39
C LEU F 305 5.57 36.25 10.85
N ASP F 306 6.82 36.71 10.88
CA ASP F 306 7.16 38.07 11.26
C ASP F 306 6.95 39.01 10.08
N PHE F 307 7.21 40.30 10.32
CA PHE F 307 7.23 41.29 9.25
C PHE F 307 7.97 42.52 9.75
N GLY F 308 9.11 42.83 9.15
CA GLY F 308 9.95 43.91 9.62
C GLY F 308 10.08 45.01 8.58
N LEU F 309 10.43 46.21 9.07
CA LEU F 309 10.51 47.38 8.20
C LEU F 309 11.83 47.43 7.46
N THR F 310 12.94 47.57 8.20
CA THR F 310 14.24 47.69 7.56
C THR F 310 14.91 46.33 7.42
N GLY F 311 14.88 45.52 8.47
CA GLY F 311 15.35 44.16 8.40
C GLY F 311 14.40 43.23 9.14
N GLY F 312 13.82 42.29 8.42
CA GLY F 312 12.86 41.38 9.03
C GLY F 312 13.07 39.95 8.59
N VAL F 313 13.33 39.08 9.55
CA VAL F 313 13.52 37.66 9.27
C VAL F 313 12.20 36.95 9.52
N VAL F 314 11.88 35.99 8.65
CA VAL F 314 10.69 35.17 8.80
C VAL F 314 11.13 33.78 9.23
N LYS F 315 10.32 33.16 10.10
CA LYS F 315 10.62 31.88 10.69
C LYS F 315 9.53 30.88 10.32
N THR F 316 9.90 29.62 10.21
CA THR F 316 8.92 28.59 9.91
C THR F 316 8.94 27.44 10.90
N GLY F 317 10.11 27.03 11.38
CA GLY F 317 10.17 25.90 12.29
C GLY F 317 9.64 24.64 11.65
N THR F 318 9.33 23.66 12.50
CA THR F 318 8.77 22.40 12.04
C THR F 318 7.70 21.86 13.00
N PHE F 319 6.98 22.75 13.68
CA PHE F 319 6.15 22.36 14.79
C PHE F 319 5.01 21.44 14.37
N ASN F 320 4.73 20.43 15.19
CA ASN F 320 3.50 19.67 15.10
C ASN F 320 2.28 20.49 15.52
N GLN F 321 2.50 21.69 16.04
CA GLN F 321 1.42 22.63 16.27
C GLN F 321 0.72 23.01 14.98
N PHE F 322 1.37 22.83 13.83
CA PHE F 322 0.67 22.95 12.57
C PHE F 322 -0.15 21.70 12.28
N ILE F 323 0.08 20.63 13.01
CA ILE F 323 -0.75 19.43 12.90
C ILE F 323 -1.74 19.34 14.06
N ARG F 324 -1.27 19.55 15.28
CA ARG F 324 -2.10 19.60 16.48
C ARG F 324 -1.80 20.92 17.18
N GLY F 325 -2.68 21.91 16.99
CA GLY F 325 -2.45 23.24 17.52
C GLY F 325 -2.21 23.28 19.01
N GLY F 326 -0.97 23.56 19.41
CA GLY F 326 -0.64 23.54 20.82
C GLY F 326 -0.99 24.83 21.55
N ILE F 327 -1.04 24.72 22.86
CA ILE F 327 -1.16 25.86 23.76
C ILE F 327 0.13 25.96 24.55
N ALA F 328 0.57 27.19 24.81
CA ALA F 328 1.86 27.41 25.46
C ALA F 328 1.68 28.06 26.83
N PHE F 329 2.66 27.80 27.68
CA PHE F 329 2.73 28.33 29.04
C PHE F 329 3.49 29.65 29.09
N ALA F 330 3.48 30.25 30.27
CA ALA F 330 4.37 31.33 30.66
C ALA F 330 4.08 31.67 32.11
N THR F 331 5.11 32.10 32.82
CA THR F 331 4.96 32.65 34.16
C THR F 331 5.75 33.95 34.25
N PRO F 332 5.10 35.10 34.40
CA PRO F 332 5.85 36.35 34.42
C PRO F 332 6.76 36.43 35.64
N PRO F 333 7.81 37.23 35.58
CA PRO F 333 8.75 37.29 36.71
C PRO F 333 8.13 37.90 37.95
N GLY F 334 8.70 37.53 39.09
CA GLY F 334 8.27 38.07 40.37
C GLY F 334 8.92 37.36 41.53
N THR F 335 9.34 38.10 42.55
CA THR F 335 10.02 37.49 43.68
C THR F 335 9.03 36.83 44.64
N PRO F 336 7.90 37.46 45.00
CA PRO F 336 6.91 36.68 45.77
C PRO F 336 6.02 35.85 44.83
N LEU F 337 6.53 34.67 44.47
CA LEU F 337 5.87 33.81 43.50
C LEU F 337 4.42 33.56 43.89
N ALA F 338 3.53 33.64 42.90
CA ALA F 338 2.13 33.39 43.14
C ALA F 338 1.90 31.93 43.54
N PRO F 339 0.81 31.64 44.23
CA PRO F 339 0.56 30.25 44.65
C PRO F 339 0.33 29.34 43.46
N LYS F 340 0.48 28.04 43.70
CA LYS F 340 0.18 27.06 42.67
C LYS F 340 -1.30 27.05 42.36
N ALA F 341 -1.64 26.81 41.09
CA ALA F 341 -3.03 26.79 40.69
C ALA F 341 -3.74 25.55 41.23
N GLN F 342 -5.00 25.74 41.62
CA GLN F 342 -5.81 24.64 42.12
C GLN F 342 -6.48 23.92 40.95
N GLU F 343 -7.29 22.92 41.26
CA GLU F 343 -7.92 22.13 40.20
C GLU F 343 -8.84 22.99 39.35
N GLY F 344 -9.92 23.49 39.93
CA GLY F 344 -10.86 24.27 39.15
C GLY F 344 -10.42 25.70 38.98
N LYS F 345 -9.41 25.93 38.15
CA LYS F 345 -8.87 27.27 37.92
C LYS F 345 -9.09 27.65 36.47
N HIS F 346 -9.59 28.87 36.26
CA HIS F 346 -9.93 29.36 34.93
C HIS F 346 -8.94 30.43 34.52
N PHE F 347 -8.23 30.19 33.42
CA PHE F 347 -7.32 31.17 32.85
C PHE F 347 -7.99 31.83 31.64
N LEU F 348 -7.23 32.63 30.92
CA LEU F 348 -7.72 33.31 29.73
C LEU F 348 -6.67 33.21 28.63
N LEU F 349 -7.08 32.78 27.44
CA LEU F 349 -6.15 32.74 26.32
C LEU F 349 -5.78 34.14 25.91
N GLN F 350 -4.58 34.58 26.28
CA GLN F 350 -4.05 35.86 25.84
C GLN F 350 -3.44 35.65 24.47
N GLU F 351 -4.19 35.99 23.42
CA GLU F 351 -3.86 35.69 22.03
C GLU F 351 -2.59 36.38 21.55
N SER F 352 -1.94 37.19 22.38
CA SER F 352 -0.86 38.05 21.90
C SER F 352 0.52 37.40 21.92
N GLU F 353 0.67 36.24 22.59
CA GLU F 353 1.99 35.66 22.79
C GLU F 353 2.93 36.68 23.42
N PRO F 354 2.83 36.92 24.74
CA PRO F 354 3.59 38.00 25.38
C PRO F 354 5.01 38.17 24.84
N LYS F 355 5.30 39.36 24.31
CA LYS F 355 6.50 39.55 23.50
C LYS F 355 7.78 39.37 24.31
N GLU F 356 7.75 39.74 25.58
CA GLU F 356 8.93 39.66 26.43
C GLU F 356 9.05 38.32 27.14
N TRP F 357 8.46 37.27 26.56
CA TRP F 357 8.38 35.98 27.25
C TRP F 357 9.74 35.32 27.40
N ARG F 358 10.52 35.26 26.32
CA ARG F 358 11.67 34.37 26.30
C ARG F 358 12.77 34.76 27.28
N GLU F 359 12.89 36.04 27.62
CA GLU F 359 13.87 36.47 28.62
C GLU F 359 13.25 36.69 29.99
N TRP F 360 12.10 36.07 30.27
CA TRP F 360 11.51 36.20 31.60
C TRP F 360 12.35 35.46 32.63
N GLY F 361 12.61 34.18 32.40
CA GLY F 361 13.48 33.41 33.29
C GLY F 361 13.00 33.33 34.72
N THR F 362 11.70 33.13 34.92
CA THR F 362 11.17 32.98 36.26
C THR F 362 11.68 31.68 36.89
N ALA F 363 12.18 31.77 38.11
CA ALA F 363 12.67 30.59 38.82
C ALA F 363 11.50 29.89 39.49
N LEU F 364 11.20 28.67 39.04
CA LEU F 364 10.06 27.90 39.53
C LEU F 364 10.59 26.63 40.21
N PRO F 365 10.86 26.68 41.51
CA PRO F 365 11.36 25.49 42.20
C PRO F 365 10.29 24.43 42.34
N LYS F 366 10.73 23.22 42.65
CA LYS F 366 9.82 22.09 42.83
C LYS F 366 9.44 21.92 44.30
#